data_7OOA
#
_entry.id   7OOA
#
_cell.length_a   1.00
_cell.length_b   1.00
_cell.length_c   1.00
_cell.angle_alpha   90.00
_cell.angle_beta   90.00
_cell.angle_gamma   90.00
#
_symmetry.space_group_name_H-M   'P 1'
#
loop_
_entity.id
_entity.type
_entity.pdbx_description
1 polymer 'Mechanosensitive channel of small conductance (MscS)'
2 non-polymer 1,2-dioleoyl-sn-glycero-3-phosphoethanolamine
3 non-polymer 'Lauryl Maltose Neopentyl Glycol'
4 non-polymer DODECYL-BETA-D-MALTOSIDE
#
_entity_poly.entity_id   1
_entity_poly.type   'polypeptide(L)'
_entity_poly.pdbx_seq_one_letter_code
;MEDLNVVDSINGAGSWLVANQALLLSYAVNIVAALAIIIVGLIIARMISNAVNRLMISRKIDATVADFLSALVRYGIIAF
TLIAALGRVGVQTASVIAVLGAAGLAVGLALQGSLSNLAAGVLLVMFRPFRAGEYVDLGGVAGTVLSVQIFSTTMRTADG
KIIVIPNGKIIAGNIINFSREPVRRNEFIIGVAYDSDIDQVKQILTNIIQSEDRILKDREMTVRLNELGASSINFVVRVW
SNSGDLQNVYWDVLERIKREFDAAGISFPYPQMDVNFKRVKEDKAALEHHHHHH
;
_entity_poly.pdbx_strand_id   A,B,C,D,E,F,G
#
# COMPACT_ATOMS: atom_id res chain seq x y z
N ALA A 19 10.56 63.82 30.52
CA ALA A 19 11.90 64.39 30.65
C ALA A 19 12.78 63.98 29.48
N ASN A 20 12.99 62.68 29.34
CA ASN A 20 13.84 62.13 28.28
C ASN A 20 13.00 62.00 27.01
N GLN A 21 12.79 63.13 26.33
CA GLN A 21 12.02 63.14 25.10
C GLN A 21 12.78 62.58 23.91
N ALA A 22 14.09 62.40 24.03
CA ALA A 22 14.88 61.87 22.92
C ALA A 22 14.54 60.42 22.63
N LEU A 23 14.33 59.62 23.69
CA LEU A 23 14.06 58.20 23.49
C LEU A 23 12.73 57.96 22.79
N LEU A 24 11.69 58.70 23.20
CA LEU A 24 10.39 58.54 22.56
C LEU A 24 10.44 58.95 21.09
N LEU A 25 11.15 60.04 20.79
CA LEU A 25 11.32 60.44 19.40
C LEU A 25 12.08 59.38 18.62
N SER A 26 13.09 58.77 19.22
CA SER A 26 13.84 57.71 18.55
C SER A 26 12.93 56.52 18.27
N TYR A 27 12.09 56.13 19.22
CA TYR A 27 11.18 55.01 19.00
C TYR A 27 10.20 55.33 17.88
N ALA A 28 9.65 56.54 17.88
CA ALA A 28 8.72 56.93 16.82
C ALA A 28 9.40 56.93 15.46
N VAL A 29 10.62 57.45 15.38
CA VAL A 29 11.32 57.48 14.10
C VAL A 29 11.68 56.09 13.65
N ASN A 30 11.96 55.17 14.59
CA ASN A 30 12.22 53.78 14.21
C ASN A 30 10.96 53.13 13.64
N ILE A 31 9.81 53.39 14.25
CA ILE A 31 8.56 52.84 13.72
C ILE A 31 8.28 53.40 12.33
N VAL A 32 8.50 54.71 12.14
CA VAL A 32 8.28 55.33 10.84
C VAL A 32 9.23 54.75 9.80
N ALA A 33 10.49 54.54 10.19
CA ALA A 33 11.46 53.95 9.28
C ALA A 33 11.06 52.53 8.90
N ALA A 34 10.55 51.76 9.85
CA ALA A 34 10.08 50.41 9.55
C ALA A 34 8.93 50.43 8.56
N LEU A 35 7.98 51.34 8.76
CA LEU A 35 6.85 51.45 7.83
C LEU A 35 7.32 51.85 6.43
N ALA A 36 8.25 52.80 6.36
CA ALA A 36 8.80 53.21 5.06
C ALA A 36 9.52 52.05 4.39
N ILE A 37 10.28 51.27 5.16
CA ILE A 37 10.96 50.11 4.60
C ILE A 37 9.96 49.11 4.07
N ILE A 38 8.86 48.89 4.82
CA ILE A 38 7.84 47.94 4.37
C ILE A 38 7.25 48.40 3.04
N ILE A 39 6.89 49.68 2.94
CA ILE A 39 6.26 50.19 1.72
C ILE A 39 7.23 50.08 0.54
N VAL A 40 8.45 50.55 0.73
CA VAL A 40 9.43 50.55 -0.35
C VAL A 40 9.74 49.13 -0.78
N GLY A 41 9.86 48.21 0.18
CA GLY A 41 10.14 46.83 -0.16
C GLY A 41 9.01 46.16 -0.91
N LEU A 42 7.76 46.45 -0.53
CA LEU A 42 6.64 45.90 -1.29
C LEU A 42 6.63 46.42 -2.72
N ILE A 43 6.89 47.72 -2.90
CA ILE A 43 6.91 48.28 -4.25
C ILE A 43 8.04 47.66 -5.08
N ILE A 44 9.22 47.54 -4.48
CA ILE A 44 10.36 46.97 -5.19
C ILE A 44 10.11 45.51 -5.53
N ALA A 45 9.52 44.76 -4.61
CA ALA A 45 9.19 43.36 -4.87
C ALA A 45 8.23 43.24 -6.04
N ARG A 46 7.18 44.07 -6.06
CA ARG A 46 6.24 44.02 -7.17
C ARG A 46 6.94 44.33 -8.49
N MET A 47 7.75 45.39 -8.51
CA MET A 47 8.40 45.79 -9.76
C MET A 47 9.36 44.71 -10.26
N ILE A 48 10.19 44.16 -9.37
CA ILE A 48 11.17 43.16 -9.79
C ILE A 48 10.48 41.87 -10.21
N SER A 49 9.44 41.46 -9.48
CA SER A 49 8.71 40.26 -9.86
C SER A 49 8.05 40.43 -11.22
N ASN A 50 7.46 41.58 -11.49
CA ASN A 50 6.85 41.82 -12.79
C ASN A 50 7.90 41.83 -13.89
N ALA A 51 9.06 42.44 -13.64
CA ALA A 51 10.12 42.45 -14.66
C ALA A 51 10.61 41.04 -14.95
N VAL A 52 10.81 40.23 -13.91
CA VAL A 52 11.26 38.85 -14.10
C VAL A 52 10.20 38.05 -14.84
N ASN A 53 8.93 38.25 -14.51
CA ASN A 53 7.86 37.54 -15.20
C ASN A 53 7.82 37.90 -16.68
N ARG A 54 7.94 39.19 -17.01
CA ARG A 54 7.95 39.60 -18.41
C ARG A 54 9.17 39.04 -19.13
N LEU A 55 10.32 39.02 -18.46
CA LEU A 55 11.52 38.45 -19.07
C LEU A 55 11.35 36.97 -19.37
N MET A 56 10.77 36.22 -18.44
CA MET A 56 10.58 34.79 -18.66
C MET A 56 9.53 34.53 -19.73
N ILE A 57 8.47 35.34 -19.77
CA ILE A 57 7.46 35.18 -20.81
C ILE A 57 8.06 35.47 -22.19
N SER A 58 8.88 36.51 -22.28
CA SER A 58 9.50 36.85 -23.56
C SER A 58 10.45 35.76 -24.05
N ARG A 59 10.93 34.89 -23.16
CA ARG A 59 11.77 33.77 -23.53
C ARG A 59 10.96 32.51 -23.83
N LYS A 60 9.65 32.67 -24.09
CA LYS A 60 8.76 31.57 -24.46
C LYS A 60 8.63 30.51 -23.38
N ILE A 61 8.99 30.84 -22.14
CA ILE A 61 8.82 29.91 -21.03
C ILE A 61 7.33 29.84 -20.69
N ASP A 62 6.90 28.68 -20.21
CA ASP A 62 5.49 28.46 -19.92
C ASP A 62 4.98 29.47 -18.90
N ALA A 63 3.73 29.89 -19.10
CA ALA A 63 3.16 30.94 -18.25
C ALA A 63 3.07 30.50 -16.80
N THR A 64 2.69 29.24 -16.56
CA THR A 64 2.57 28.75 -15.19
C THR A 64 3.91 28.72 -14.49
N VAL A 65 4.95 28.25 -15.18
CA VAL A 65 6.29 28.22 -14.58
C VAL A 65 6.77 29.64 -14.29
N ALA A 66 6.53 30.56 -15.22
CA ALA A 66 6.93 31.95 -15.01
C ALA A 66 6.20 32.55 -13.81
N ASP A 67 4.91 32.26 -13.68
CA ASP A 67 4.16 32.77 -12.54
C ASP A 67 4.69 32.21 -11.24
N PHE A 68 4.99 30.91 -11.20
CA PHE A 68 5.51 30.29 -9.99
C PHE A 68 6.84 30.91 -9.59
N LEU A 69 7.76 31.07 -10.55
CA LEU A 69 9.08 31.62 -10.25
C LEU A 69 8.98 33.09 -9.83
N SER A 70 8.10 33.85 -10.49
CA SER A 70 7.92 35.25 -10.13
C SER A 70 7.32 35.39 -8.73
N ALA A 71 6.39 34.51 -8.38
CA ALA A 71 5.85 34.51 -7.02
C ALA A 71 6.95 34.22 -6.01
N LEU A 72 7.83 33.26 -6.32
CA LEU A 72 8.95 32.97 -5.42
C LEU A 72 9.84 34.20 -5.26
N VAL A 73 10.15 34.88 -6.36
CA VAL A 73 11.01 36.07 -6.30
C VAL A 73 10.35 37.16 -5.46
N ARG A 74 9.06 37.40 -5.69
CA ARG A 74 8.35 38.45 -4.97
C ARG A 74 8.30 38.15 -3.48
N TYR A 75 8.00 36.91 -3.11
CA TYR A 75 7.93 36.58 -1.69
C TYR A 75 9.30 36.58 -1.04
N GLY A 76 10.36 36.26 -1.79
CA GLY A 76 11.70 36.39 -1.24
C GLY A 76 12.08 37.83 -0.95
N ILE A 77 11.75 38.73 -1.88
CA ILE A 77 12.04 40.15 -1.64
C ILE A 77 11.20 40.68 -0.49
N ILE A 78 9.95 40.22 -0.38
CA ILE A 78 9.11 40.62 0.74
C ILE A 78 9.68 40.10 2.05
N ALA A 79 10.24 38.89 2.04
CA ALA A 79 10.88 38.36 3.23
C ALA A 79 12.09 39.20 3.64
N PHE A 80 12.90 39.61 2.65
CA PHE A 80 14.02 40.50 2.96
C PHE A 80 13.53 41.80 3.59
N THR A 81 12.47 42.38 3.02
CA THR A 81 11.91 43.62 3.54
C THR A 81 11.40 43.45 4.95
N LEU A 82 10.71 42.34 5.22
CA LEU A 82 10.20 42.09 6.57
C LEU A 82 11.33 41.94 7.57
N ILE A 83 12.40 41.23 7.18
CA ILE A 83 13.54 41.08 8.07
C ILE A 83 14.15 42.44 8.39
N ALA A 84 14.31 43.29 7.36
CA ALA A 84 14.88 44.62 7.58
C ALA A 84 14.02 45.46 8.51
N ALA A 85 12.71 45.49 8.25
CA ALA A 85 11.82 46.33 9.05
C ALA A 85 11.74 45.84 10.50
N LEU A 86 11.61 44.52 10.69
CA LEU A 86 11.52 44.00 12.05
C LEU A 86 12.83 44.17 12.80
N GLY A 87 13.97 44.09 12.10
CA GLY A 87 15.22 44.47 12.73
C GLY A 87 15.26 45.93 13.10
N ARG A 88 14.62 46.77 12.29
CA ARG A 88 14.52 48.19 12.63
C ARG A 88 13.73 48.40 13.93
N VAL A 89 12.65 47.64 14.12
CA VAL A 89 11.85 47.82 15.33
C VAL A 89 12.34 46.92 16.46
N GLY A 90 13.52 46.31 16.28
CA GLY A 90 14.19 45.62 17.36
C GLY A 90 14.06 44.11 17.35
N VAL A 91 13.31 43.52 16.42
CA VAL A 91 13.21 42.07 16.34
C VAL A 91 14.47 41.52 15.68
N GLN A 92 15.08 40.51 16.31
CA GLN A 92 16.33 39.98 15.81
C GLN A 92 16.12 39.23 14.49
N THR A 93 17.20 39.13 13.71
CA THR A 93 17.13 38.46 12.41
C THR A 93 16.77 36.99 12.57
N ALA A 94 17.35 36.32 13.57
CA ALA A 94 17.06 34.90 13.77
C ALA A 94 15.59 34.68 14.11
N SER A 95 15.01 35.56 14.92
CA SER A 95 13.60 35.42 15.27
C SER A 95 12.71 35.54 14.04
N VAL A 96 12.98 36.54 13.19
CA VAL A 96 12.20 36.73 11.98
C VAL A 96 12.37 35.54 11.05
N ILE A 97 13.59 35.04 10.91
CA ILE A 97 13.83 33.90 10.04
C ILE A 97 13.07 32.68 10.55
N ALA A 98 13.10 32.43 11.85
CA ALA A 98 12.40 31.28 12.40
C ALA A 98 10.89 31.39 12.24
N VAL A 99 10.33 32.57 12.51
CA VAL A 99 8.89 32.73 12.39
C VAL A 99 8.45 32.62 10.93
N LEU A 100 9.19 33.24 10.02
CA LEU A 100 8.87 33.12 8.60
C LEU A 100 9.03 31.69 8.11
N GLY A 101 10.02 30.97 8.64
CA GLY A 101 10.16 29.57 8.28
C GLY A 101 9.00 28.72 8.77
N ALA A 102 8.53 28.98 9.99
CA ALA A 102 7.36 28.24 10.48
C ALA A 102 6.13 28.55 9.64
N ALA A 103 5.91 29.82 9.31
CA ALA A 103 4.76 30.18 8.48
C ALA A 103 4.86 29.56 7.09
N GLY A 104 6.05 29.61 6.49
CA GLY A 104 6.25 29.00 5.19
C GLY A 104 6.08 27.49 5.21
N LEU A 105 6.52 26.84 6.30
CA LEU A 105 6.32 25.41 6.43
C LEU A 105 4.83 25.07 6.53
N ALA A 106 4.07 25.87 7.28
CA ALA A 106 2.63 25.64 7.36
C ALA A 106 1.97 25.83 6.00
N VAL A 107 2.33 26.89 5.29
CA VAL A 107 1.74 27.14 3.97
C VAL A 107 2.13 26.03 2.99
N GLY A 108 3.38 25.57 3.07
CA GLY A 108 3.82 24.49 2.20
C GLY A 108 3.12 23.18 2.49
N LEU A 109 2.87 22.89 3.77
CA LEU A 109 2.09 21.72 4.11
C LEU A 109 0.68 21.83 3.56
N ALA A 110 0.11 23.03 3.62
CA ALA A 110 -1.23 23.22 3.06
C ALA A 110 -1.24 23.06 1.54
N LEU A 111 -0.17 23.49 0.87
CA LEU A 111 -0.17 23.59 -0.59
C LEU A 111 0.65 22.50 -1.27
N GLN A 112 1.10 21.48 -0.54
CA GLN A 112 1.94 20.44 -1.15
C GLN A 112 1.22 19.72 -2.28
N GLY A 113 0.00 19.26 -2.04
CA GLY A 113 -0.73 18.54 -3.06
C GLY A 113 -1.05 19.41 -4.26
N SER A 114 -1.42 20.67 -4.00
CA SER A 114 -1.69 21.60 -5.09
C SER A 114 -0.44 21.85 -5.93
N LEU A 115 0.73 21.96 -5.28
CA LEU A 115 1.97 22.14 -6.01
C LEU A 115 2.30 20.93 -6.86
N SER A 116 2.08 19.72 -6.32
CA SER A 116 2.30 18.51 -7.09
C SER A 116 1.40 18.46 -8.31
N ASN A 117 0.11 18.78 -8.13
CA ASN A 117 -0.81 18.81 -9.25
C ASN A 117 -0.45 19.88 -10.27
N LEU A 118 0.03 21.04 -9.80
CA LEU A 118 0.43 22.11 -10.70
C LEU A 118 1.60 21.69 -11.57
N ALA A 119 2.63 21.10 -10.96
CA ALA A 119 3.77 20.61 -11.73
C ALA A 119 3.35 19.52 -12.71
N ALA A 120 2.47 18.62 -12.27
CA ALA A 120 2.00 17.56 -13.15
C ALA A 120 1.22 18.10 -14.32
N GLY A 121 0.38 19.13 -14.10
CA GLY A 121 -0.35 19.72 -15.19
C GLY A 121 0.56 20.43 -16.18
N VAL A 122 1.59 21.10 -15.66
CA VAL A 122 2.58 21.72 -16.55
C VAL A 122 3.24 20.67 -17.42
N LEU A 123 3.63 19.54 -16.82
CA LEU A 123 4.25 18.46 -17.58
C LEU A 123 3.29 17.87 -18.60
N LEU A 124 2.02 17.71 -18.23
CA LEU A 124 1.03 17.16 -19.16
C LEU A 124 0.85 18.07 -20.36
N VAL A 125 0.76 19.38 -20.13
CA VAL A 125 0.60 20.30 -21.24
C VAL A 125 1.88 20.35 -22.09
N MET A 126 3.04 20.26 -21.45
CA MET A 126 4.30 20.39 -22.18
C MET A 126 4.56 19.18 -23.07
N PHE A 127 4.39 17.97 -22.54
CA PHE A 127 4.75 16.77 -23.29
C PHE A 127 3.59 16.15 -24.03
N ARG A 128 2.36 16.48 -23.67
CA ARG A 128 1.16 16.04 -24.38
C ARG A 128 1.08 14.53 -24.59
N PRO A 129 1.08 13.74 -23.51
CA PRO A 129 0.77 12.31 -23.68
C PRO A 129 -0.63 12.10 -24.22
N PHE A 130 -1.56 12.99 -23.89
CA PHE A 130 -2.88 13.02 -24.48
C PHE A 130 -3.26 14.48 -24.70
N ARG A 131 -4.25 14.69 -25.55
CA ARG A 131 -4.75 16.03 -25.81
C ARG A 131 -6.27 15.99 -25.76
N ALA A 132 -6.88 17.17 -25.77
CA ALA A 132 -8.33 17.27 -25.75
C ALA A 132 -8.93 16.59 -26.97
N GLY A 133 -9.94 15.76 -26.74
CA GLY A 133 -10.61 15.03 -27.79
C GLY A 133 -10.17 13.60 -27.94
N GLU A 134 -9.07 13.21 -27.31
CA GLU A 134 -8.56 11.85 -27.42
C GLU A 134 -9.15 10.97 -26.32
N TYR A 135 -9.43 9.72 -26.67
CA TYR A 135 -9.95 8.75 -25.73
C TYR A 135 -8.79 8.05 -25.04
N VAL A 136 -8.72 8.14 -23.71
CA VAL A 136 -7.61 7.61 -22.95
C VAL A 136 -8.13 6.80 -21.78
N ASP A 137 -7.25 5.98 -21.22
CA ASP A 137 -7.51 5.22 -20.00
C ASP A 137 -6.47 5.64 -18.98
N LEU A 138 -6.90 6.36 -17.94
CA LEU A 138 -6.00 6.92 -16.94
C LEU A 138 -6.18 6.16 -15.63
N GLY A 139 -5.45 5.06 -15.50
CA GLY A 139 -5.46 4.29 -14.27
C GLY A 139 -6.80 3.66 -13.92
N GLY A 140 -7.47 3.06 -14.88
CA GLY A 140 -8.71 2.34 -14.66
C GLY A 140 -9.96 3.05 -15.10
N VAL A 141 -9.90 4.36 -15.34
CA VAL A 141 -11.04 5.12 -15.84
C VAL A 141 -10.74 5.55 -17.27
N ALA A 142 -11.71 5.34 -18.16
CA ALA A 142 -11.55 5.64 -19.57
C ALA A 142 -12.59 6.66 -20.02
N GLY A 143 -12.18 7.56 -20.90
CA GLY A 143 -13.10 8.57 -21.41
C GLY A 143 -12.37 9.51 -22.35
N THR A 144 -13.14 10.43 -22.91
CA THR A 144 -12.63 11.43 -23.83
C THR A 144 -12.14 12.64 -23.04
N VAL A 145 -10.90 13.04 -23.26
CA VAL A 145 -10.33 14.16 -22.53
C VAL A 145 -11.02 15.45 -22.95
N LEU A 146 -11.48 16.22 -21.97
CA LEU A 146 -12.10 17.51 -22.23
C LEU A 146 -11.10 18.65 -22.11
N SER A 147 -10.35 18.69 -21.00
CA SER A 147 -9.36 19.74 -20.80
C SER A 147 -8.44 19.34 -19.67
N VAL A 148 -7.21 19.83 -19.73
CA VAL A 148 -6.25 19.70 -18.64
C VAL A 148 -6.20 21.05 -17.94
N GLN A 149 -6.74 21.11 -16.72
CA GLN A 149 -6.80 22.36 -15.98
C GLN A 149 -5.54 22.50 -15.12
N ILE A 150 -5.55 23.49 -14.23
CA ILE A 150 -4.36 23.82 -13.47
C ILE A 150 -4.02 22.71 -12.48
N PHE A 151 -5.04 22.11 -11.86
CA PHE A 151 -4.84 21.09 -10.84
C PHE A 151 -5.40 19.73 -11.20
N SER A 152 -6.27 19.63 -12.21
CA SER A 152 -6.89 18.36 -12.53
C SER A 152 -7.30 18.34 -14.00
N THR A 153 -7.57 17.14 -14.51
CA THR A 153 -7.99 16.93 -15.88
C THR A 153 -9.41 16.38 -15.88
N THR A 154 -10.25 16.90 -16.77
CA THR A 154 -11.64 16.49 -16.89
C THR A 154 -11.82 15.62 -18.13
N MET A 155 -12.50 14.49 -17.97
CA MET A 155 -12.82 13.61 -19.08
C MET A 155 -14.29 13.23 -19.01
N ARG A 156 -14.87 12.97 -20.18
CA ARG A 156 -16.24 12.50 -20.29
C ARG A 156 -16.24 11.06 -20.77
N THR A 157 -16.94 10.20 -20.04
CA THR A 157 -16.97 8.78 -20.38
C THR A 157 -17.90 8.53 -21.56
N ALA A 158 -17.93 7.28 -22.03
CA ALA A 158 -18.74 6.94 -23.18
C ALA A 158 -20.24 7.08 -22.88
N ASP A 159 -20.64 6.89 -21.64
CA ASP A 159 -22.05 7.00 -21.26
C ASP A 159 -22.43 8.38 -20.72
N GLY A 160 -21.51 9.34 -20.75
CA GLY A 160 -21.84 10.71 -20.41
C GLY A 160 -21.42 11.17 -19.04
N LYS A 161 -20.76 10.32 -18.24
CA LYS A 161 -20.28 10.76 -16.94
C LYS A 161 -19.09 11.70 -17.10
N ILE A 162 -18.90 12.56 -16.10
CA ILE A 162 -17.77 13.47 -16.04
C ILE A 162 -16.85 12.99 -14.92
N ILE A 163 -15.59 12.75 -15.24
CA ILE A 163 -14.60 12.30 -14.27
C ILE A 163 -13.51 13.35 -14.16
N VAL A 164 -13.23 13.77 -12.94
CA VAL A 164 -12.17 14.73 -12.65
C VAL A 164 -11.05 13.98 -11.95
N ILE A 165 -9.85 14.04 -12.53
CA ILE A 165 -8.69 13.30 -12.05
C ILE A 165 -7.59 14.31 -11.75
N PRO A 166 -6.99 14.30 -10.56
CA PRO A 166 -5.86 15.20 -10.30
C PRO A 166 -4.68 14.88 -11.21
N ASN A 167 -3.95 15.93 -11.57
CA ASN A 167 -2.86 15.79 -12.55
C ASN A 167 -1.75 14.90 -12.04
N GLY A 168 -1.39 15.03 -10.75
CA GLY A 168 -0.32 14.21 -10.20
C GLY A 168 -0.62 12.74 -10.27
N LYS A 169 -1.87 12.36 -9.98
CA LYS A 169 -2.29 10.97 -10.13
C LYS A 169 -2.16 10.50 -11.57
N ILE A 170 -2.42 11.39 -12.53
CA ILE A 170 -2.32 11.01 -13.93
C ILE A 170 -0.87 10.76 -14.33
N ILE A 171 0.03 11.67 -13.96
CA ILE A 171 1.42 11.52 -14.39
C ILE A 171 2.12 10.42 -13.61
N ALA A 172 1.63 10.10 -12.41
CA ALA A 172 2.28 9.05 -11.63
C ALA A 172 2.01 7.66 -12.17
N GLY A 173 0.99 7.49 -13.01
CA GLY A 173 0.59 6.18 -13.50
C GLY A 173 0.67 6.08 -15.01
N ASN A 174 0.25 4.92 -15.50
CA ASN A 174 0.25 4.65 -16.93
C ASN A 174 -0.82 5.46 -17.64
N ILE A 175 -0.49 5.93 -18.84
CA ILE A 175 -1.42 6.65 -19.70
C ILE A 175 -1.61 5.81 -20.95
N ILE A 176 -2.81 5.27 -21.13
CA ILE A 176 -3.15 4.48 -22.30
C ILE A 176 -3.95 5.35 -23.24
N ASN A 177 -3.41 5.59 -24.44
CA ASN A 177 -4.04 6.47 -25.40
C ASN A 177 -4.65 5.63 -26.52
N PHE A 178 -5.97 5.69 -26.66
CA PHE A 178 -6.67 4.91 -27.67
C PHE A 178 -6.70 5.61 -29.03
N SER A 179 -6.49 6.92 -29.07
CA SER A 179 -6.68 7.70 -30.29
C SER A 179 -5.39 8.15 -30.94
N ARG A 180 -4.23 7.88 -30.34
CA ARG A 180 -2.98 8.41 -30.88
C ARG A 180 -2.62 7.75 -32.21
N GLU A 181 -2.72 6.42 -32.29
CA GLU A 181 -2.38 5.74 -33.54
C GLU A 181 -3.54 5.82 -34.52
N PRO A 182 -3.29 6.13 -35.79
CA PRO A 182 -4.40 6.21 -36.75
C PRO A 182 -4.99 4.86 -37.13
N VAL A 183 -4.28 3.77 -36.87
CA VAL A 183 -4.71 2.43 -37.26
C VAL A 183 -4.70 1.53 -36.02
N ARG A 184 -5.77 0.77 -35.83
CA ARG A 184 -5.89 -0.14 -34.71
C ARG A 184 -6.41 -1.48 -35.19
N ARG A 185 -6.34 -2.49 -34.31
CA ARG A 185 -6.61 -3.87 -34.67
C ARG A 185 -7.87 -4.39 -33.97
N ASN A 186 -8.67 -5.14 -34.73
CA ASN A 186 -9.81 -5.88 -34.20
C ASN A 186 -9.43 -7.35 -34.02
N GLU A 187 -10.02 -7.97 -33.01
CA GLU A 187 -9.80 -9.39 -32.74
C GLU A 187 -11.14 -10.09 -32.58
N PHE A 188 -11.31 -11.19 -33.31
CA PHE A 188 -12.52 -11.99 -33.26
C PHE A 188 -12.16 -13.39 -32.74
N ILE A 189 -12.93 -13.87 -31.78
CA ILE A 189 -12.79 -15.22 -31.26
C ILE A 189 -14.08 -15.94 -31.59
N ILE A 190 -14.02 -16.83 -32.58
CA ILE A 190 -15.20 -17.55 -33.05
C ILE A 190 -15.06 -19.00 -32.63
N GLY A 191 -16.04 -19.50 -31.88
CA GLY A 191 -16.06 -20.88 -31.45
C GLY A 191 -17.06 -21.68 -32.26
N VAL A 192 -16.56 -22.71 -32.94
CA VAL A 192 -17.38 -23.57 -33.77
C VAL A 192 -17.30 -24.98 -33.24
N ALA A 193 -18.22 -25.82 -33.70
CA ALA A 193 -18.27 -27.21 -33.25
C ALA A 193 -17.02 -27.97 -33.68
N TYR A 194 -16.70 -29.02 -32.92
CA TYR A 194 -15.48 -29.79 -33.19
C TYR A 194 -15.54 -30.49 -34.55
N ASP A 195 -16.72 -30.92 -34.97
CA ASP A 195 -16.83 -31.64 -36.23
C ASP A 195 -16.84 -30.71 -37.45
N SER A 196 -16.70 -29.40 -37.24
CA SER A 196 -16.64 -28.47 -38.35
C SER A 196 -15.34 -28.66 -39.14
N ASP A 197 -15.44 -28.45 -40.45
CA ASP A 197 -14.27 -28.53 -41.31
C ASP A 197 -13.40 -27.29 -41.11
N ILE A 198 -12.13 -27.51 -40.78
CA ILE A 198 -11.23 -26.40 -40.49
C ILE A 198 -11.00 -25.54 -41.72
N ASP A 199 -10.78 -26.18 -42.87
CA ASP A 199 -10.50 -25.44 -44.10
C ASP A 199 -11.69 -24.60 -44.53
N GLN A 200 -12.90 -25.13 -44.39
CA GLN A 200 -14.09 -24.36 -44.75
C GLN A 200 -14.24 -23.13 -43.86
N VAL A 201 -14.03 -23.29 -42.55
CA VAL A 201 -14.10 -22.16 -41.64
C VAL A 201 -13.06 -21.11 -42.01
N LYS A 202 -11.83 -21.57 -42.26
CA LYS A 202 -10.76 -20.64 -42.61
C LYS A 202 -11.09 -19.87 -43.89
N GLN A 203 -11.57 -20.58 -44.90
CA GLN A 203 -11.84 -19.91 -46.18
C GLN A 203 -13.03 -18.97 -46.10
N ILE A 204 -14.07 -19.34 -45.32
CA ILE A 204 -15.20 -18.44 -45.16
C ILE A 204 -14.78 -17.16 -44.44
N LEU A 205 -14.01 -17.30 -43.35
CA LEU A 205 -13.55 -16.12 -42.63
C LEU A 205 -12.63 -15.27 -43.50
N THR A 206 -11.77 -15.92 -44.29
CA THR A 206 -10.87 -15.19 -45.19
C THR A 206 -11.66 -14.44 -46.25
N ASN A 207 -12.70 -15.06 -46.80
CA ASN A 207 -13.53 -14.35 -47.77
C ASN A 207 -14.23 -13.16 -47.13
N ILE A 208 -14.73 -13.34 -45.90
CA ILE A 208 -15.41 -12.24 -45.22
C ILE A 208 -14.47 -11.07 -45.01
N ILE A 209 -13.24 -11.34 -44.55
CA ILE A 209 -12.32 -10.24 -44.27
C ILE A 209 -11.69 -9.67 -45.55
N GLN A 210 -11.64 -10.44 -46.63
CA GLN A 210 -11.14 -9.90 -47.89
C GLN A 210 -12.19 -9.02 -48.57
N SER A 211 -13.47 -9.38 -48.44
CA SER A 211 -14.53 -8.60 -49.07
C SER A 211 -14.84 -7.31 -48.31
N GLU A 212 -14.23 -7.10 -47.15
CA GLU A 212 -14.44 -5.88 -46.38
C GLU A 212 -13.40 -4.84 -46.81
N ASP A 213 -13.87 -3.71 -47.33
CA ASP A 213 -12.96 -2.69 -47.84
C ASP A 213 -12.27 -1.90 -46.74
N ARG A 214 -12.91 -1.76 -45.58
CA ARG A 214 -12.32 -0.97 -44.50
C ARG A 214 -11.22 -1.71 -43.76
N ILE A 215 -11.01 -3.00 -44.05
CA ILE A 215 -9.91 -3.75 -43.46
C ILE A 215 -8.66 -3.54 -44.32
N LEU A 216 -7.58 -3.12 -43.69
CA LEU A 216 -6.35 -2.81 -44.42
C LEU A 216 -5.69 -4.09 -44.89
N LYS A 217 -5.60 -4.27 -46.21
CA LYS A 217 -5.06 -5.49 -46.78
C LYS A 217 -3.53 -5.55 -46.70
N ASP A 218 -2.87 -4.43 -46.44
CA ASP A 218 -1.42 -4.42 -46.28
C ASP A 218 -0.98 -4.71 -44.85
N ARG A 219 -1.92 -4.94 -43.94
CA ARG A 219 -1.61 -5.27 -42.57
C ARG A 219 -1.81 -6.76 -42.32
N GLU A 220 -1.69 -7.16 -41.04
CA GLU A 220 -1.93 -8.53 -40.66
C GLU A 220 -3.40 -8.90 -40.86
N MET A 221 -3.63 -10.11 -41.39
CA MET A 221 -4.96 -10.63 -41.67
C MET A 221 -5.07 -12.05 -41.16
N THR A 222 -4.68 -12.26 -39.90
CA THR A 222 -4.59 -13.58 -39.32
C THR A 222 -5.96 -14.25 -39.23
N VAL A 223 -6.06 -15.47 -39.74
CA VAL A 223 -7.22 -16.34 -39.54
C VAL A 223 -6.67 -17.72 -39.23
N ARG A 224 -6.57 -18.06 -37.94
CA ARG A 224 -5.96 -19.31 -37.52
C ARG A 224 -6.82 -19.99 -36.47
N LEU A 225 -6.70 -21.30 -36.38
CA LEU A 225 -7.26 -22.04 -35.26
C LEU A 225 -6.40 -21.80 -34.03
N ASN A 226 -7.03 -21.33 -32.96
CA ASN A 226 -6.29 -20.80 -31.82
C ASN A 226 -6.36 -21.67 -30.58
N GLU A 227 -7.48 -22.35 -30.34
CA GLU A 227 -7.66 -23.05 -29.08
C GLU A 227 -8.61 -24.21 -29.27
N LEU A 228 -8.34 -25.31 -28.56
CA LEU A 228 -9.26 -26.45 -28.46
C LEU A 228 -9.99 -26.31 -27.13
N GLY A 229 -11.15 -25.65 -27.16
CA GLY A 229 -11.89 -25.37 -25.94
C GLY A 229 -12.67 -26.57 -25.44
N ALA A 230 -13.39 -26.34 -24.35
CA ALA A 230 -14.16 -27.42 -23.72
C ALA A 230 -15.29 -27.90 -24.63
N SER A 231 -16.01 -26.98 -25.25
CA SER A 231 -17.15 -27.33 -26.09
C SER A 231 -16.99 -26.90 -27.54
N SER A 232 -15.92 -26.19 -27.88
CA SER A 232 -15.78 -25.65 -29.22
C SER A 232 -14.30 -25.49 -29.54
N ILE A 233 -14.00 -25.40 -30.83
CA ILE A 233 -12.68 -25.04 -31.31
C ILE A 233 -12.71 -23.57 -31.70
N ASN A 234 -11.79 -22.79 -31.15
CA ASN A 234 -11.83 -21.34 -31.28
C ASN A 234 -10.88 -20.88 -32.38
N PHE A 235 -11.39 -20.07 -33.29
CA PHE A 235 -10.59 -19.44 -34.33
C PHE A 235 -10.38 -17.98 -33.99
N VAL A 236 -9.17 -17.48 -34.23
CA VAL A 236 -8.82 -16.10 -33.96
C VAL A 236 -8.70 -15.37 -35.30
N VAL A 237 -9.34 -14.21 -35.40
CA VAL A 237 -9.26 -13.36 -36.58
C VAL A 237 -8.78 -12.00 -36.12
N ARG A 238 -7.63 -11.56 -36.64
CA ARG A 238 -7.05 -10.27 -36.29
C ARG A 238 -6.87 -9.46 -37.57
N VAL A 239 -7.57 -8.34 -37.66
CA VAL A 239 -7.51 -7.46 -38.82
C VAL A 239 -7.36 -6.02 -38.34
N TRP A 240 -6.75 -5.19 -39.19
CA TRP A 240 -6.49 -3.80 -38.87
C TRP A 240 -7.40 -2.88 -39.67
N SER A 241 -7.71 -1.73 -39.09
CA SER A 241 -8.56 -0.73 -39.72
C SER A 241 -8.21 0.63 -39.16
N ASN A 242 -8.66 1.68 -39.85
CA ASN A 242 -8.52 3.02 -39.33
C ASN A 242 -9.32 3.16 -38.05
N SER A 243 -8.83 4.03 -37.15
CA SER A 243 -9.43 4.14 -35.82
C SER A 243 -10.90 4.51 -35.89
N GLY A 244 -11.31 5.29 -36.89
CA GLY A 244 -12.70 5.69 -37.02
C GLY A 244 -13.61 4.62 -37.59
N ASP A 245 -13.06 3.48 -38.01
CA ASP A 245 -13.86 2.41 -38.59
C ASP A 245 -13.83 1.13 -37.76
N LEU A 246 -13.13 1.12 -36.62
CA LEU A 246 -12.87 -0.13 -35.92
C LEU A 246 -14.16 -0.79 -35.42
N GLN A 247 -15.01 -0.02 -34.73
CA GLN A 247 -16.22 -0.59 -34.15
C GLN A 247 -17.21 -1.02 -35.23
N ASN A 248 -17.37 -0.20 -36.27
CA ASN A 248 -18.25 -0.56 -37.37
C ASN A 248 -17.76 -1.82 -38.09
N VAL A 249 -16.45 -1.93 -38.29
CA VAL A 249 -15.89 -3.13 -38.90
C VAL A 249 -16.16 -4.35 -38.03
N TYR A 250 -15.97 -4.21 -36.71
CA TYR A 250 -16.23 -5.32 -35.81
C TYR A 250 -17.68 -5.78 -35.93
N TRP A 251 -18.62 -4.84 -35.88
CA TRP A 251 -20.03 -5.20 -35.93
C TRP A 251 -20.40 -5.85 -37.27
N ASP A 252 -19.94 -5.25 -38.38
CA ASP A 252 -20.27 -5.79 -39.68
C ASP A 252 -19.68 -7.17 -39.90
N VAL A 253 -18.42 -7.36 -39.50
CA VAL A 253 -17.78 -8.65 -39.67
C VAL A 253 -18.44 -9.71 -38.80
N LEU A 254 -18.83 -9.34 -37.57
CA LEU A 254 -19.51 -10.31 -36.72
C LEU A 254 -20.84 -10.74 -37.31
N GLU A 255 -21.62 -9.77 -37.81
CA GLU A 255 -22.91 -10.12 -38.42
C GLU A 255 -22.73 -10.98 -39.65
N ARG A 256 -21.73 -10.66 -40.48
CA ARG A 256 -21.47 -11.47 -41.67
C ARG A 256 -21.01 -12.87 -41.29
N ILE A 257 -20.19 -13.00 -40.24
CA ILE A 257 -19.76 -14.31 -39.78
C ILE A 257 -20.96 -15.14 -39.36
N LYS A 258 -21.86 -14.54 -38.59
CA LYS A 258 -23.06 -15.24 -38.16
C LYS A 258 -23.88 -15.71 -39.36
N ARG A 259 -24.16 -14.78 -40.29
CA ARG A 259 -25.01 -15.12 -41.43
C ARG A 259 -24.38 -16.21 -42.30
N GLU A 260 -23.09 -16.08 -42.59
CA GLU A 260 -22.45 -17.03 -43.50
C GLU A 260 -22.22 -18.38 -42.85
N PHE A 261 -21.96 -18.41 -41.54
CA PHE A 261 -21.86 -19.70 -40.85
C PHE A 261 -23.22 -20.38 -40.80
N ASP A 262 -24.29 -19.61 -40.60
CA ASP A 262 -25.62 -20.21 -40.66
C ASP A 262 -25.93 -20.74 -42.06
N ALA A 263 -25.54 -20.00 -43.09
CA ALA A 263 -25.82 -20.43 -44.46
C ALA A 263 -25.01 -21.66 -44.83
N ALA A 264 -23.77 -21.77 -44.36
CA ALA A 264 -22.89 -22.86 -44.72
C ALA A 264 -23.05 -24.08 -43.81
N GLY A 265 -23.92 -24.00 -42.80
CA GLY A 265 -24.12 -25.12 -41.91
C GLY A 265 -23.12 -25.24 -40.78
N ILE A 266 -22.18 -24.31 -40.66
CA ILE A 266 -21.22 -24.34 -39.57
C ILE A 266 -21.94 -23.94 -38.28
N SER A 267 -21.85 -24.80 -37.27
CA SER A 267 -22.66 -24.65 -36.07
C SER A 267 -21.88 -23.96 -34.97
N PHE A 268 -22.52 -22.97 -34.34
CA PHE A 268 -22.02 -22.41 -33.10
C PHE A 268 -22.52 -23.28 -31.97
N PRO A 269 -21.65 -24.00 -31.26
CA PRO A 269 -22.13 -25.04 -30.34
C PRO A 269 -22.54 -24.49 -28.99
N TYR A 270 -23.62 -25.06 -28.45
CA TYR A 270 -23.99 -24.83 -27.07
C TYR A 270 -23.01 -25.56 -26.16
N PRO A 271 -22.97 -25.19 -24.87
CA PRO A 271 -22.13 -25.95 -23.93
C PRO A 271 -22.43 -27.44 -23.98
N GLN A 272 -21.38 -28.24 -24.17
CA GLN A 272 -21.52 -29.68 -24.35
C GLN A 272 -21.40 -30.41 -23.02
N MET A 273 -21.92 -31.64 -23.01
CA MET A 273 -21.91 -32.46 -21.80
C MET A 273 -22.08 -33.91 -22.21
N ASP A 274 -21.07 -34.73 -21.92
CA ASP A 274 -21.19 -36.18 -22.10
C ASP A 274 -21.75 -36.78 -20.81
N VAL A 275 -22.98 -37.27 -20.87
CA VAL A 275 -23.66 -37.81 -19.70
C VAL A 275 -23.61 -39.32 -19.78
N ASN A 276 -22.99 -39.94 -18.78
CA ASN A 276 -22.90 -41.39 -18.68
C ASN A 276 -24.02 -41.86 -17.77
N PHE A 277 -25.07 -42.43 -18.35
CA PHE A 277 -26.29 -42.75 -17.63
C PHE A 277 -26.10 -44.04 -16.85
N LYS A 278 -26.45 -44.00 -15.56
CA LYS A 278 -26.33 -45.15 -14.68
C LYS A 278 -27.54 -45.18 -13.76
N ARG A 279 -28.34 -46.24 -13.85
CA ARG A 279 -29.54 -46.40 -13.05
C ARG A 279 -29.29 -47.49 -12.01
N VAL A 280 -29.53 -47.15 -10.74
CA VAL A 280 -29.35 -48.11 -9.66
C VAL A 280 -30.70 -48.65 -9.19
N ALA B 19 21.80 68.12 2.62
CA ALA B 19 23.01 68.51 3.33
C ALA B 19 24.05 67.41 3.27
N ASN B 20 23.71 66.25 3.82
CA ASN B 20 24.62 65.10 3.85
C ASN B 20 24.52 64.36 2.52
N GLN B 21 25.17 64.91 1.49
CA GLN B 21 25.16 64.31 0.17
C GLN B 21 26.06 63.08 0.08
N ALA B 22 26.93 62.85 1.06
CA ALA B 22 27.82 61.69 1.02
C ALA B 22 27.05 60.39 1.17
N LEU B 23 26.05 60.37 2.06
CA LEU B 23 25.31 59.14 2.30
C LEU B 23 24.52 58.70 1.08
N LEU B 24 23.86 59.64 0.40
CA LEU B 24 23.09 59.30 -0.79
C LEU B 24 24.00 58.78 -1.90
N LEU B 25 25.16 59.41 -2.07
CA LEU B 25 26.13 58.93 -3.04
C LEU B 25 26.62 57.53 -2.69
N SER B 26 26.83 57.27 -1.39
CA SER B 26 27.25 55.93 -0.97
C SER B 26 26.17 54.90 -1.27
N TYR B 27 24.90 55.24 -1.01
CA TYR B 27 23.82 54.30 -1.31
C TYR B 27 23.74 54.03 -2.81
N ALA B 28 23.85 55.07 -3.62
CA ALA B 28 23.80 54.89 -5.07
C ALA B 28 24.96 54.03 -5.55
N VAL B 29 26.17 54.27 -5.02
CA VAL B 29 27.32 53.48 -5.46
C VAL B 29 27.19 52.04 -4.98
N ASN B 30 26.57 51.81 -3.83
CA ASN B 30 26.32 50.44 -3.38
C ASN B 30 25.35 49.72 -4.31
N ILE B 31 24.29 50.41 -4.73
CA ILE B 31 23.34 49.81 -5.68
C ILE B 31 24.04 49.49 -6.99
N VAL B 32 24.86 50.42 -7.49
CA VAL B 32 25.58 50.21 -8.73
C VAL B 32 26.54 49.03 -8.61
N ALA B 33 27.24 48.95 -7.47
CA ALA B 33 28.14 47.83 -7.24
C ALA B 33 27.39 46.51 -7.20
N ALA B 34 26.21 46.49 -6.58
CA ALA B 34 25.42 45.27 -6.56
C ALA B 34 24.99 44.85 -7.96
N LEU B 35 24.58 45.82 -8.79
CA LEU B 35 24.20 45.49 -10.17
C LEU B 35 25.39 44.96 -10.96
N ALA B 36 26.56 45.59 -10.78
CA ALA B 36 27.76 45.11 -11.46
C ALA B 36 28.13 43.71 -11.01
N ILE B 37 28.01 43.43 -9.71
CA ILE B 37 28.27 42.09 -9.20
C ILE B 37 27.32 41.09 -9.82
N ILE B 38 26.03 41.46 -9.91
CA ILE B 38 25.05 40.56 -10.51
C ILE B 38 25.41 40.22 -11.95
N ILE B 39 25.75 41.25 -12.73
CA ILE B 39 26.07 41.02 -14.14
C ILE B 39 27.32 40.16 -14.28
N VAL B 40 28.38 40.51 -13.56
CA VAL B 40 29.63 39.77 -13.66
C VAL B 40 29.45 38.33 -13.21
N GLY B 41 28.67 38.13 -12.14
CA GLY B 41 28.44 36.79 -11.65
C GLY B 41 27.64 35.94 -12.62
N LEU B 42 26.64 36.53 -13.27
CA LEU B 42 25.89 35.79 -14.28
C LEU B 42 26.79 35.38 -15.43
N ILE B 43 27.65 36.31 -15.89
CA ILE B 43 28.55 35.99 -17.00
C ILE B 43 29.51 34.88 -16.60
N ILE B 44 30.09 34.98 -15.40
CA ILE B 44 31.05 33.99 -14.94
C ILE B 44 30.37 32.64 -14.76
N ALA B 45 29.15 32.63 -14.23
CA ALA B 45 28.42 31.38 -14.07
C ALA B 45 28.18 30.71 -15.42
N ARG B 46 27.75 31.49 -16.41
CA ARG B 46 27.53 30.93 -17.74
C ARG B 46 28.82 30.34 -18.30
N MET B 47 29.92 31.09 -18.20
CA MET B 47 31.18 30.63 -18.78
C MET B 47 31.67 29.36 -18.10
N ILE B 48 31.64 29.32 -16.76
CA ILE B 48 32.15 28.17 -16.03
C ILE B 48 31.25 26.97 -16.26
N SER B 49 29.94 27.17 -16.27
CA SER B 49 29.02 26.06 -16.53
C SER B 49 29.24 25.48 -17.92
N ASN B 50 29.42 26.34 -18.92
CA ASN B 50 29.67 25.85 -20.27
C ASN B 50 31.01 25.10 -20.35
N ALA B 51 32.05 25.60 -19.68
CA ALA B 51 33.33 24.91 -19.69
C ALA B 51 33.23 23.55 -19.02
N VAL B 52 32.53 23.47 -17.90
CA VAL B 52 32.35 22.19 -17.21
C VAL B 52 31.54 21.23 -18.07
N ASN B 53 30.51 21.73 -18.73
CA ASN B 53 29.70 20.89 -19.59
C ASN B 53 30.52 20.32 -20.75
N ARG B 54 31.33 21.17 -21.39
CA ARG B 54 32.18 20.69 -22.48
C ARG B 54 33.20 19.69 -21.98
N LEU B 55 33.76 19.92 -20.78
CA LEU B 55 34.72 18.98 -20.22
C LEU B 55 34.08 17.62 -19.96
N MET B 56 32.86 17.62 -19.41
CA MET B 56 32.19 16.36 -19.13
C MET B 56 31.77 15.65 -20.41
N ILE B 57 31.34 16.40 -21.42
CA ILE B 57 30.99 15.79 -22.70
C ILE B 57 32.22 15.17 -23.35
N SER B 58 33.36 15.86 -23.28
CA SER B 58 34.58 15.33 -23.88
C SER B 58 35.06 14.07 -23.19
N ARG B 59 34.62 13.82 -21.95
CA ARG B 59 34.95 12.59 -21.24
C ARG B 59 33.91 11.50 -21.47
N LYS B 60 33.11 11.62 -22.52
CA LYS B 60 32.12 10.62 -22.93
C LYS B 60 31.05 10.40 -21.88
N ILE B 61 30.89 11.33 -20.94
CA ILE B 61 29.81 11.24 -19.95
C ILE B 61 28.49 11.54 -20.63
N ASP B 62 27.42 10.93 -20.14
CA ASP B 62 26.10 11.07 -20.75
C ASP B 62 25.69 12.53 -20.79
N ALA B 63 25.01 12.91 -21.88
CA ALA B 63 24.63 14.31 -22.08
C ALA B 63 23.69 14.79 -20.99
N THR B 64 22.73 13.95 -20.59
CA THR B 64 21.78 14.36 -19.57
C THR B 64 22.46 14.59 -18.22
N VAL B 65 23.38 13.69 -17.84
CA VAL B 65 24.10 13.85 -16.58
C VAL B 65 24.95 15.12 -16.63
N ALA B 66 25.62 15.35 -17.76
CA ALA B 66 26.43 16.55 -17.89
C ALA B 66 25.58 17.81 -17.79
N ASP B 67 24.41 17.80 -18.42
CA ASP B 67 23.51 18.97 -18.33
C ASP B 67 23.05 19.20 -16.89
N PHE B 68 22.70 18.12 -16.18
CA PHE B 68 22.26 18.26 -14.80
C PHE B 68 23.37 18.84 -13.93
N LEU B 69 24.58 18.31 -14.05
CA LEU B 69 25.68 18.79 -13.22
C LEU B 69 26.06 20.22 -13.59
N SER B 70 26.04 20.57 -14.87
CA SER B 70 26.34 21.93 -15.28
C SER B 70 25.29 22.90 -14.78
N ALA B 71 24.02 22.50 -14.79
CA ALA B 71 22.97 23.35 -14.22
C ALA B 71 23.21 23.56 -12.73
N LEU B 72 23.60 22.51 -12.01
CA LEU B 72 23.91 22.67 -10.59
C LEU B 72 25.06 23.65 -10.39
N VAL B 73 26.12 23.54 -11.19
CA VAL B 73 27.26 24.44 -11.07
C VAL B 73 26.85 25.88 -11.34
N ARG B 74 26.08 26.09 -12.41
CA ARG B 74 25.65 27.44 -12.78
C ARG B 74 24.78 28.06 -11.70
N TYR B 75 23.83 27.28 -11.16
CA TYR B 75 22.96 27.84 -10.13
C TYR B 75 23.71 28.06 -8.82
N GLY B 76 24.73 27.25 -8.53
CA GLY B 76 25.56 27.52 -7.36
C GLY B 76 26.34 28.82 -7.49
N ILE B 77 26.92 29.05 -8.66
CA ILE B 77 27.66 30.30 -8.87
C ILE B 77 26.70 31.48 -8.82
N ILE B 78 25.49 31.32 -9.38
CA ILE B 78 24.50 32.39 -9.31
C ILE B 78 24.09 32.65 -7.87
N ALA B 79 23.99 31.61 -7.05
CA ALA B 79 23.69 31.78 -5.63
C ALA B 79 24.79 32.56 -4.93
N PHE B 80 26.05 32.24 -5.23
CA PHE B 80 27.16 33.00 -4.67
C PHE B 80 27.06 34.47 -5.06
N THR B 81 26.77 34.73 -6.33
CA THR B 81 26.65 36.11 -6.81
C THR B 81 25.50 36.84 -6.12
N LEU B 82 24.37 36.18 -5.96
CA LEU B 82 23.23 36.80 -5.28
C LEU B 82 23.56 37.12 -3.83
N ILE B 83 24.25 36.21 -3.14
CA ILE B 83 24.65 36.47 -1.76
C ILE B 83 25.56 37.68 -1.70
N ALA B 84 26.54 37.76 -2.60
CA ALA B 84 27.45 38.89 -2.60
C ALA B 84 26.72 40.21 -2.86
N ALA B 85 25.86 40.24 -3.88
CA ALA B 85 25.17 41.48 -4.22
C ALA B 85 24.22 41.92 -3.12
N LEU B 86 23.45 40.99 -2.56
CA LEU B 86 22.51 41.34 -1.51
C LEU B 86 23.23 41.76 -0.23
N GLY B 87 24.39 41.17 0.05
CA GLY B 87 25.23 41.70 1.12
C GLY B 87 25.72 43.10 0.83
N ARG B 88 25.98 43.38 -0.45
CA ARG B 88 26.37 44.73 -0.83
C ARG B 88 25.25 45.74 -0.55
N VAL B 89 24.00 45.35 -0.81
CA VAL B 89 22.89 46.28 -0.57
C VAL B 89 22.35 46.14 0.85
N GLY B 90 23.06 45.43 1.71
CA GLY B 90 22.76 45.40 3.12
C GLY B 90 22.00 44.19 3.62
N VAL B 91 21.60 43.27 2.74
CA VAL B 91 20.93 42.06 3.19
C VAL B 91 21.96 41.09 3.76
N GLN B 92 21.69 40.56 4.95
CA GLN B 92 22.65 39.68 5.61
C GLN B 92 22.77 38.35 4.88
N THR B 93 23.93 37.70 5.09
CA THR B 93 24.18 36.43 4.43
C THR B 93 23.20 35.36 4.88
N ALA B 94 22.87 35.33 6.17
CA ALA B 94 21.93 34.32 6.68
C ALA B 94 20.54 34.50 6.06
N SER B 95 20.10 35.74 5.89
CA SER B 95 18.81 35.99 5.28
C SER B 95 18.76 35.49 3.84
N VAL B 96 19.81 35.79 3.06
CA VAL B 96 19.86 35.33 1.68
C VAL B 96 19.89 33.81 1.63
N ILE B 97 20.69 33.19 2.50
CA ILE B 97 20.78 31.74 2.51
C ILE B 97 19.42 31.13 2.83
N ALA B 98 18.72 31.67 3.83
CA ALA B 98 17.41 31.13 4.21
C ALA B 98 16.39 31.30 3.09
N VAL B 99 16.36 32.47 2.46
CA VAL B 99 15.37 32.70 1.39
C VAL B 99 15.68 31.82 0.18
N LEU B 100 16.95 31.71 -0.20
CA LEU B 100 17.32 30.84 -1.31
C LEU B 100 17.04 29.39 -0.98
N GLY B 101 17.23 28.99 0.28
CA GLY B 101 16.89 27.63 0.67
C GLY B 101 15.40 27.36 0.58
N ALA B 102 14.58 28.31 1.00
CA ALA B 102 13.14 28.14 0.88
C ALA B 102 12.71 28.03 -0.59
N ALA B 103 13.27 28.91 -1.43
CA ALA B 103 12.94 28.86 -2.86
C ALA B 103 13.39 27.54 -3.49
N GLY B 104 14.61 27.10 -3.15
CA GLY B 104 15.10 25.84 -3.66
C GLY B 104 14.30 24.65 -3.17
N LEU B 105 13.84 24.70 -1.92
CA LEU B 105 12.99 23.64 -1.40
C LEU B 105 11.67 23.59 -2.15
N ALA B 106 11.08 24.75 -2.44
CA ALA B 106 9.84 24.77 -3.21
C ALA B 106 10.05 24.22 -4.61
N VAL B 107 11.14 24.63 -5.27
CA VAL B 107 11.41 24.14 -6.62
C VAL B 107 11.69 22.64 -6.60
N GLY B 108 12.40 22.16 -5.58
CA GLY B 108 12.68 20.74 -5.47
C GLY B 108 11.43 19.93 -5.22
N LEU B 109 10.51 20.45 -4.40
CA LEU B 109 9.23 19.78 -4.21
C LEU B 109 8.45 19.72 -5.53
N ALA B 110 8.52 20.79 -6.31
CA ALA B 110 7.84 20.78 -7.61
C ALA B 110 8.48 19.78 -8.57
N LEU B 111 9.81 19.62 -8.52
CA LEU B 111 10.54 18.86 -9.52
C LEU B 111 11.01 17.49 -9.04
N GLN B 112 10.56 17.03 -7.87
CA GLN B 112 11.03 15.75 -7.35
C GLN B 112 10.70 14.59 -8.28
N GLY B 113 9.44 14.50 -8.71
CA GLY B 113 9.05 13.41 -9.59
C GLY B 113 9.75 13.47 -10.93
N SER B 114 9.90 14.68 -11.48
CA SER B 114 10.62 14.84 -12.73
C SER B 114 12.08 14.41 -12.59
N LEU B 115 12.71 14.75 -11.46
CA LEU B 115 14.09 14.33 -11.24
C LEU B 115 14.20 12.82 -11.13
N SER B 116 13.25 12.19 -10.44
CA SER B 116 13.24 10.73 -10.35
C SER B 116 13.11 10.09 -11.72
N ASN B 117 12.19 10.61 -12.54
CA ASN B 117 12.01 10.09 -13.90
C ASN B 117 13.25 10.33 -14.75
N LEU B 118 13.91 11.48 -14.57
CA LEU B 118 15.10 11.79 -15.35
C LEU B 118 16.23 10.81 -15.03
N ALA B 119 16.47 10.57 -13.74
CA ALA B 119 17.49 9.61 -13.34
C ALA B 119 17.15 8.21 -13.85
N ALA B 120 15.87 7.84 -13.76
CA ALA B 120 15.45 6.53 -14.23
C ALA B 120 15.65 6.37 -15.73
N GLY B 121 15.35 7.43 -16.50
CA GLY B 121 15.58 7.37 -17.93
C GLY B 121 17.04 7.28 -18.28
N VAL B 122 17.89 7.99 -17.55
CA VAL B 122 19.33 7.87 -17.75
C VAL B 122 19.78 6.44 -17.50
N LEU B 123 19.30 5.83 -16.41
CA LEU B 123 19.65 4.45 -16.12
C LEU B 123 19.15 3.49 -17.19
N LEU B 124 17.92 3.71 -17.68
CA LEU B 124 17.37 2.85 -18.72
C LEU B 124 18.20 2.91 -19.99
N VAL B 125 18.60 4.12 -20.40
CA VAL B 125 19.41 4.26 -21.60
C VAL B 125 20.80 3.67 -21.39
N MET B 126 21.35 3.82 -20.18
CA MET B 126 22.71 3.37 -19.92
C MET B 126 22.80 1.84 -19.88
N PHE B 127 21.89 1.19 -19.17
CA PHE B 127 21.99 -0.26 -18.98
C PHE B 127 21.18 -1.06 -19.98
N ARG B 128 20.20 -0.43 -20.65
CA ARG B 128 19.43 -1.06 -21.71
C ARG B 128 18.81 -2.40 -21.31
N PRO B 129 17.95 -2.42 -20.29
CA PRO B 129 17.16 -3.64 -20.05
C PRO B 129 16.25 -3.97 -21.21
N PHE B 130 15.79 -2.96 -21.92
CA PHE B 130 15.05 -3.10 -23.17
C PHE B 130 15.51 -2.01 -24.12
N ARG B 131 15.24 -2.21 -25.41
CA ARG B 131 15.58 -1.22 -26.42
C ARG B 131 14.38 -1.05 -27.33
N ALA B 132 14.44 -0.03 -28.17
CA ALA B 132 13.36 0.22 -29.11
C ALA B 132 13.18 -0.96 -30.06
N GLY B 133 11.94 -1.38 -30.22
CA GLY B 133 11.60 -2.51 -31.07
C GLY B 133 11.38 -3.81 -30.34
N GLU B 134 11.75 -3.88 -29.06
CA GLU B 134 11.59 -5.12 -28.29
C GLU B 134 10.23 -5.12 -27.59
N TYR B 135 9.63 -6.31 -27.52
CA TYR B 135 8.36 -6.49 -26.85
C TYR B 135 8.63 -6.80 -25.38
N VAL B 136 8.09 -5.97 -24.48
CA VAL B 136 8.34 -6.09 -23.06
C VAL B 136 7.03 -6.02 -22.29
N ASP B 137 7.09 -6.46 -21.04
CA ASP B 137 5.98 -6.35 -20.10
C ASP B 137 6.48 -5.53 -18.92
N LEU B 138 5.97 -4.31 -18.78
CA LEU B 138 6.44 -3.38 -17.75
C LEU B 138 5.35 -3.23 -16.70
N GLY B 139 5.37 -4.12 -15.72
CA GLY B 139 4.43 -4.04 -14.60
C GLY B 139 2.98 -4.19 -14.97
N GLY B 140 2.65 -5.17 -15.82
CA GLY B 140 1.28 -5.48 -16.16
C GLY B 140 0.85 -5.01 -17.55
N VAL B 141 1.58 -4.10 -18.17
CA VAL B 141 1.28 -3.64 -19.52
C VAL B 141 2.38 -4.14 -20.45
N ALA B 142 1.96 -4.71 -21.58
CA ALA B 142 2.87 -5.30 -22.54
C ALA B 142 2.74 -4.60 -23.88
N GLY B 143 3.86 -4.43 -24.57
CA GLY B 143 3.84 -3.80 -25.88
C GLY B 143 5.25 -3.66 -26.41
N THR B 144 5.33 -3.15 -27.64
CA THR B 144 6.60 -2.93 -28.31
C THR B 144 7.13 -1.55 -27.94
N VAL B 145 8.37 -1.49 -27.45
CA VAL B 145 8.95 -0.23 -27.03
C VAL B 145 9.17 0.65 -28.26
N LEU B 146 8.71 1.90 -28.18
CA LEU B 146 8.92 2.86 -29.25
C LEU B 146 10.14 3.74 -28.97
N SER B 147 10.21 4.32 -27.78
CA SER B 147 11.33 5.18 -27.41
C SER B 147 11.32 5.40 -25.91
N VAL B 148 12.51 5.62 -25.35
CA VAL B 148 12.68 6.04 -23.97
C VAL B 148 12.98 7.54 -23.99
N GLN B 149 12.03 8.34 -23.54
CA GLN B 149 12.17 9.79 -23.56
C GLN B 149 12.79 10.25 -22.25
N ILE B 150 12.81 11.56 -22.04
CA ILE B 150 13.51 12.13 -20.90
C ILE B 150 12.80 11.77 -19.59
N PHE B 151 11.46 11.75 -19.60
CA PHE B 151 10.70 11.47 -18.39
C PHE B 151 9.83 10.23 -18.47
N SER B 152 9.61 9.67 -19.65
CA SER B 152 8.72 8.52 -19.77
C SER B 152 9.09 7.72 -21.01
N THR B 153 8.59 6.49 -21.05
CA THR B 153 8.82 5.57 -22.17
C THR B 153 7.49 5.29 -22.85
N THR B 154 7.51 5.29 -24.18
CA THR B 154 6.32 5.05 -24.99
C THR B 154 6.38 3.65 -25.59
N MET B 155 5.29 2.91 -25.48
CA MET B 155 5.18 1.59 -26.09
C MET B 155 3.86 1.49 -26.83
N ARG B 156 3.85 0.67 -27.88
CA ARG B 156 2.64 0.39 -28.64
C ARG B 156 2.23 -1.06 -28.41
N THR B 157 0.98 -1.27 -28.03
CA THR B 157 0.49 -2.60 -27.73
C THR B 157 0.23 -3.38 -29.01
N ALA B 158 -0.13 -4.65 -28.86
CA ALA B 158 -0.36 -5.50 -30.03
C ALA B 158 -1.57 -5.05 -30.83
N ASP B 159 -2.55 -4.43 -30.17
CA ASP B 159 -3.76 -3.97 -30.85
C ASP B 159 -3.69 -2.51 -31.27
N GLY B 160 -2.56 -1.84 -31.08
CA GLY B 160 -2.37 -0.50 -31.58
C GLY B 160 -2.48 0.62 -30.56
N LYS B 161 -2.74 0.31 -29.30
CA LYS B 161 -2.79 1.35 -28.30
C LYS B 161 -1.39 1.89 -27.99
N ILE B 162 -1.34 3.14 -27.54
CA ILE B 162 -0.09 3.78 -27.14
C ILE B 162 -0.14 3.94 -25.62
N ILE B 163 0.87 3.42 -24.94
CA ILE B 163 0.97 3.48 -23.49
C ILE B 163 2.21 4.28 -23.13
N VAL B 164 2.05 5.29 -22.29
CA VAL B 164 3.14 6.12 -21.80
C VAL B 164 3.34 5.78 -20.33
N ILE B 165 4.55 5.37 -19.98
CA ILE B 165 4.89 4.91 -18.64
C ILE B 165 6.03 5.77 -18.13
N PRO B 166 5.93 6.37 -16.95
CA PRO B 166 7.06 7.13 -16.40
C PRO B 166 8.25 6.21 -16.14
N ASN B 167 9.45 6.77 -16.32
CA ASN B 167 10.67 5.97 -16.24
C ASN B 167 10.89 5.42 -14.84
N GLY B 168 10.61 6.22 -13.81
CA GLY B 168 10.82 5.76 -12.44
C GLY B 168 9.97 4.55 -12.11
N LYS B 169 8.72 4.56 -12.57
CA LYS B 169 7.86 3.40 -12.40
C LYS B 169 8.42 2.17 -13.09
N ILE B 170 9.06 2.37 -14.24
CA ILE B 170 9.64 1.25 -14.97
C ILE B 170 10.82 0.65 -14.22
N ILE B 171 11.74 1.51 -13.76
CA ILE B 171 12.93 0.97 -13.11
C ILE B 171 12.62 0.44 -11.72
N ALA B 172 11.54 0.93 -11.10
CA ALA B 172 11.21 0.47 -9.76
C ALA B 172 10.64 -0.95 -9.76
N GLY B 173 10.19 -1.46 -10.90
CA GLY B 173 9.54 -2.75 -10.98
C GLY B 173 10.26 -3.72 -11.90
N ASN B 174 9.67 -4.89 -12.04
CA ASN B 174 10.22 -5.93 -12.90
C ASN B 174 10.10 -5.55 -14.37
N ILE B 175 11.11 -5.90 -15.14
CA ILE B 175 11.12 -5.70 -16.58
C ILE B 175 11.21 -7.08 -17.22
N ILE B 176 10.13 -7.48 -17.89
CA ILE B 176 10.07 -8.76 -18.59
C ILE B 176 10.28 -8.51 -20.07
N ASN B 177 11.36 -9.05 -20.62
CA ASN B 177 11.73 -8.82 -22.01
C ASN B 177 11.41 -10.08 -22.81
N PHE B 178 10.49 -9.96 -23.77
CA PHE B 178 10.10 -11.09 -24.60
C PHE B 178 11.03 -11.30 -25.78
N SER B 179 11.77 -10.28 -26.20
CA SER B 179 12.54 -10.34 -27.43
C SER B 179 14.05 -10.49 -27.22
N ARG B 180 14.52 -10.49 -25.97
CA ARG B 180 15.97 -10.51 -25.75
C ARG B 180 16.58 -11.85 -26.16
N GLU B 181 15.96 -12.97 -25.76
CA GLU B 181 16.51 -14.27 -26.11
C GLU B 181 16.11 -14.64 -27.54
N PRO B 182 17.04 -15.14 -28.36
CA PRO B 182 16.68 -15.50 -29.74
C PRO B 182 15.82 -16.76 -29.84
N VAL B 183 15.75 -17.57 -28.79
CA VAL B 183 15.01 -18.83 -28.81
C VAL B 183 14.05 -18.85 -27.63
N ARG B 184 12.81 -19.23 -27.88
CA ARG B 184 11.78 -19.31 -26.86
C ARG B 184 11.02 -20.62 -27.00
N ARG B 185 10.21 -20.94 -25.98
CA ARG B 185 9.57 -22.24 -25.86
C ARG B 185 8.06 -22.12 -25.98
N ASN B 186 7.46 -23.07 -26.71
CA ASN B 186 6.02 -23.23 -26.79
C ASN B 186 5.58 -24.36 -25.86
N GLU B 187 4.37 -24.22 -25.32
CA GLU B 187 3.80 -25.25 -24.45
C GLU B 187 2.39 -25.57 -24.94
N PHE B 188 2.12 -26.86 -25.10
CA PHE B 188 0.82 -27.34 -25.53
C PHE B 188 0.23 -28.22 -24.42
N ILE B 189 -1.02 -27.96 -24.07
CA ILE B 189 -1.75 -28.78 -23.11
C ILE B 189 -2.90 -29.42 -23.88
N ILE B 190 -2.78 -30.71 -24.17
CA ILE B 190 -3.78 -31.44 -24.95
C ILE B 190 -4.51 -32.38 -24.02
N GLY B 191 -5.83 -32.25 -23.95
CA GLY B 191 -6.65 -33.11 -23.14
C GLY B 191 -7.38 -34.11 -24.01
N VAL B 192 -7.14 -35.40 -23.74
CA VAL B 192 -7.76 -36.47 -24.49
C VAL B 192 -8.57 -37.32 -23.54
N ALA B 193 -9.42 -38.17 -24.11
CA ALA B 193 -10.28 -39.04 -23.30
C ALA B 193 -9.46 -40.04 -22.51
N TYR B 194 -10.03 -40.48 -21.39
CA TYR B 194 -9.32 -41.40 -20.50
C TYR B 194 -9.03 -42.74 -21.17
N ASP B 195 -9.93 -43.21 -22.04
CA ASP B 195 -9.73 -44.50 -22.69
C ASP B 195 -8.75 -44.44 -23.86
N SER B 196 -8.17 -43.28 -24.13
CA SER B 196 -7.18 -43.17 -25.20
C SER B 196 -5.92 -43.92 -24.84
N ASP B 197 -5.27 -44.49 -25.86
CA ASP B 197 -4.01 -45.18 -25.66
C ASP B 197 -2.89 -44.16 -25.45
N ILE B 198 -2.17 -44.29 -24.34
CA ILE B 198 -1.14 -43.32 -24.00
C ILE B 198 0.00 -43.36 -25.01
N ASP B 199 0.43 -44.57 -25.40
CA ASP B 199 1.54 -44.70 -26.32
C ASP B 199 1.21 -44.12 -27.69
N GLN B 200 -0.03 -44.35 -28.16
CA GLN B 200 -0.42 -43.79 -29.46
C GLN B 200 -0.41 -42.27 -29.42
N VAL B 201 -0.93 -41.67 -28.35
CA VAL B 201 -0.92 -40.22 -28.23
C VAL B 201 0.51 -39.70 -28.22
N LYS B 202 1.37 -40.35 -27.43
CA LYS B 202 2.76 -39.92 -27.35
C LYS B 202 3.45 -39.99 -28.70
N GLN B 203 3.24 -41.10 -29.42
CA GLN B 203 3.93 -41.26 -30.69
C GLN B 203 3.38 -40.31 -31.77
N ILE B 204 2.08 -40.05 -31.76
CA ILE B 204 1.53 -39.10 -32.71
C ILE B 204 2.08 -37.69 -32.45
N LEU B 205 2.09 -37.28 -31.19
CA LEU B 205 2.63 -35.95 -30.86
C LEU B 205 4.12 -35.88 -31.19
N THR B 206 4.86 -36.95 -30.92
CA THR B 206 6.28 -36.98 -31.24
C THR B 206 6.51 -36.87 -32.74
N ASN B 207 5.71 -37.59 -33.54
CA ASN B 207 5.83 -37.47 -34.99
C ASN B 207 5.52 -36.06 -35.45
N ILE B 208 4.48 -35.44 -34.88
CA ILE B 208 4.12 -34.08 -35.27
C ILE B 208 5.28 -33.12 -34.99
N ILE B 209 5.87 -33.22 -33.80
CA ILE B 209 6.92 -32.27 -33.46
C ILE B 209 8.25 -32.60 -34.13
N GLN B 210 8.47 -33.86 -34.53
CA GLN B 210 9.68 -34.19 -35.27
C GLN B 210 9.58 -33.77 -36.72
N SER B 211 8.38 -33.84 -37.31
CA SER B 211 8.22 -33.44 -38.70
C SER B 211 8.20 -31.93 -38.89
N GLU B 212 8.20 -31.16 -37.81
CA GLU B 212 8.22 -29.70 -37.89
C GLU B 212 9.67 -29.22 -37.91
N ASP B 213 10.05 -28.55 -39.00
CA ASP B 213 11.44 -28.12 -39.16
C ASP B 213 11.80 -26.92 -38.29
N ARG B 214 10.83 -26.07 -37.97
CA ARG B 214 11.11 -24.89 -37.18
C ARG B 214 11.29 -25.19 -35.69
N ILE B 215 11.02 -26.41 -35.27
CA ILE B 215 11.25 -26.82 -33.88
C ILE B 215 12.69 -27.28 -33.75
N LEU B 216 13.41 -26.70 -32.80
CA LEU B 216 14.83 -27.00 -32.63
C LEU B 216 14.99 -28.39 -32.03
N LYS B 217 15.60 -29.30 -32.79
CA LYS B 217 15.76 -30.68 -32.35
C LYS B 217 16.84 -30.86 -31.31
N ASP B 218 17.73 -29.88 -31.15
CA ASP B 218 18.76 -29.94 -30.13
C ASP B 218 18.31 -29.39 -28.78
N ARG B 219 17.06 -28.96 -28.67
CA ARG B 219 16.50 -28.47 -27.43
C ARG B 219 15.57 -29.52 -26.81
N GLU B 220 14.89 -29.12 -25.74
CA GLU B 220 13.91 -29.99 -25.10
C GLU B 220 12.73 -30.23 -26.03
N MET B 221 12.28 -31.48 -26.07
CA MET B 221 11.16 -31.93 -26.89
C MET B 221 10.20 -32.78 -26.07
N THR B 222 9.82 -32.25 -24.91
CA THR B 222 9.03 -33.02 -23.95
C THR B 222 7.64 -33.34 -24.49
N VAL B 223 7.27 -34.62 -24.43
CA VAL B 223 5.92 -35.08 -24.70
C VAL B 223 5.58 -36.08 -23.61
N ARG B 224 4.90 -35.63 -22.56
CA ARG B 224 4.62 -36.46 -21.40
C ARG B 224 3.16 -36.32 -20.99
N LEU B 225 2.64 -37.35 -20.35
CA LEU B 225 1.36 -37.24 -19.67
C LEU B 225 1.55 -36.44 -18.39
N ASN B 226 0.77 -35.37 -18.24
CA ASN B 226 1.02 -34.38 -17.21
C ASN B 226 0.00 -34.35 -16.09
N GLU B 227 -1.27 -34.64 -16.38
CA GLU B 227 -2.30 -34.47 -15.38
C GLU B 227 -3.46 -35.41 -15.66
N LEU B 228 -4.07 -35.93 -14.60
CA LEU B 228 -5.31 -36.69 -14.68
C LEU B 228 -6.43 -35.72 -14.30
N GLY B 229 -7.02 -35.08 -15.31
CA GLY B 229 -8.04 -34.08 -15.08
C GLY B 229 -9.39 -34.67 -14.77
N ALA B 230 -10.36 -33.77 -14.58
CA ALA B 230 -11.72 -34.19 -14.24
C ALA B 230 -12.36 -34.98 -15.37
N SER B 231 -12.22 -34.51 -16.61
CA SER B 231 -12.85 -35.15 -17.76
C SER B 231 -11.86 -35.65 -18.78
N SER B 232 -10.56 -35.39 -18.61
CA SER B 232 -9.58 -35.75 -19.63
C SER B 232 -8.23 -35.96 -18.97
N ILE B 233 -7.36 -36.66 -19.67
CA ILE B 233 -5.96 -36.79 -19.29
C ILE B 233 -5.16 -35.82 -20.14
N ASN B 234 -4.37 -34.98 -19.49
CA ASN B 234 -3.70 -33.87 -20.15
C ASN B 234 -2.26 -34.23 -20.47
N PHE B 235 -1.87 -34.04 -21.72
CA PHE B 235 -0.48 -34.22 -22.16
C PHE B 235 0.16 -32.86 -22.36
N VAL B 236 1.41 -32.73 -21.94
CA VAL B 236 2.16 -31.50 -22.07
C VAL B 236 3.21 -31.69 -23.16
N VAL B 237 3.28 -30.74 -24.09
CA VAL B 237 4.27 -30.73 -25.16
C VAL B 237 5.02 -29.41 -25.07
N ARG B 238 6.33 -29.49 -24.87
CA ARG B 238 7.19 -28.31 -24.75
C ARG B 238 8.29 -28.40 -25.80
N VAL B 239 8.28 -27.47 -26.74
CA VAL B 239 9.26 -27.43 -27.82
C VAL B 239 9.78 -26.01 -27.96
N TRP B 240 11.00 -25.89 -28.46
CA TRP B 240 11.67 -24.61 -28.62
C TRP B 240 11.75 -24.22 -30.09
N SER B 241 11.75 -22.91 -30.33
CA SER B 241 11.84 -22.37 -31.69
C SER B 241 12.45 -20.99 -31.61
N ASN B 242 12.88 -20.49 -32.77
CA ASN B 242 13.34 -19.11 -32.84
C ASN B 242 12.19 -18.16 -32.55
N SER B 243 12.52 -17.01 -31.98
CA SER B 243 11.49 -16.08 -31.51
C SER B 243 10.55 -15.66 -32.63
N GLY B 244 11.07 -15.55 -33.85
CA GLY B 244 10.23 -15.15 -34.97
C GLY B 244 9.33 -16.23 -35.52
N ASP B 245 9.45 -17.46 -35.02
CA ASP B 245 8.64 -18.57 -35.50
C ASP B 245 7.72 -19.14 -34.44
N LEU B 246 7.70 -18.57 -33.22
CA LEU B 246 7.02 -19.22 -32.10
C LEU B 246 5.52 -19.31 -32.34
N GLN B 247 4.88 -18.20 -32.70
CA GLN B 247 3.43 -18.19 -32.87
C GLN B 247 2.99 -19.05 -34.05
N ASN B 248 3.72 -18.97 -35.17
CA ASN B 248 3.40 -19.79 -36.33
C ASN B 248 3.55 -21.27 -36.01
N VAL B 249 4.61 -21.63 -35.26
CA VAL B 249 4.80 -23.02 -34.86
C VAL B 249 3.64 -23.46 -33.98
N TYR B 250 3.23 -22.62 -33.03
CA TYR B 250 2.12 -22.98 -32.17
C TYR B 250 0.86 -23.25 -32.99
N TRP B 251 0.53 -22.35 -33.91
CA TRP B 251 -0.68 -22.52 -34.71
C TRP B 251 -0.61 -23.77 -35.58
N ASP B 252 0.51 -23.97 -36.26
CA ASP B 252 0.64 -25.12 -37.16
C ASP B 252 0.58 -26.43 -36.38
N VAL B 253 1.28 -26.50 -35.24
CA VAL B 253 1.29 -27.72 -34.44
C VAL B 253 -0.10 -28.00 -33.88
N LEU B 254 -0.81 -26.96 -33.45
CA LEU B 254 -2.16 -27.17 -32.93
C LEU B 254 -3.09 -27.70 -34.01
N GLU B 255 -3.03 -27.12 -35.21
CA GLU B 255 -3.88 -27.61 -36.30
C GLU B 255 -3.53 -29.04 -36.67
N ARG B 256 -2.24 -29.37 -36.73
CA ARG B 256 -1.84 -30.73 -37.04
C ARG B 256 -2.28 -31.70 -35.95
N ILE B 257 -2.20 -31.30 -34.69
CA ILE B 257 -2.67 -32.14 -33.60
C ILE B 257 -4.15 -32.44 -33.77
N LYS B 258 -4.94 -31.40 -34.04
CA LYS B 258 -6.36 -31.60 -34.25
C LYS B 258 -6.63 -32.57 -35.39
N ARG B 259 -6.00 -32.32 -36.55
CA ARG B 259 -6.26 -33.16 -37.72
C ARG B 259 -5.85 -34.61 -37.49
N GLU B 260 -4.66 -34.82 -36.91
CA GLU B 260 -4.17 -36.18 -36.75
C GLU B 260 -4.90 -36.93 -35.65
N PHE B 261 -5.32 -36.23 -34.59
CA PHE B 261 -6.14 -36.89 -33.57
C PHE B 261 -7.51 -37.27 -34.13
N ASP B 262 -8.08 -36.41 -34.98
CA ASP B 262 -9.34 -36.77 -35.63
C ASP B 262 -9.14 -37.96 -36.56
N ALA B 263 -8.03 -38.00 -37.29
CA ALA B 263 -7.79 -39.11 -38.21
C ALA B 263 -7.55 -40.42 -37.48
N ALA B 264 -6.86 -40.36 -36.34
CA ALA B 264 -6.51 -41.56 -35.60
C ALA B 264 -7.58 -42.00 -34.62
N GLY B 265 -8.69 -41.28 -34.52
CA GLY B 265 -9.75 -41.64 -33.62
C GLY B 265 -9.57 -41.21 -32.18
N ILE B 266 -8.50 -40.49 -31.86
CA ILE B 266 -8.30 -39.99 -30.51
C ILE B 266 -9.28 -38.86 -30.26
N SER B 267 -10.07 -38.98 -29.20
CA SER B 267 -11.18 -38.08 -28.97
C SER B 267 -10.80 -36.96 -28.01
N PHE B 268 -11.15 -35.73 -28.37
CA PHE B 268 -11.11 -34.62 -27.43
C PHE B 268 -12.41 -34.63 -26.65
N PRO B 269 -12.39 -34.90 -25.36
CA PRO B 269 -13.65 -35.16 -24.65
C PRO B 269 -14.36 -33.88 -24.22
N TYR B 270 -15.69 -33.93 -24.32
CA TYR B 270 -16.52 -32.91 -23.72
C TYR B 270 -16.52 -33.09 -22.20
N PRO B 271 -16.93 -32.06 -21.45
CA PRO B 271 -17.07 -32.22 -20.00
C PRO B 271 -17.93 -33.42 -19.64
N GLN B 272 -17.39 -34.30 -18.80
CA GLN B 272 -18.04 -35.56 -18.46
C GLN B 272 -18.91 -35.40 -17.22
N MET B 273 -19.84 -36.34 -17.05
CA MET B 273 -20.76 -36.30 -15.92
C MET B 273 -21.34 -37.70 -15.74
N ASP B 274 -21.07 -38.32 -14.60
CA ASP B 274 -21.72 -39.57 -14.24
C ASP B 274 -23.01 -39.25 -13.49
N VAL B 275 -24.14 -39.54 -14.12
CA VAL B 275 -25.45 -39.23 -13.57
C VAL B 275 -26.04 -40.52 -13.00
N ASN B 276 -26.30 -40.52 -11.70
CA ASN B 276 -26.92 -41.64 -11.02
C ASN B 276 -28.41 -41.37 -10.93
N PHE B 277 -29.19 -42.04 -11.77
CA PHE B 277 -30.61 -41.77 -11.94
C PHE B 277 -31.40 -42.38 -10.80
N LYS B 278 -32.25 -41.57 -10.17
CA LYS B 278 -33.08 -42.01 -9.05
C LYS B 278 -34.45 -41.36 -9.20
N ARG B 279 -35.49 -42.19 -9.36
CA ARG B 279 -36.86 -41.71 -9.53
C ARG B 279 -37.64 -42.03 -8.25
N VAL B 280 -38.27 -41.00 -7.68
CA VAL B 280 -39.07 -41.18 -6.47
C VAL B 280 -40.54 -41.19 -6.81
N ALA C 19 45.35 54.33 -10.70
CA ALA C 19 46.11 54.92 -9.59
C ALA C 19 46.45 53.88 -8.55
N ASN C 20 45.42 53.28 -7.95
CA ASN C 20 45.59 52.26 -6.91
C ASN C 20 45.82 50.92 -7.58
N GLN C 21 47.05 50.70 -8.06
CA GLN C 21 47.40 49.45 -8.72
C GLN C 21 47.59 48.31 -7.74
N ALA C 22 47.69 48.59 -6.44
CA ALA C 22 47.89 47.53 -5.46
C ALA C 22 46.66 46.64 -5.35
N LEU C 23 45.46 47.24 -5.38
CA LEU C 23 44.23 46.47 -5.20
C LEU C 23 44.03 45.50 -6.36
N LEU C 24 44.25 45.94 -7.60
CA LEU C 24 44.08 45.06 -8.74
C LEU C 24 45.07 43.90 -8.71
N LEU C 25 46.32 44.19 -8.33
CA LEU C 25 47.30 43.14 -8.18
C LEU C 25 46.89 42.15 -7.10
N SER C 26 46.34 42.66 -5.99
CA SER C 26 45.86 41.77 -4.93
C SER C 26 44.73 40.89 -5.41
N TYR C 27 43.78 41.44 -6.17
CA TYR C 27 42.69 40.63 -6.71
C TYR C 27 43.21 39.56 -7.65
N ALA C 28 44.15 39.93 -8.52
CA ALA C 28 44.72 38.96 -9.45
C ALA C 28 45.46 37.85 -8.71
N VAL C 29 46.23 38.21 -7.68
CA VAL C 29 46.97 37.20 -6.95
C VAL C 29 46.02 36.32 -6.15
N ASN C 30 44.89 36.87 -5.68
CA ASN C 30 43.89 36.03 -5.01
C ASN C 30 43.28 35.03 -5.97
N ILE C 31 42.98 35.46 -7.20
CA ILE C 31 42.43 34.53 -8.18
C ILE C 31 43.45 33.44 -8.51
N VAL C 32 44.71 33.83 -8.68
CA VAL C 32 45.76 32.86 -8.97
C VAL C 32 45.91 31.87 -7.82
N ALA C 33 45.87 32.37 -6.59
CA ALA C 33 45.96 31.50 -5.42
C ALA C 33 44.80 30.53 -5.36
N ALA C 34 43.59 31.00 -5.69
CA ALA C 34 42.43 30.11 -5.72
C ALA C 34 42.60 29.02 -6.76
N LEU C 35 43.09 29.38 -7.95
CA LEU C 35 43.31 28.36 -8.98
C LEU C 35 44.37 27.35 -8.55
N ALA C 36 45.45 27.82 -7.94
CA ALA C 36 46.48 26.92 -7.45
C ALA C 36 45.94 25.99 -6.37
N ILE C 37 45.11 26.53 -5.47
CA ILE C 37 44.49 25.71 -4.44
C ILE C 37 43.60 24.65 -5.08
N ILE C 38 42.83 25.03 -6.10
CA ILE C 38 41.96 24.07 -6.78
C ILE C 38 42.77 22.92 -7.37
N ILE C 39 43.86 23.27 -8.08
CA ILE C 39 44.66 22.25 -8.74
C ILE C 39 45.31 21.32 -7.71
N VAL C 40 45.93 21.91 -6.68
CA VAL C 40 46.62 21.11 -5.67
C VAL C 40 45.62 20.22 -4.94
N GLY C 41 44.44 20.75 -4.63
CA GLY C 41 43.45 19.97 -3.93
C GLY C 41 42.92 18.82 -4.76
N LEU C 42 42.72 19.04 -6.06
CA LEU C 42 42.30 17.94 -6.93
C LEU C 42 43.36 16.85 -6.97
N ILE C 43 44.63 17.23 -7.08
CA ILE C 43 45.70 16.25 -7.14
C ILE C 43 45.77 15.47 -5.82
N ILE C 44 45.69 16.18 -4.69
CA ILE C 44 45.77 15.53 -3.39
C ILE C 44 44.57 14.60 -3.18
N ALA C 45 43.38 15.04 -3.59
CA ALA C 45 42.21 14.19 -3.48
C ALA C 45 42.36 12.92 -4.28
N ARG C 46 42.86 13.02 -5.52
CA ARG C 46 43.06 11.83 -6.33
C ARG C 46 44.06 10.89 -5.66
N MET C 47 45.18 11.43 -5.18
CA MET C 47 46.22 10.58 -4.58
C MET C 47 45.70 9.89 -3.33
N ILE C 48 45.05 10.64 -2.44
CA ILE C 48 44.58 10.05 -1.18
C ILE C 48 43.47 9.05 -1.44
N SER C 49 42.56 9.35 -2.36
CA SER C 49 41.50 8.41 -2.69
C SER C 49 42.06 7.11 -3.25
N ASN C 50 43.06 7.22 -4.15
CA ASN C 50 43.68 6.01 -4.69
C ASN C 50 44.39 5.22 -3.61
N ALA C 51 45.10 5.89 -2.70
CA ALA C 51 45.78 5.19 -1.63
C ALA C 51 44.79 4.47 -0.72
N VAL C 52 43.68 5.13 -0.38
CA VAL C 52 42.67 4.50 0.47
C VAL C 52 42.03 3.32 -0.25
N ASN C 53 41.78 3.46 -1.55
CA ASN C 53 41.20 2.37 -2.31
C ASN C 53 42.12 1.16 -2.35
N ARG C 54 43.42 1.40 -2.59
CA ARG C 54 44.37 0.29 -2.59
C ARG C 54 44.47 -0.35 -1.21
N LEU C 55 44.45 0.46 -0.16
CA LEU C 55 44.50 -0.08 1.19
C LEU C 55 43.29 -0.96 1.49
N MET C 56 42.10 -0.52 1.08
CA MET C 56 40.90 -1.32 1.33
C MET C 56 40.87 -2.58 0.48
N ILE C 57 41.35 -2.50 -0.76
CA ILE C 57 41.42 -3.70 -1.60
C ILE C 57 42.39 -4.71 -1.02
N SER C 58 43.54 -4.23 -0.53
CA SER C 58 44.52 -5.14 0.06
C SER C 58 44.00 -5.82 1.32
N ARG C 59 42.98 -5.27 1.96
CA ARG C 59 42.35 -5.89 3.12
C ARG C 59 41.19 -6.79 2.72
N LYS C 60 41.13 -7.21 1.46
CA LYS C 60 40.12 -8.14 0.95
C LYS C 60 38.71 -7.60 1.06
N ILE C 61 38.56 -6.30 1.22
CA ILE C 61 37.23 -5.68 1.24
C ILE C 61 36.67 -5.67 -0.18
N ASP C 62 35.36 -5.78 -0.28
CA ASP C 62 34.71 -5.87 -1.58
C ASP C 62 35.04 -4.65 -2.44
N ALA C 63 35.20 -4.90 -3.74
CA ALA C 63 35.62 -3.84 -4.64
C ALA C 63 34.60 -2.71 -4.71
N THR C 64 33.31 -3.06 -4.72
CA THR C 64 32.27 -2.03 -4.80
C THR C 64 32.26 -1.16 -3.56
N VAL C 65 32.38 -1.77 -2.38
CA VAL C 65 32.42 -1.00 -1.14
C VAL C 65 33.64 -0.09 -1.11
N ALA C 66 34.79 -0.62 -1.54
CA ALA C 66 36.00 0.19 -1.58
C ALA C 66 35.84 1.36 -2.53
N ASP C 67 35.25 1.13 -3.71
CA ASP C 67 35.02 2.22 -4.65
C ASP C 67 34.10 3.28 -4.07
N PHE C 68 33.03 2.85 -3.42
CA PHE C 68 32.09 3.81 -2.82
C PHE C 68 32.78 4.66 -1.75
N LEU C 69 33.53 4.01 -0.86
CA LEU C 69 34.20 4.76 0.21
C LEU C 69 35.28 5.68 -0.34
N SER C 70 36.02 5.22 -1.36
CA SER C 70 37.05 6.06 -1.96
C SER C 70 36.43 7.26 -2.67
N ALA C 71 35.29 7.06 -3.32
CA ALA C 71 34.59 8.19 -3.93
C ALA C 71 34.16 9.19 -2.88
N LEU C 72 33.66 8.70 -1.74
CA LEU C 72 33.30 9.61 -0.66
C LEU C 72 34.51 10.40 -0.17
N VAL C 73 35.65 9.73 0.01
CA VAL C 73 36.86 10.41 0.48
C VAL C 73 37.29 11.47 -0.53
N ARG C 74 37.31 11.11 -1.82
CA ARG C 74 37.75 12.04 -2.85
C ARG C 74 36.84 13.26 -2.91
N TYR C 75 35.54 13.05 -2.87
CA TYR C 75 34.62 14.19 -2.94
C TYR C 75 34.66 15.03 -1.68
N GLY C 76 34.96 14.43 -0.52
CA GLY C 76 35.15 15.23 0.68
C GLY C 76 36.38 16.12 0.59
N ILE C 77 37.48 15.58 0.09
CA ILE C 77 38.68 16.38 -0.07
C ILE C 77 38.46 17.49 -1.11
N ILE C 78 37.71 17.17 -2.17
CA ILE C 78 37.39 18.18 -3.17
C ILE C 78 36.51 19.27 -2.57
N ALA C 79 35.60 18.89 -1.68
CA ALA C 79 34.78 19.89 -1.00
C ALA C 79 35.62 20.80 -0.13
N PHE C 80 36.59 20.22 0.61
CA PHE C 80 37.50 21.05 1.39
C PHE C 80 38.25 22.03 0.50
N THR C 81 38.75 21.54 -0.64
CA THR C 81 39.49 22.39 -1.56
C THR C 81 38.61 23.51 -2.12
N LEU C 82 37.37 23.19 -2.47
CA LEU C 82 36.45 24.21 -2.98
C LEU C 82 36.16 25.26 -1.92
N ILE C 83 35.96 24.83 -0.68
CA ILE C 83 35.73 25.80 0.40
C ILE C 83 36.93 26.73 0.55
N ALA C 84 38.13 26.16 0.53
CA ALA C 84 39.33 26.98 0.68
C ALA C 84 39.48 27.98 -0.46
N ALA C 85 39.31 27.52 -1.70
CA ALA C 85 39.48 28.40 -2.85
C ALA C 85 38.42 29.50 -2.89
N LEU C 86 37.17 29.14 -2.64
CA LEU C 86 36.11 30.15 -2.67
C LEU C 86 36.25 31.14 -1.52
N GLY C 87 36.72 30.69 -0.36
CA GLY C 87 37.09 31.63 0.68
C GLY C 87 38.22 32.54 0.26
N ARG C 88 39.15 32.02 -0.54
CA ARG C 88 40.22 32.85 -1.07
C ARG C 88 39.67 33.95 -1.98
N VAL C 89 38.68 33.64 -2.80
CA VAL C 89 38.12 34.65 -3.71
C VAL C 89 36.98 35.41 -3.05
N GLY C 90 36.80 35.23 -1.74
CA GLY C 90 35.89 36.05 -0.98
C GLY C 90 34.54 35.45 -0.66
N VAL C 91 34.26 34.24 -1.14
CA VAL C 91 32.99 33.59 -0.81
C VAL C 91 33.09 33.00 0.60
N GLN C 92 32.08 33.29 1.43
CA GLN C 92 32.12 32.87 2.82
C GLN C 92 31.98 31.35 2.93
N THR C 93 32.47 30.81 4.05
CA THR C 93 32.42 29.37 4.27
C THR C 93 30.99 28.87 4.34
N ALA C 94 30.11 29.62 5.02
CA ALA C 94 28.72 29.19 5.14
C ALA C 94 28.03 29.13 3.78
N SER C 95 28.33 30.10 2.91
CA SER C 95 27.72 30.10 1.57
C SER C 95 28.15 28.87 0.78
N VAL C 96 29.44 28.55 0.82
CA VAL C 96 29.94 27.39 0.10
C VAL C 96 29.33 26.11 0.67
N ILE C 97 29.25 26.01 2.00
CA ILE C 97 28.67 24.83 2.62
C ILE C 97 27.21 24.67 2.21
N ALA C 98 26.45 25.77 2.22
CA ALA C 98 25.04 25.69 1.85
C ALA C 98 24.86 25.30 0.39
N VAL C 99 25.64 25.89 -0.51
CA VAL C 99 25.49 25.57 -1.93
C VAL C 99 25.91 24.14 -2.21
N LEU C 100 27.02 23.68 -1.61
CA LEU C 100 27.44 22.31 -1.79
C LEU C 100 26.44 21.34 -1.19
N GLY C 101 25.81 21.72 -0.07
CA GLY C 101 24.77 20.88 0.51
C GLY C 101 23.55 20.77 -0.39
N ALA C 102 23.15 21.88 -1.00
CA ALA C 102 22.03 21.83 -1.93
C ALA C 102 22.36 20.95 -3.14
N ALA C 103 23.56 21.10 -3.70
CA ALA C 103 23.96 20.29 -4.83
C ALA C 103 24.04 18.81 -4.46
N GLY C 104 24.61 18.50 -3.29
CA GLY C 104 24.67 17.13 -2.83
C GLY C 104 23.31 16.55 -2.56
N LEU C 105 22.38 17.35 -2.04
CA LEU C 105 21.02 16.88 -1.82
C LEU C 105 20.34 16.55 -3.14
N ALA C 106 20.54 17.40 -4.16
CA ALA C 106 19.97 17.11 -5.47
C ALA C 106 20.55 15.83 -6.06
N VAL C 107 21.87 15.67 -5.97
CA VAL C 107 22.51 14.47 -6.51
C VAL C 107 22.06 13.23 -5.74
N GLY C 108 21.91 13.35 -4.41
CA GLY C 108 21.43 12.23 -3.63
C GLY C 108 20.00 11.86 -3.93
N LEU C 109 19.15 12.85 -4.17
CA LEU C 109 17.79 12.55 -4.60
C LEU C 109 17.79 11.84 -5.94
N ALA C 110 18.69 12.24 -6.85
CA ALA C 110 18.77 11.57 -8.13
C ALA C 110 19.28 10.13 -8.00
N LEU C 111 20.19 9.89 -7.06
CA LEU C 111 20.90 8.62 -6.97
C LEU C 111 20.43 7.73 -5.82
N GLN C 112 19.33 8.08 -5.14
CA GLN C 112 18.88 7.29 -4.00
C GLN C 112 18.56 5.84 -4.38
N GLY C 113 17.76 5.66 -5.44
CA GLY C 113 17.41 4.31 -5.85
C GLY C 113 18.60 3.52 -6.33
N SER C 114 19.51 4.17 -7.06
CA SER C 114 20.72 3.50 -7.50
C SER C 114 21.58 3.08 -6.33
N LEU C 115 21.68 3.92 -5.31
CA LEU C 115 22.44 3.56 -4.12
C LEU C 115 21.82 2.38 -3.39
N SER C 116 20.48 2.37 -3.29
CA SER C 116 19.80 1.24 -2.66
C SER C 116 20.07 -0.04 -3.42
N ASN C 117 19.97 0.01 -4.75
CA ASN C 117 20.26 -1.17 -5.57
C ASN C 117 21.71 -1.61 -5.46
N LEU C 118 22.63 -0.65 -5.36
CA LEU C 118 24.05 -0.96 -5.23
C LEU C 118 24.33 -1.71 -3.93
N ALA C 119 23.80 -1.18 -2.81
CA ALA C 119 23.96 -1.85 -1.54
C ALA C 119 23.33 -3.24 -1.56
N ALA C 120 22.14 -3.35 -2.16
CA ALA C 120 21.48 -4.65 -2.23
C ALA C 120 22.27 -5.65 -3.05
N GLY C 121 22.87 -5.20 -4.16
CA GLY C 121 23.69 -6.10 -4.96
C GLY C 121 24.94 -6.53 -4.23
N VAL C 122 25.55 -5.62 -3.46
CA VAL C 122 26.70 -5.99 -2.65
C VAL C 122 26.30 -7.07 -1.64
N LEU C 123 25.15 -6.88 -0.99
CA LEU C 123 24.67 -7.87 -0.03
C LEU C 123 24.37 -9.21 -0.70
N LEU C 124 23.77 -9.17 -1.89
CA LEU C 124 23.47 -10.40 -2.61
C LEU C 124 24.73 -11.18 -2.96
N VAL C 125 25.75 -10.47 -3.44
CA VAL C 125 27.01 -11.15 -3.78
C VAL C 125 27.70 -11.66 -2.52
N MET C 126 27.62 -10.90 -1.42
CA MET C 126 28.34 -11.26 -0.21
C MET C 126 27.72 -12.50 0.45
N PHE C 127 26.39 -12.51 0.61
CA PHE C 127 25.75 -13.59 1.35
C PHE C 127 25.25 -14.73 0.48
N ARG C 128 25.09 -14.50 -0.82
CA ARG C 128 24.74 -15.53 -1.78
C ARG C 128 23.48 -16.32 -1.40
N PRO C 129 22.34 -15.65 -1.26
CA PRO C 129 21.09 -16.41 -1.12
C PRO C 129 20.79 -17.26 -2.35
N PHE C 130 21.22 -16.78 -3.52
CA PHE C 130 21.18 -17.54 -4.75
C PHE C 130 22.47 -17.25 -5.52
N ARG C 131 22.78 -18.12 -6.47
CA ARG C 131 23.94 -17.93 -7.32
C ARG C 131 23.54 -18.18 -8.76
N ALA C 132 24.43 -17.85 -9.68
CA ALA C 132 24.16 -18.05 -11.09
C ALA C 132 23.94 -19.53 -11.38
N GLY C 133 22.89 -19.84 -12.12
CA GLY C 133 22.54 -21.20 -12.47
C GLY C 133 21.46 -21.81 -11.62
N GLU C 134 21.11 -21.19 -10.50
CA GLU C 134 20.08 -21.71 -9.61
C GLU C 134 18.71 -21.18 -10.00
N TYR C 135 17.70 -22.03 -9.88
CA TYR C 135 16.32 -21.66 -10.17
C TYR C 135 15.70 -21.09 -8.89
N VAL C 136 15.23 -19.85 -8.96
CA VAL C 136 14.70 -19.16 -7.79
C VAL C 136 13.36 -18.52 -8.14
N ASP C 137 12.62 -18.17 -7.10
CA ASP C 137 11.37 -17.42 -7.22
C ASP C 137 11.55 -16.13 -6.42
N LEU C 138 11.64 -14.99 -7.12
CA LEU C 138 11.92 -13.70 -6.50
C LEU C 138 10.65 -12.86 -6.54
N GLY C 139 9.81 -13.03 -5.53
CA GLY C 139 8.61 -12.22 -5.41
C GLY C 139 7.60 -12.39 -6.52
N GLY C 140 7.33 -13.63 -6.92
CA GLY C 140 6.30 -13.93 -7.90
C GLY C 140 6.83 -14.29 -9.28
N VAL C 141 8.09 -13.99 -9.58
CA VAL C 141 8.70 -14.35 -10.85
C VAL C 141 9.75 -15.42 -10.59
N ALA C 142 9.72 -16.48 -11.39
CA ALA C 142 10.62 -17.61 -11.23
C ALA C 142 11.45 -17.81 -12.49
N GLY C 143 12.72 -18.17 -12.30
CA GLY C 143 13.59 -18.42 -13.42
C GLY C 143 14.98 -18.77 -12.94
N THR C 144 15.85 -19.06 -13.90
CA THR C 144 17.23 -19.40 -13.62
C THR C 144 18.07 -18.13 -13.58
N VAL C 145 18.80 -17.94 -12.49
CA VAL C 145 19.61 -16.74 -12.33
C VAL C 145 20.74 -16.75 -13.34
N LEU C 146 20.90 -15.65 -14.07
CA LEU C 146 22.00 -15.50 -15.02
C LEU C 146 23.17 -14.75 -14.40
N SER C 147 22.92 -13.61 -13.78
CA SER C 147 23.97 -12.83 -13.15
C SER C 147 23.36 -11.79 -12.24
N VAL C 148 24.11 -11.43 -11.20
CA VAL C 148 23.76 -10.31 -10.33
C VAL C 148 24.64 -9.14 -10.73
N GLN C 149 24.06 -8.13 -11.34
CA GLN C 149 24.82 -6.98 -11.82
C GLN C 149 24.87 -5.91 -10.72
N ILE C 150 25.36 -4.73 -11.09
CA ILE C 150 25.60 -3.69 -10.09
C ILE C 150 24.28 -3.17 -9.53
N PHE C 151 23.27 -3.03 -10.37
CA PHE C 151 21.99 -2.47 -9.95
C PHE C 151 20.81 -3.43 -10.07
N SER C 152 20.95 -4.55 -10.79
CA SER C 152 19.83 -5.44 -10.99
C SER C 152 20.34 -6.85 -11.27
N THR C 153 19.45 -7.82 -11.14
CA THR C 153 19.75 -9.23 -11.38
C THR C 153 18.93 -9.71 -12.58
N THR C 154 19.58 -10.47 -13.46
CA THR C 154 18.94 -11.00 -14.67
C THR C 154 18.66 -12.48 -14.48
N MET C 155 17.45 -12.90 -14.82
CA MET C 155 17.07 -14.31 -14.79
C MET C 155 16.38 -14.67 -16.09
N ARG C 156 16.50 -15.93 -16.48
CA ARG C 156 15.82 -16.47 -17.64
C ARG C 156 14.76 -17.47 -17.20
N THR C 157 13.53 -17.28 -17.66
CA THR C 157 12.43 -18.12 -17.25
C THR C 157 12.51 -19.47 -17.98
N ALA C 158 11.60 -20.37 -17.62
CA ALA C 158 11.60 -21.70 -18.21
C ALA C 158 11.25 -21.67 -19.69
N ASP C 159 10.46 -20.69 -20.12
CA ASP C 159 10.06 -20.57 -21.51
C ASP C 159 10.94 -19.62 -22.31
N GLY C 160 12.02 -19.10 -21.72
CA GLY C 160 13.00 -18.32 -22.46
C GLY C 160 12.92 -16.82 -22.28
N LYS C 161 11.98 -16.32 -21.48
CA LYS C 161 11.93 -14.88 -21.24
C LYS C 161 13.09 -14.44 -20.36
N ILE C 162 13.46 -13.17 -20.50
CA ILE C 162 14.50 -12.55 -19.69
C ILE C 162 13.82 -11.55 -18.77
N ILE C 163 14.04 -11.69 -17.46
CA ILE C 163 13.46 -10.81 -16.46
C ILE C 163 14.59 -10.09 -15.74
N VAL C 164 14.50 -8.78 -15.67
CA VAL C 164 15.47 -7.95 -14.96
C VAL C 164 14.78 -7.40 -13.72
N ILE C 165 15.36 -7.67 -12.56
CA ILE C 165 14.79 -7.31 -11.27
C ILE C 165 15.80 -6.45 -10.53
N PRO C 166 15.42 -5.27 -10.06
CA PRO C 166 16.35 -4.47 -9.25
C PRO C 166 16.75 -5.19 -7.97
N ASN C 167 17.98 -4.98 -7.54
CA ASN C 167 18.53 -5.71 -6.40
C ASN C 167 17.80 -5.37 -5.11
N GLY C 168 17.45 -4.11 -4.91
CA GLY C 168 16.76 -3.72 -3.69
C GLY C 168 15.42 -4.42 -3.54
N LYS C 169 14.69 -4.54 -4.64
CA LYS C 169 13.44 -5.28 -4.63
C LYS C 169 13.66 -6.74 -4.26
N ILE C 170 14.78 -7.32 -4.70
CA ILE C 170 15.08 -8.71 -4.39
C ILE C 170 15.36 -8.89 -2.91
N ILE C 171 16.22 -8.04 -2.34
CA ILE C 171 16.59 -8.23 -0.94
C ILE C 171 15.46 -7.82 -0.01
N ALA C 172 14.55 -6.96 -0.47
CA ALA C 172 13.47 -6.53 0.40
C ALA C 172 12.41 -7.62 0.59
N GLY C 173 12.38 -8.64 -0.27
CA GLY C 173 11.36 -9.65 -0.24
C GLY C 173 11.92 -11.05 -0.02
N ASN C 174 11.02 -12.02 -0.05
CA ASN C 174 11.39 -13.41 0.13
C ASN C 174 12.16 -13.94 -1.08
N ILE C 175 13.15 -14.77 -0.81
CA ILE C 175 13.92 -15.44 -1.84
C ILE C 175 13.69 -16.93 -1.69
N ILE C 176 13.01 -17.53 -2.67
CA ILE C 176 12.72 -18.96 -2.67
C ILE C 176 13.70 -19.62 -3.63
N ASN C 177 14.55 -20.51 -3.10
CA ASN C 177 15.59 -21.15 -3.88
C ASN C 177 15.17 -22.60 -4.13
N PHE C 178 14.98 -22.94 -5.41
CA PHE C 178 14.58 -24.29 -5.78
C PHE C 178 15.75 -25.24 -5.90
N SER C 179 16.97 -24.74 -6.09
CA SER C 179 18.11 -25.57 -6.41
C SER C 179 19.09 -25.75 -5.25
N ARG C 180 18.87 -25.09 -4.12
CA ARG C 180 19.85 -25.13 -3.04
C ARG C 180 19.93 -26.52 -2.41
N GLU C 181 18.78 -27.14 -2.11
CA GLU C 181 18.80 -28.46 -1.49
C GLU C 181 19.01 -29.53 -2.56
N PRO C 182 19.87 -30.51 -2.32
CA PRO C 182 20.10 -31.56 -3.33
C PRO C 182 18.94 -32.53 -3.47
N VAL C 183 18.04 -32.59 -2.49
CA VAL C 183 16.93 -33.54 -2.49
C VAL C 183 15.63 -32.76 -2.31
N ARG C 184 14.63 -33.08 -3.12
CA ARG C 184 13.33 -32.46 -3.05
C ARG C 184 12.23 -33.51 -3.12
N ARG C 185 11.00 -33.10 -2.83
CA ARG C 185 9.88 -34.00 -2.66
C ARG C 185 8.84 -33.82 -3.76
N ASN C 186 8.32 -34.93 -4.25
CA ASN C 186 7.17 -34.96 -5.15
C ASN C 186 5.91 -35.29 -4.38
N GLU C 187 4.79 -34.74 -4.83
CA GLU C 187 3.49 -35.01 -4.23
C GLU C 187 2.50 -35.40 -5.32
N PHE C 188 1.81 -36.50 -5.10
CA PHE C 188 0.79 -37.00 -6.03
C PHE C 188 -0.55 -37.01 -5.32
N ILE C 189 -1.57 -36.47 -5.98
CA ILE C 189 -2.94 -36.50 -5.49
C ILE C 189 -3.74 -37.32 -6.48
N ILE C 190 -4.06 -38.55 -6.11
CA ILE C 190 -4.77 -39.48 -6.98
C ILE C 190 -6.19 -39.63 -6.45
N GLY C 191 -7.18 -39.33 -7.30
CA GLY C 191 -8.57 -39.48 -6.95
C GLY C 191 -9.16 -40.71 -7.61
N VAL C 192 -9.64 -41.63 -6.79
CA VAL C 192 -10.24 -42.87 -7.26
C VAL C 192 -11.69 -42.93 -6.81
N ALA C 193 -12.44 -43.84 -7.41
CA ALA C 193 -13.85 -43.98 -7.09
C ALA C 193 -14.04 -44.44 -5.64
N TYR C 194 -15.20 -44.09 -5.08
CA TYR C 194 -15.48 -44.41 -3.68
C TYR C 194 -15.52 -45.92 -3.43
N ASP C 195 -16.00 -46.69 -4.40
CA ASP C 195 -16.12 -48.13 -4.21
C ASP C 195 -14.80 -48.86 -4.40
N SER C 196 -13.71 -48.15 -4.66
CA SER C 196 -12.40 -48.77 -4.79
C SER C 196 -11.93 -49.32 -3.44
N ASP C 197 -11.20 -50.43 -3.50
CA ASP C 197 -10.64 -51.02 -2.30
C ASP C 197 -9.44 -50.19 -1.84
N ILE C 198 -9.47 -49.74 -0.59
CA ILE C 198 -8.42 -48.87 -0.08
C ILE C 198 -7.09 -49.61 -0.03
N ASP C 199 -7.11 -50.87 0.46
CA ASP C 199 -5.87 -51.63 0.60
C ASP C 199 -5.23 -51.91 -0.76
N GLN C 200 -6.04 -52.21 -1.77
CA GLN C 200 -5.49 -52.47 -3.10
C GLN C 200 -4.83 -51.22 -3.66
N VAL C 201 -5.48 -50.06 -3.51
CA VAL C 201 -4.89 -48.81 -3.99
C VAL C 201 -3.57 -48.54 -3.26
N LYS C 202 -3.57 -48.71 -1.94
CA LYS C 202 -2.36 -48.46 -1.16
C LYS C 202 -1.23 -49.38 -1.59
N GLN C 203 -1.53 -50.67 -1.79
CA GLN C 203 -0.47 -51.61 -2.14
C GLN C 203 0.03 -51.39 -3.57
N ILE C 204 -0.85 -51.03 -4.50
CA ILE C 204 -0.41 -50.74 -5.85
C ILE C 204 0.50 -49.51 -5.87
N LEU C 205 0.10 -48.45 -5.18
CA LEU C 205 0.94 -47.25 -5.12
C LEU C 205 2.26 -47.54 -4.43
N THR C 206 2.23 -48.34 -3.37
CA THR C 206 3.45 -48.69 -2.66
C THR C 206 4.39 -49.50 -3.56
N ASN C 207 3.85 -50.45 -4.33
CA ASN C 207 4.67 -51.19 -5.26
C ASN C 207 5.27 -50.29 -6.32
N ILE C 208 4.49 -49.34 -6.83
CA ILE C 208 4.99 -48.42 -7.85
C ILE C 208 6.15 -47.60 -7.30
N ILE C 209 6.00 -47.06 -6.08
CA ILE C 209 7.06 -46.22 -5.55
C ILE C 209 8.24 -47.03 -5.03
N GLN C 210 8.05 -48.29 -4.68
CA GLN C 210 9.18 -49.13 -4.27
C GLN C 210 9.98 -49.60 -5.47
N SER C 211 9.32 -49.86 -6.59
CA SER C 211 10.02 -50.32 -7.78
C SER C 211 10.76 -49.20 -8.51
N GLU C 212 10.59 -47.95 -8.08
CA GLU C 212 11.28 -46.82 -8.69
C GLU C 212 12.61 -46.60 -7.97
N ASP C 213 13.71 -46.72 -8.71
CA ASP C 213 15.04 -46.62 -8.10
C ASP C 213 15.42 -45.19 -7.76
N ARG C 214 14.89 -44.20 -8.49
CA ARG C 214 15.26 -42.82 -8.24
C ARG C 214 14.55 -42.23 -7.02
N ILE C 215 13.61 -42.95 -6.43
CA ILE C 215 12.96 -42.51 -5.19
C ILE C 215 13.79 -42.97 -4.01
N LEU C 216 14.15 -42.03 -3.14
CA LEU C 216 15.02 -42.34 -2.01
C LEU C 216 14.25 -43.15 -0.97
N LYS C 217 14.68 -44.38 -0.74
CA LYS C 217 13.98 -45.27 0.18
C LYS C 217 14.25 -44.94 1.64
N ASP C 218 15.28 -44.15 1.93
CA ASP C 218 15.56 -43.73 3.30
C ASP C 218 14.81 -42.47 3.70
N ARG C 219 13.99 -41.91 2.81
CA ARG C 219 13.19 -40.73 3.09
C ARG C 219 11.74 -41.13 3.32
N GLU C 220 10.88 -40.12 3.46
CA GLU C 220 9.45 -40.34 3.60
C GLU C 220 8.87 -40.95 2.33
N MET C 221 8.00 -41.94 2.49
CA MET C 221 7.34 -42.64 1.39
C MET C 221 5.85 -42.75 1.66
N THR C 222 5.24 -41.63 2.01
CA THR C 222 3.84 -41.61 2.44
C THR C 222 2.90 -42.03 1.32
N VAL C 223 2.02 -42.99 1.61
CA VAL C 223 0.92 -43.37 0.75
C VAL C 223 -0.30 -43.52 1.66
N ARG C 224 -1.11 -42.47 1.74
CA ARG C 224 -2.24 -42.46 2.67
C ARG C 224 -3.48 -41.94 1.96
N LEU C 225 -4.65 -42.36 2.45
CA LEU C 225 -5.90 -41.73 2.06
C LEU C 225 -6.01 -40.37 2.72
N ASN C 226 -6.20 -39.34 1.91
CA ASN C 226 -6.05 -37.96 2.38
C ASN C 226 -7.37 -37.19 2.47
N GLU C 227 -8.32 -37.45 1.57
CA GLU C 227 -9.51 -36.62 1.52
C GLU C 227 -10.66 -37.42 0.97
N LEU C 228 -11.87 -37.16 1.49
CA LEU C 228 -13.11 -37.69 0.93
C LEU C 228 -13.73 -36.56 0.11
N GLY C 229 -13.42 -36.55 -1.19
CA GLY C 229 -13.87 -35.49 -2.06
C GLY C 229 -15.31 -35.65 -2.50
N ALA C 230 -15.74 -34.70 -3.32
CA ALA C 230 -17.13 -34.70 -3.80
C ALA C 230 -17.43 -35.92 -4.66
N SER C 231 -16.53 -36.26 -5.58
CA SER C 231 -16.74 -37.36 -6.50
C SER C 231 -15.72 -38.47 -6.37
N SER C 232 -14.69 -38.31 -5.53
CA SER C 232 -13.63 -39.28 -5.45
C SER C 232 -13.00 -39.23 -4.07
N ILE C 233 -12.31 -40.30 -3.71
CA ILE C 233 -11.47 -40.34 -2.52
C ILE C 233 -10.03 -40.13 -2.95
N ASN C 234 -9.36 -39.16 -2.35
CA ASN C 234 -8.05 -38.72 -2.79
C ASN C 234 -6.96 -39.35 -1.94
N PHE C 235 -5.98 -39.96 -2.60
CA PHE C 235 -4.81 -40.51 -1.95
C PHE C 235 -3.62 -39.58 -2.20
N VAL C 236 -2.81 -39.39 -1.18
CA VAL C 236 -1.62 -38.54 -1.26
C VAL C 236 -0.39 -39.43 -1.25
N VAL C 237 0.52 -39.20 -2.19
CA VAL C 237 1.78 -39.91 -2.28
C VAL C 237 2.89 -38.88 -2.26
N ARG C 238 3.77 -38.96 -1.25
CA ARG C 238 4.88 -38.04 -1.09
C ARG C 238 6.18 -38.84 -1.06
N VAL C 239 7.03 -38.62 -2.05
CA VAL C 239 8.30 -39.32 -2.16
C VAL C 239 9.40 -38.30 -2.47
N TRP C 240 10.61 -38.62 -2.08
CA TRP C 240 11.76 -37.74 -2.26
C TRP C 240 12.69 -38.28 -3.34
N SER C 241 13.37 -37.37 -4.01
CA SER C 241 14.32 -37.71 -5.06
C SER C 241 15.36 -36.61 -5.16
N ASN C 242 16.45 -36.91 -5.85
CA ASN C 242 17.45 -35.89 -6.15
C ASN C 242 16.83 -34.83 -7.05
N SER C 243 17.32 -33.59 -6.90
CA SER C 243 16.72 -32.46 -7.59
C SER C 243 16.72 -32.65 -9.10
N GLY C 244 17.74 -33.33 -9.64
CA GLY C 244 17.81 -33.55 -11.06
C GLY C 244 16.91 -34.64 -11.60
N ASP C 245 16.23 -35.37 -10.71
CA ASP C 245 15.34 -36.44 -11.11
C ASP C 245 13.88 -36.21 -10.76
N LEU C 246 13.55 -35.05 -10.19
CA LEU C 246 12.21 -34.85 -9.63
C LEU C 246 11.13 -34.90 -10.70
N GLN C 247 11.31 -34.14 -11.78
CA GLN C 247 10.28 -34.06 -12.81
C GLN C 247 10.13 -35.39 -13.55
N ASN C 248 11.25 -36.03 -13.87
CA ASN C 248 11.19 -37.33 -14.53
C ASN C 248 10.52 -38.37 -13.64
N VAL C 249 10.81 -38.36 -12.34
CA VAL C 249 10.15 -39.28 -11.42
C VAL C 249 8.66 -39.00 -11.38
N TYR C 250 8.27 -37.73 -11.33
CA TYR C 250 6.84 -37.40 -11.33
C TYR C 250 6.15 -37.96 -12.56
N TRP C 251 6.73 -37.72 -13.74
CA TRP C 251 6.11 -38.17 -14.98
C TRP C 251 6.03 -39.70 -15.04
N ASP C 252 7.13 -40.38 -14.70
CA ASP C 252 7.14 -41.83 -14.78
C ASP C 252 6.16 -42.45 -13.79
N VAL C 253 6.12 -41.93 -12.56
CA VAL C 253 5.22 -42.46 -11.55
C VAL C 253 3.76 -42.21 -11.94
N LEU C 254 3.47 -41.04 -12.51
CA LEU C 254 2.10 -40.77 -12.94
C LEU C 254 1.67 -41.72 -14.05
N GLU C 255 2.54 -41.94 -15.03
CA GLU C 255 2.19 -42.87 -16.12
C GLU C 255 2.01 -44.28 -15.60
N ARG C 256 2.88 -44.72 -14.68
CA ARG C 256 2.74 -46.05 -14.11
C ARG C 256 1.45 -46.17 -13.29
N ILE C 257 1.10 -45.12 -12.55
CA ILE C 257 -0.15 -45.14 -11.78
C ILE C 257 -1.33 -45.30 -12.72
N LYS C 258 -1.35 -44.53 -13.82
CA LYS C 258 -2.43 -44.65 -14.78
C LYS C 258 -2.52 -46.07 -15.35
N ARG C 259 -1.38 -46.61 -15.81
CA ARG C 259 -1.39 -47.92 -16.45
C ARG C 259 -1.82 -49.01 -15.47
N GLU C 260 -1.27 -48.99 -14.25
CA GLU C 260 -1.57 -50.05 -13.30
C GLU C 260 -2.98 -49.94 -12.74
N PHE C 261 -3.50 -48.73 -12.56
CA PHE C 261 -4.90 -48.60 -12.15
C PHE C 261 -5.84 -49.06 -13.25
N ASP C 262 -5.50 -48.79 -14.51
CA ASP C 262 -6.31 -49.32 -15.61
C ASP C 262 -6.25 -50.84 -15.64
N ALA C 263 -5.07 -51.41 -15.41
CA ALA C 263 -4.93 -52.87 -15.46
C ALA C 263 -5.67 -53.54 -14.30
N ALA C 264 -5.65 -52.92 -13.12
CA ALA C 264 -6.27 -53.50 -11.93
C ALA C 264 -7.74 -53.18 -11.80
N GLY C 265 -8.32 -52.41 -12.71
CA GLY C 265 -9.72 -52.07 -12.65
C GLY C 265 -10.06 -50.92 -11.74
N ILE C 266 -9.08 -50.27 -11.12
CA ILE C 266 -9.35 -49.11 -10.28
C ILE C 266 -9.72 -47.94 -11.17
N SER C 267 -10.88 -47.34 -10.91
CA SER C 267 -11.45 -46.35 -11.82
C SER C 267 -11.13 -44.94 -11.36
N PHE C 268 -10.69 -44.11 -12.30
CA PHE C 268 -10.59 -42.68 -12.07
C PHE C 268 -11.97 -42.10 -12.38
N PRO C 269 -12.69 -41.57 -11.39
CA PRO C 269 -14.10 -41.23 -11.61
C PRO C 269 -14.29 -39.88 -12.26
N TYR C 270 -15.27 -39.83 -13.16
CA TYR C 270 -15.75 -38.56 -13.68
C TYR C 270 -16.54 -37.83 -12.60
N PRO C 271 -16.76 -36.52 -12.76
CA PRO C 271 -17.62 -35.81 -11.81
C PRO C 271 -18.97 -36.48 -11.65
N GLN C 272 -19.35 -36.78 -10.41
CA GLN C 272 -20.56 -37.53 -10.11
C GLN C 272 -21.75 -36.59 -9.89
N MET C 273 -22.94 -37.15 -10.02
CA MET C 273 -24.17 -36.38 -9.86
C MET C 273 -25.30 -37.34 -9.57
N ASP C 274 -25.91 -37.22 -8.39
CA ASP C 274 -27.12 -37.96 -8.07
C ASP C 274 -28.32 -37.13 -8.52
N VAL C 275 -29.02 -37.60 -9.54
CA VAL C 275 -30.14 -36.89 -10.13
C VAL C 275 -31.43 -37.54 -9.63
N ASN C 276 -32.25 -36.77 -8.93
CA ASN C 276 -33.53 -37.23 -8.43
C ASN C 276 -34.60 -36.79 -9.42
N PHE C 277 -35.09 -37.72 -10.22
CA PHE C 277 -35.97 -37.44 -11.34
C PHE C 277 -37.39 -37.20 -10.84
N LYS C 278 -37.97 -36.08 -11.28
CA LYS C 278 -39.34 -35.71 -10.90
C LYS C 278 -40.03 -35.13 -12.10
N ARG C 279 -41.10 -35.76 -12.55
CA ARG C 279 -41.87 -35.33 -13.71
C ARG C 279 -43.20 -34.76 -13.24
N VAL C 280 -43.50 -33.53 -13.64
CA VAL C 280 -44.75 -32.90 -13.27
C VAL C 280 -45.73 -32.94 -14.44
N ALA D 19 63.40 33.02 0.64
CA ALA D 19 63.72 34.05 1.62
C ALA D 19 63.03 33.76 2.95
N ASN D 20 61.69 33.73 2.92
CA ASN D 20 60.89 33.48 4.12
C ASN D 20 60.79 31.98 4.33
N GLN D 21 61.87 31.40 4.87
CA GLN D 21 61.89 29.96 5.14
C GLN D 21 61.08 29.57 6.37
N ALA D 22 60.67 30.54 7.19
CA ALA D 22 59.88 30.22 8.37
C ALA D 22 58.50 29.69 8.01
N LEU D 23 57.86 30.29 6.99
CA LEU D 23 56.51 29.90 6.63
C LEU D 23 56.47 28.47 6.09
N LEU D 24 57.42 28.11 5.25
CA LEU D 24 57.45 26.75 4.70
C LEU D 24 57.69 25.72 5.80
N LEU D 25 58.58 26.04 6.74
CA LEU D 25 58.80 25.15 7.87
C LEU D 25 57.54 25.03 8.72
N SER D 26 56.82 26.12 8.91
CA SER D 26 55.56 26.06 9.65
C SER D 26 54.54 25.19 8.95
N TYR D 27 54.43 25.31 7.63
CA TYR D 27 53.49 24.47 6.89
C TYR D 27 53.86 23.00 7.01
N ALA D 28 55.15 22.70 6.87
CA ALA D 28 55.60 21.31 6.99
C ALA D 28 55.33 20.75 8.38
N VAL D 29 55.59 21.55 9.42
CA VAL D 29 55.37 21.07 10.77
C VAL D 29 53.87 20.92 11.04
N ASN D 30 53.03 21.75 10.42
CA ASN D 30 51.59 21.56 10.57
C ASN D 30 51.13 20.27 9.91
N ILE D 31 51.67 19.96 8.74
CA ILE D 31 51.32 18.69 8.08
C ILE D 31 51.77 17.51 8.94
N VAL D 32 52.98 17.59 9.48
CA VAL D 32 53.50 16.51 10.32
C VAL D 32 52.64 16.35 11.57
N ALA D 33 52.24 17.48 12.18
CA ALA D 33 51.38 17.43 13.34
C ALA D 33 50.03 16.80 13.02
N ALA D 34 49.48 17.12 11.84
CA ALA D 34 48.21 16.52 11.44
C ALA D 34 48.36 15.01 11.27
N LEU D 35 49.45 14.56 10.64
CA LEU D 35 49.66 13.13 10.48
C LEU D 35 49.83 12.44 11.84
N ALA D 36 50.56 13.06 12.75
CA ALA D 36 50.72 12.48 14.09
C ALA D 36 49.39 12.41 14.82
N ILE D 37 48.56 13.45 14.69
CA ILE D 37 47.24 13.44 15.29
C ILE D 37 46.40 12.31 14.71
N ILE D 38 46.47 12.12 13.39
CA ILE D 38 45.70 11.05 12.76
C ILE D 38 46.11 9.70 13.32
N ILE D 39 47.42 9.45 13.40
CA ILE D 39 47.90 8.15 13.87
C ILE D 39 47.50 7.93 15.32
N VAL D 40 47.75 8.91 16.17
CA VAL D 40 47.44 8.77 17.59
C VAL D 40 45.95 8.59 17.80
N GLY D 41 45.13 9.33 17.05
CA GLY D 41 43.70 9.19 17.18
C GLY D 41 43.18 7.84 16.73
N LEU D 42 43.74 7.30 15.65
CA LEU D 42 43.35 5.95 15.23
C LEU D 42 43.70 4.92 16.30
N ILE D 43 44.90 5.04 16.88
CA ILE D 43 45.31 4.08 17.91
C ILE D 43 44.39 4.19 19.12
N ILE D 44 44.11 5.42 19.55
CA ILE D 44 43.26 5.64 20.73
C ILE D 44 41.84 5.14 20.46
N ALA D 45 41.33 5.38 19.25
CA ALA D 45 40.00 4.89 18.92
C ALA D 45 39.94 3.38 18.97
N ARG D 46 40.95 2.70 18.42
CA ARG D 46 40.97 1.25 18.47
C ARG D 46 41.00 0.76 19.91
N MET D 47 41.87 1.35 20.74
CA MET D 47 42.00 0.89 22.12
C MET D 47 40.72 1.10 22.91
N ILE D 48 40.12 2.28 22.79
CA ILE D 48 38.91 2.58 23.56
C ILE D 48 37.74 1.74 23.08
N SER D 49 37.62 1.55 21.75
CA SER D 49 36.55 0.72 21.23
C SER D 49 36.68 -0.71 21.70
N ASN D 50 37.91 -1.25 21.71
CA ASN D 50 38.11 -2.61 22.20
C ASN D 50 37.80 -2.72 23.68
N ALA D 51 38.20 -1.72 24.47
CA ALA D 51 37.91 -1.76 25.90
C ALA D 51 36.41 -1.71 26.15
N VAL D 52 35.69 -0.86 25.43
CA VAL D 52 34.24 -0.77 25.58
C VAL D 52 33.58 -2.07 25.16
N ASN D 53 34.06 -2.67 24.07
CA ASN D 53 33.50 -3.93 23.61
C ASN D 53 33.70 -5.03 24.64
N ARG D 54 34.90 -5.13 25.22
CA ARG D 54 35.15 -6.13 26.25
C ARG D 54 34.29 -5.88 27.48
N LEU D 55 34.12 -4.61 27.86
CA LEU D 55 33.28 -4.28 29.00
C LEU D 55 31.84 -4.70 28.77
N MET D 56 31.31 -4.44 27.56
CA MET D 56 29.94 -4.80 27.27
C MET D 56 29.76 -6.32 27.19
N ILE D 57 30.75 -7.02 26.62
CA ILE D 57 30.67 -8.48 26.56
C ILE D 57 30.70 -9.07 27.96
N SER D 58 31.55 -8.53 28.84
CA SER D 58 31.62 -9.04 30.21
C SER D 58 30.34 -8.82 30.98
N ARG D 59 29.50 -7.88 30.54
CA ARG D 59 28.19 -7.66 31.15
C ARG D 59 27.10 -8.48 30.50
N LYS D 60 27.47 -9.55 29.78
CA LYS D 60 26.52 -10.49 29.16
C LYS D 60 25.63 -9.83 28.12
N ILE D 61 26.01 -8.66 27.63
CA ILE D 61 25.26 -8.00 26.56
C ILE D 61 25.51 -8.74 25.26
N ASP D 62 24.51 -8.75 24.39
CA ASP D 62 24.59 -9.49 23.14
C ASP D 62 25.77 -9.03 22.31
N ALA D 63 26.42 -9.99 21.64
CA ALA D 63 27.63 -9.70 20.89
C ALA D 63 27.37 -8.70 19.76
N THR D 64 26.24 -8.86 19.07
CA THR D 64 25.93 -7.96 17.96
C THR D 64 25.72 -6.52 18.45
N VAL D 65 24.99 -6.36 19.55
CA VAL D 65 24.76 -5.03 20.10
C VAL D 65 26.07 -4.41 20.55
N ALA D 66 26.93 -5.21 21.20
CA ALA D 66 28.23 -4.71 21.63
C ALA D 66 29.08 -4.29 20.44
N ASP D 67 29.07 -5.07 19.37
CA ASP D 67 29.83 -4.71 18.18
C ASP D 67 29.31 -3.42 17.57
N PHE D 68 27.99 -3.26 17.49
CA PHE D 68 27.41 -2.05 16.93
C PHE D 68 27.82 -0.82 17.75
N LEU D 69 27.68 -0.91 19.07
CA LEU D 69 28.00 0.22 19.92
C LEU D 69 29.50 0.54 19.89
N SER D 70 30.34 -0.50 19.86
CA SER D 70 31.79 -0.27 19.78
C SER D 70 32.17 0.37 18.46
N ALA D 71 31.52 -0.04 17.37
CA ALA D 71 31.76 0.59 16.09
C ALA D 71 31.38 2.06 16.13
N LEU D 72 30.25 2.38 16.77
CA LEU D 72 29.86 3.77 16.91
C LEU D 72 30.89 4.56 17.70
N VAL D 73 31.38 4.00 18.80
CA VAL D 73 32.39 4.67 19.62
C VAL D 73 33.66 4.92 18.81
N ARG D 74 34.13 3.88 18.11
CA ARG D 74 35.36 4.00 17.33
C ARG D 74 35.24 5.05 16.25
N TYR D 75 34.11 5.06 15.52
CA TYR D 75 33.95 6.03 14.46
C TYR D 75 33.75 7.43 15.00
N GLY D 76 33.17 7.58 16.19
CA GLY D 76 33.09 8.89 16.81
C GLY D 76 34.46 9.44 17.19
N ILE D 77 35.31 8.59 17.77
CA ILE D 77 36.66 9.01 18.11
C ILE D 77 37.45 9.35 16.85
N ILE D 78 37.26 8.55 15.79
CA ILE D 78 37.93 8.84 14.53
C ILE D 78 37.45 10.16 13.96
N ALA D 79 36.16 10.47 14.12
CA ALA D 79 35.64 11.76 13.67
C ALA D 79 36.28 12.91 14.43
N PHE D 80 36.42 12.75 15.76
CA PHE D 80 37.11 13.76 16.55
C PHE D 80 38.53 13.97 16.05
N THR D 81 39.24 12.87 15.79
CA THR D 81 40.61 12.95 15.31
C THR D 81 40.69 13.64 13.96
N LEU D 82 39.77 13.31 13.05
CA LEU D 82 39.77 13.95 11.73
C LEU D 82 39.51 15.44 11.86
N ILE D 83 38.57 15.84 12.73
CA ILE D 83 38.30 17.26 12.92
C ILE D 83 39.55 17.96 13.43
N ALA D 84 40.23 17.36 14.40
CA ALA D 84 41.43 17.98 14.95
C ALA D 84 42.52 18.12 13.90
N ALA D 85 42.79 17.06 13.14
CA ALA D 85 43.85 17.09 12.14
C ALA D 85 43.54 18.08 11.02
N LEU D 86 42.30 18.07 10.51
CA LEU D 86 41.95 18.99 9.44
C LEU D 86 41.95 20.43 9.91
N GLY D 87 41.57 20.68 11.17
CA GLY D 87 41.76 22.00 11.73
C GLY D 87 43.22 22.38 11.81
N ARG D 88 44.09 21.40 12.08
CA ARG D 88 45.52 21.66 12.08
C ARG D 88 46.01 22.09 10.70
N VAL D 89 45.50 21.46 9.64
CA VAL D 89 45.95 21.83 8.29
C VAL D 89 45.10 22.95 7.71
N GLY D 90 44.27 23.58 8.54
CA GLY D 90 43.57 24.78 8.15
C GLY D 90 42.12 24.62 7.74
N VAL D 91 41.60 23.40 7.70
CA VAL D 91 40.19 23.20 7.38
C VAL D 91 39.34 23.52 8.60
N GLN D 92 38.31 24.33 8.41
CA GLN D 92 37.49 24.78 9.53
C GLN D 92 36.67 23.63 10.09
N THR D 93 36.27 23.77 11.36
CA THR D 93 35.51 22.74 12.03
C THR D 93 34.15 22.53 11.37
N ALA D 94 33.49 23.62 10.97
CA ALA D 94 32.19 23.51 10.33
C ALA D 94 32.28 22.76 9.01
N SER D 95 33.34 23.00 8.24
CA SER D 95 33.51 22.30 6.96
C SER D 95 33.67 20.81 7.18
N VAL D 96 34.51 20.43 8.15
CA VAL D 96 34.71 19.01 8.44
C VAL D 96 33.42 18.37 8.92
N ILE D 97 32.69 19.06 9.79
CA ILE D 97 31.43 18.53 10.29
C ILE D 97 30.44 18.32 9.16
N ALA D 98 30.33 19.30 8.25
CA ALA D 98 29.40 19.18 7.14
C ALA D 98 29.78 18.04 6.20
N VAL D 99 31.07 17.93 5.87
CA VAL D 99 31.49 16.87 4.95
C VAL D 99 31.31 15.50 5.59
N LEU D 100 31.67 15.36 6.86
CA LEU D 100 31.47 14.09 7.54
C LEU D 100 30.00 13.76 7.68
N GLY D 101 29.16 14.77 7.88
CA GLY D 101 27.73 14.54 7.93
C GLY D 101 27.18 14.06 6.60
N ALA D 102 27.64 14.66 5.50
CA ALA D 102 27.20 14.20 4.18
C ALA D 102 27.64 12.77 3.92
N ALA D 103 28.89 12.44 4.26
CA ALA D 103 29.38 11.08 4.06
C ALA D 103 28.61 10.09 4.93
N GLY D 104 28.36 10.45 6.19
CA GLY D 104 27.59 9.59 7.06
C GLY D 104 26.16 9.42 6.61
N LEU D 105 25.56 10.47 6.07
CA LEU D 105 24.21 10.36 5.52
C LEU D 105 24.17 9.41 4.33
N ALA D 106 25.17 9.50 3.46
CA ALA D 106 25.24 8.58 2.33
C ALA D 106 25.40 7.13 2.79
N VAL D 107 26.30 6.91 3.75
CA VAL D 107 26.51 5.56 4.27
C VAL D 107 25.26 5.05 4.97
N GLY D 108 24.57 5.91 5.71
CA GLY D 108 23.35 5.51 6.37
C GLY D 108 22.24 5.18 5.39
N LEU D 109 22.13 5.95 4.31
CA LEU D 109 21.17 5.61 3.28
C LEU D 109 21.49 4.26 2.65
N ALA D 110 22.77 3.98 2.46
CA ALA D 110 23.17 2.68 1.92
C ALA D 110 22.85 1.54 2.88
N LEU D 111 23.00 1.78 4.19
CA LEU D 111 22.94 0.72 5.19
C LEU D 111 21.65 0.71 6.00
N GLN D 112 20.64 1.49 5.62
CA GLN D 112 19.41 1.56 6.40
C GLN D 112 18.72 0.21 6.49
N GLY D 113 18.53 -0.46 5.35
CA GLY D 113 17.86 -1.76 5.37
C GLY D 113 18.65 -2.81 6.12
N SER D 114 19.97 -2.80 5.95
CA SER D 114 20.82 -3.72 6.68
C SER D 114 20.73 -3.49 8.18
N LEU D 115 20.70 -2.23 8.60
CA LEU D 115 20.56 -1.93 10.03
C LEU D 115 19.21 -2.40 10.56
N SER D 116 18.14 -2.20 9.79
CA SER D 116 16.83 -2.68 10.20
C SER D 116 16.84 -4.20 10.36
N ASN D 117 17.41 -4.91 9.39
CA ASN D 117 17.50 -6.36 9.48
C ASN D 117 18.37 -6.81 10.65
N LEU D 118 19.44 -6.08 10.92
CA LEU D 118 20.33 -6.42 12.03
C LEU D 118 19.60 -6.30 13.37
N ALA D 119 18.89 -5.18 13.57
CA ALA D 119 18.12 -5.02 14.79
C ALA D 119 17.04 -6.08 14.91
N ALA D 120 16.37 -6.39 13.80
CA ALA D 120 15.33 -7.41 13.82
C ALA D 120 15.89 -8.78 14.16
N GLY D 121 17.06 -9.12 13.63
CA GLY D 121 17.68 -10.39 13.97
C GLY D 121 18.10 -10.47 15.42
N VAL D 122 18.59 -9.36 15.97
CA VAL D 122 18.92 -9.32 17.39
C VAL D 122 17.67 -9.57 18.22
N LEU D 123 16.56 -8.92 17.85
CA LEU D 123 15.31 -9.12 18.58
C LEU D 123 14.82 -10.56 18.44
N LEU D 124 14.93 -11.14 17.25
CA LEU D 124 14.49 -12.52 17.05
C LEU D 124 15.29 -13.49 17.92
N VAL D 125 16.61 -13.30 17.98
CA VAL D 125 17.43 -14.19 18.81
C VAL D 125 17.15 -13.95 20.29
N MET D 126 16.90 -12.70 20.67
CA MET D 126 16.70 -12.38 22.09
C MET D 126 15.38 -12.93 22.61
N PHE D 127 14.29 -12.71 21.88
CA PHE D 127 12.98 -13.10 22.39
C PHE D 127 12.51 -14.46 21.91
N ARG D 128 13.11 -15.00 20.86
CA ARG D 128 12.84 -16.35 20.39
C ARG D 128 11.35 -16.64 20.15
N PRO D 129 10.70 -15.89 19.26
CA PRO D 129 9.34 -16.29 18.86
C PRO D 129 9.34 -17.64 18.16
N PHE D 130 10.43 -17.98 17.47
CA PHE D 130 10.65 -19.29 16.92
C PHE D 130 12.12 -19.64 17.11
N ARG D 131 12.43 -20.93 17.01
CA ARG D 131 13.81 -21.38 17.11
C ARG D 131 14.07 -22.37 15.97
N ALA D 132 15.34 -22.72 15.80
CA ALA D 132 15.71 -23.67 14.77
C ALA D 132 15.03 -25.02 15.02
N GLY D 133 14.44 -25.57 13.96
CA GLY D 133 13.75 -26.83 14.03
C GLY D 133 12.24 -26.72 14.15
N GLU D 134 11.71 -25.54 14.43
CA GLU D 134 10.28 -25.35 14.57
C GLU D 134 9.65 -24.99 13.23
N TYR D 135 8.45 -25.50 13.01
CA TYR D 135 7.70 -25.20 11.79
C TYR D 135 6.87 -23.94 12.03
N VAL D 136 7.09 -22.92 11.20
CA VAL D 136 6.43 -21.63 11.38
C VAL D 136 5.85 -21.17 10.05
N ASP D 137 4.95 -20.20 10.14
CA ASP D 137 4.38 -19.52 8.99
C ASP D 137 4.71 -18.04 9.14
N LEU D 138 5.59 -17.53 8.28
CA LEU D 138 6.08 -16.15 8.38
C LEU D 138 5.50 -15.35 7.22
N GLY D 139 4.30 -14.82 7.43
CA GLY D 139 3.70 -13.95 6.43
C GLY D 139 3.36 -14.62 5.11
N GLY D 140 2.80 -15.82 5.15
CA GLY D 140 2.37 -16.52 3.96
C GLY D 140 3.26 -17.66 3.51
N VAL D 141 4.49 -17.72 3.99
CA VAL D 141 5.40 -18.82 3.67
C VAL D 141 5.62 -19.66 4.92
N ALA D 142 5.51 -20.97 4.79
CA ALA D 142 5.62 -21.90 5.90
C ALA D 142 6.76 -22.87 5.66
N GLY D 143 7.47 -23.19 6.73
CA GLY D 143 8.58 -24.13 6.63
C GLY D 143 9.26 -24.29 7.97
N THR D 144 10.25 -25.17 7.99
CA THR D 144 11.03 -25.46 9.19
C THR D 144 12.20 -24.48 9.26
N VAL D 145 12.33 -23.78 10.39
CA VAL D 145 13.40 -22.81 10.54
C VAL D 145 14.74 -23.52 10.60
N LEU D 146 15.68 -23.06 9.77
CA LEU D 146 17.03 -23.60 9.78
C LEU D 146 17.96 -22.78 10.66
N SER D 147 17.98 -21.46 10.47
CA SER D 147 18.83 -20.59 11.26
C SER D 147 18.37 -19.15 11.08
N VAL D 148 18.62 -18.34 12.11
CA VAL D 148 18.42 -16.90 12.04
C VAL D 148 19.81 -16.27 11.89
N GLN D 149 20.09 -15.74 10.71
CA GLN D 149 21.40 -15.16 10.44
C GLN D 149 21.39 -13.68 10.79
N ILE D 150 22.45 -12.97 10.40
CA ILE D 150 22.61 -11.58 10.82
C ILE D 150 21.57 -10.70 10.16
N PHE D 151 21.26 -10.95 8.89
CA PHE D 151 20.33 -10.12 8.15
C PHE D 151 19.07 -10.84 7.70
N SER D 152 19.02 -12.17 7.73
CA SER D 152 17.87 -12.89 7.23
C SER D 152 17.79 -14.25 7.91
N THR D 153 16.61 -14.87 7.80
CA THR D 153 16.34 -16.18 8.37
C THR D 153 16.08 -17.16 7.23
N THR D 154 16.65 -18.36 7.34
CA THR D 154 16.50 -19.40 6.34
C THR D 154 15.56 -20.48 6.85
N MET D 155 14.60 -20.87 6.02
CA MET D 155 13.69 -21.96 6.34
C MET D 155 13.61 -22.92 5.17
N ARG D 156 13.34 -24.19 5.48
CA ARG D 156 13.14 -25.21 4.47
C ARG D 156 11.68 -25.65 4.48
N THR D 157 11.04 -25.62 3.32
CA THR D 157 9.63 -25.96 3.22
C THR D 157 9.44 -27.48 3.30
N ALA D 158 8.18 -27.90 3.31
CA ALA D 158 7.89 -29.33 3.42
C ALA D 158 8.33 -30.11 2.20
N ASP D 159 8.37 -29.46 1.03
CA ASP D 159 8.77 -30.12 -0.20
C ASP D 159 10.25 -29.91 -0.54
N GLY D 160 11.01 -29.27 0.34
CA GLY D 160 12.44 -29.16 0.17
C GLY D 160 12.96 -27.84 -0.35
N LYS D 161 12.09 -26.86 -0.59
CA LYS D 161 12.56 -25.55 -1.01
C LYS D 161 13.22 -24.81 0.14
N ILE D 162 14.13 -23.90 -0.21
CA ILE D 162 14.81 -23.05 0.76
C ILE D 162 14.29 -21.63 0.55
N ILE D 163 13.78 -21.03 1.62
CA ILE D 163 13.25 -19.68 1.59
C ILE D 163 14.08 -18.81 2.52
N VAL D 164 14.57 -17.69 2.00
CA VAL D 164 15.33 -16.72 2.76
C VAL D 164 14.45 -15.49 2.94
N ILE D 165 14.23 -15.11 4.19
CA ILE D 165 13.33 -14.01 4.55
C ILE D 165 14.13 -13.00 5.35
N PRO D 166 14.13 -11.72 4.99
CA PRO D 166 14.82 -10.72 5.81
C PRO D 166 14.19 -10.62 7.19
N ASN D 167 15.04 -10.33 8.19
CA ASN D 167 14.59 -10.34 9.58
C ASN D 167 13.56 -9.24 9.85
N GLY D 168 13.76 -8.06 9.26
CA GLY D 168 12.82 -6.97 9.49
C GLY D 168 11.43 -7.31 9.01
N LYS D 169 11.32 -7.95 7.85
CA LYS D 169 10.04 -8.41 7.35
C LYS D 169 9.40 -9.41 8.30
N ILE D 170 10.22 -10.25 8.95
CA ILE D 170 9.68 -11.24 9.88
C ILE D 170 9.12 -10.57 11.12
N ILE D 171 9.88 -9.64 11.72
CA ILE D 171 9.41 -9.05 12.96
C ILE D 171 8.29 -8.05 12.71
N ALA D 172 8.19 -7.51 11.49
CA ALA D 172 7.13 -6.55 11.22
C ALA D 172 5.76 -7.20 11.09
N GLY D 173 5.71 -8.52 10.88
CA GLY D 173 4.46 -9.21 10.65
C GLY D 173 4.17 -10.28 11.69
N ASN D 174 3.08 -10.99 11.47
CA ASN D 174 2.67 -12.06 12.37
C ASN D 174 3.59 -13.26 12.24
N ILE D 175 3.86 -13.90 13.38
CA ILE D 175 4.65 -15.12 13.44
C ILE D 175 3.74 -16.22 13.96
N ILE D 176 3.42 -17.18 13.11
CA ILE D 176 2.58 -18.32 13.47
C ILE D 176 3.49 -19.51 13.71
N ASN D 177 3.49 -20.02 14.94
CA ASN D 177 4.38 -21.11 15.34
C ASN D 177 3.55 -22.39 15.45
N PHE D 178 3.86 -23.37 14.62
CA PHE D 178 3.13 -24.64 14.62
C PHE D 178 3.66 -25.61 15.67
N SER D 179 4.91 -25.44 16.11
CA SER D 179 5.56 -26.43 16.95
C SER D 179 5.70 -26.01 18.41
N ARG D 180 5.28 -24.80 18.78
CA ARG D 180 5.49 -24.33 20.14
C ARG D 180 4.65 -25.11 21.14
N GLU D 181 3.36 -25.31 20.85
CA GLU D 181 2.51 -26.04 21.78
C GLU D 181 2.70 -27.54 21.61
N PRO D 182 2.83 -28.29 22.71
CA PRO D 182 3.01 -29.75 22.57
C PRO D 182 1.77 -30.48 22.12
N VAL D 183 0.59 -29.88 22.22
CA VAL D 183 -0.68 -30.53 21.88
C VAL D 183 -1.41 -29.65 20.89
N ARG D 184 -1.94 -30.27 19.83
CA ARG D 184 -2.69 -29.56 18.80
C ARG D 184 -3.95 -30.34 18.46
N ARG D 185 -4.85 -29.71 17.72
CA ARG D 185 -6.18 -30.22 17.47
C ARG D 185 -6.38 -30.58 16.00
N ASN D 186 -7.04 -31.72 15.77
CA ASN D 186 -7.49 -32.13 14.45
C ASN D 186 -8.97 -31.82 14.29
N GLU D 187 -9.37 -31.50 13.06
CA GLU D 187 -10.76 -31.23 12.75
C GLU D 187 -11.18 -32.05 11.54
N PHE D 188 -12.29 -32.76 11.66
CA PHE D 188 -12.84 -33.58 10.60
C PHE D 188 -14.21 -33.04 10.22
N ILE D 189 -14.44 -32.86 8.91
CA ILE D 189 -15.72 -32.45 8.39
C ILE D 189 -16.23 -33.60 7.53
N ILE D 190 -17.19 -34.35 8.04
CA ILE D 190 -17.73 -35.53 7.37
C ILE D 190 -19.13 -35.19 6.88
N GLY D 191 -19.35 -35.32 5.58
CA GLY D 191 -20.64 -35.10 4.98
C GLY D 191 -21.32 -36.40 4.63
N VAL D 192 -22.49 -36.62 5.23
CA VAL D 192 -23.25 -37.84 5.01
C VAL D 192 -24.61 -37.46 4.41
N ALA D 193 -25.30 -38.46 3.89
CA ALA D 193 -26.60 -38.24 3.26
C ALA D 193 -27.61 -37.75 4.28
N TYR D 194 -28.62 -37.04 3.78
CA TYR D 194 -29.63 -36.46 4.67
C TYR D 194 -30.44 -37.53 5.38
N ASP D 195 -30.69 -38.67 4.73
CA ASP D 195 -31.50 -39.72 5.34
C ASP D 195 -30.72 -40.56 6.34
N SER D 196 -29.45 -40.25 6.57
CA SER D 196 -28.67 -40.97 7.56
C SER D 196 -29.19 -40.70 8.97
N ASP D 197 -29.09 -41.72 9.82
CA ASP D 197 -29.48 -41.57 11.21
C ASP D 197 -28.42 -40.77 11.96
N ILE D 198 -28.84 -39.68 12.60
CA ILE D 198 -27.90 -38.80 13.29
C ILE D 198 -27.24 -39.53 14.46
N ASP D 199 -28.02 -40.26 15.24
CA ASP D 199 -27.48 -40.93 16.41
C ASP D 199 -26.47 -42.00 16.03
N GLN D 200 -26.75 -42.75 14.95
CA GLN D 200 -25.81 -43.78 14.51
C GLN D 200 -24.49 -43.16 14.07
N VAL D 201 -24.54 -42.06 13.32
CA VAL D 201 -23.33 -41.37 12.89
C VAL D 201 -22.55 -40.88 14.10
N LYS D 202 -23.24 -40.26 15.06
CA LYS D 202 -22.59 -39.76 16.26
C LYS D 202 -21.92 -40.88 17.03
N GLN D 203 -22.61 -42.00 17.22
CA GLN D 203 -22.05 -43.08 18.01
C GLN D 203 -20.89 -43.78 17.30
N ILE D 204 -20.97 -43.91 15.98
CA ILE D 204 -19.86 -44.51 15.24
C ILE D 204 -18.62 -43.62 15.33
N LEU D 205 -18.79 -42.32 15.13
CA LEU D 205 -17.65 -41.41 15.23
C LEU D 205 -17.09 -41.39 16.65
N THR D 206 -17.97 -41.42 17.66
CA THR D 206 -17.52 -41.45 19.03
C THR D 206 -16.74 -42.72 19.34
N ASN D 207 -17.21 -43.86 18.85
CA ASN D 207 -16.46 -45.10 19.03
C ASN D 207 -15.10 -45.04 18.36
N ILE D 208 -15.05 -44.47 17.15
CA ILE D 208 -13.78 -44.36 16.43
C ILE D 208 -12.79 -43.51 17.23
N ILE D 209 -13.25 -42.37 17.74
CA ILE D 209 -12.32 -41.49 18.45
C ILE D 209 -12.01 -41.97 19.86
N GLN D 210 -12.89 -42.79 20.46
CA GLN D 210 -12.58 -43.35 21.78
C GLN D 210 -11.60 -44.51 21.66
N SER D 211 -11.70 -45.29 20.59
CA SER D 211 -10.79 -46.42 20.41
C SER D 211 -9.40 -46.01 19.97
N GLU D 212 -9.18 -44.73 19.66
CA GLU D 212 -7.87 -44.24 19.26
C GLU D 212 -7.11 -43.80 20.50
N ASP D 213 -5.96 -44.43 20.76
CA ASP D 213 -5.20 -44.15 21.97
C ASP D 213 -4.44 -42.84 21.89
N ARG D 214 -4.07 -42.40 20.69
CA ARG D 214 -3.30 -41.17 20.55
C ARG D 214 -4.16 -39.92 20.69
N ILE D 215 -5.47 -40.05 20.77
CA ILE D 215 -6.35 -38.92 21.01
C ILE D 215 -6.48 -38.71 22.50
N LEU D 216 -6.21 -37.48 22.96
CA LEU D 216 -6.23 -37.19 24.39
C LEU D 216 -7.66 -37.16 24.91
N LYS D 217 -7.98 -38.08 25.80
CA LYS D 217 -9.33 -38.20 26.31
C LYS D 217 -9.68 -37.12 27.34
N ASP D 218 -8.69 -36.43 27.87
CA ASP D 218 -8.93 -35.34 28.81
C ASP D 218 -9.14 -34.00 28.11
N ARG D 219 -9.11 -33.97 26.79
CA ARG D 219 -9.33 -32.76 26.02
C ARG D 219 -10.72 -32.79 25.39
N GLU D 220 -11.01 -31.79 24.55
CA GLU D 220 -12.27 -31.74 23.82
C GLU D 220 -12.36 -32.91 22.83
N MET D 221 -13.54 -33.51 22.78
CA MET D 221 -13.83 -34.64 21.89
C MET D 221 -15.15 -34.41 21.17
N THR D 222 -15.29 -33.23 20.57
CA THR D 222 -16.54 -32.81 19.97
C THR D 222 -16.92 -33.70 18.78
N VAL D 223 -18.15 -34.20 18.79
CA VAL D 223 -18.75 -34.89 17.65
C VAL D 223 -20.17 -34.35 17.54
N ARG D 224 -20.38 -33.36 16.69
CA ARG D 224 -21.68 -32.70 16.57
C ARG D 224 -22.06 -32.55 15.12
N LEU D 225 -23.37 -32.47 14.87
CA LEU D 225 -23.86 -32.06 13.56
C LEU D 225 -23.66 -30.56 13.41
N ASN D 226 -22.97 -30.16 12.35
CA ASN D 226 -22.48 -28.80 12.22
C ASN D 226 -23.19 -27.97 11.16
N GLU D 227 -23.60 -28.59 10.06
CA GLU D 227 -24.13 -27.80 8.95
C GLU D 227 -25.10 -28.66 8.14
N LEU D 228 -26.15 -28.00 7.63
CA LEU D 228 -27.06 -28.61 6.67
C LEU D 228 -26.64 -28.11 5.29
N GLY D 229 -25.80 -28.88 4.62
CA GLY D 229 -25.26 -28.47 3.35
C GLY D 229 -26.22 -28.69 2.19
N ALA D 230 -25.75 -28.34 1.00
CA ALA D 230 -26.58 -28.45 -0.19
C ALA D 230 -26.93 -29.90 -0.49
N SER D 231 -25.96 -30.81 -0.41
CA SER D 231 -26.17 -32.20 -0.74
C SER D 231 -25.94 -33.16 0.44
N SER D 232 -25.48 -32.66 1.58
CA SER D 232 -25.13 -33.51 2.69
C SER D 232 -25.28 -32.74 3.99
N ILE D 233 -25.39 -33.49 5.08
CA ILE D 233 -25.34 -32.93 6.43
C ILE D 233 -23.94 -33.17 6.97
N ASN D 234 -23.30 -32.11 7.43
CA ASN D 234 -21.89 -32.14 7.80
C ASN D 234 -21.73 -32.30 9.30
N PHE D 235 -20.94 -33.28 9.71
CA PHE D 235 -20.58 -33.47 11.11
C PHE D 235 -19.16 -33.00 11.34
N VAL D 236 -18.94 -32.33 12.47
CA VAL D 236 -17.63 -31.83 12.84
C VAL D 236 -17.09 -32.69 13.97
N VAL D 237 -15.84 -33.15 13.83
CA VAL D 237 -15.15 -33.90 14.85
C VAL D 237 -13.85 -33.18 15.17
N ARG D 238 -13.70 -32.77 16.43
CA ARG D 238 -12.52 -32.05 16.89
C ARG D 238 -11.89 -32.82 18.04
N VAL D 239 -10.68 -33.31 17.83
CA VAL D 239 -9.95 -34.08 18.84
C VAL D 239 -8.53 -33.55 18.94
N TRP D 240 -7.92 -33.73 20.10
CA TRP D 240 -6.58 -33.24 20.37
C TRP D 240 -5.60 -34.39 20.45
N SER D 241 -4.35 -34.11 20.08
CA SER D 241 -3.29 -35.10 20.11
C SER D 241 -1.96 -34.37 20.28
N ASN D 242 -0.93 -35.14 20.64
CA ASN D 242 0.41 -34.59 20.68
C ASN D 242 0.85 -34.17 19.27
N SER D 243 1.68 -33.13 19.21
CA SER D 243 2.06 -32.55 17.92
C SER D 243 2.69 -33.57 16.99
N GLY D 244 3.43 -34.53 17.54
CA GLY D 244 4.05 -35.54 16.71
C GLY D 244 3.14 -36.63 16.21
N ASP D 245 1.88 -36.63 16.65
CA ASP D 245 0.92 -37.65 16.23
C ASP D 245 -0.25 -37.09 15.44
N LEU D 246 -0.28 -35.79 15.17
CA LEU D 246 -1.48 -35.16 14.62
C LEU D 246 -1.81 -35.69 13.24
N GLN D 247 -0.83 -35.71 12.33
CA GLN D 247 -1.09 -36.13 10.96
C GLN D 247 -1.44 -37.61 10.88
N ASN D 248 -0.71 -38.45 11.63
CA ASN D 248 -1.02 -39.87 11.65
C ASN D 248 -2.41 -40.13 12.21
N VAL D 249 -2.80 -39.40 13.27
CA VAL D 249 -4.14 -39.54 13.81
C VAL D 249 -5.18 -39.15 12.78
N TYR D 250 -4.94 -38.04 12.08
CA TYR D 250 -5.88 -37.61 11.05
C TYR D 250 -6.06 -38.69 9.99
N TRP D 251 -4.96 -39.24 9.48
CA TRP D 251 -5.06 -40.25 8.44
C TRP D 251 -5.75 -41.51 8.93
N ASP D 252 -5.37 -41.99 10.12
CA ASP D 252 -5.97 -43.22 10.64
C ASP D 252 -7.45 -43.04 10.91
N VAL D 253 -7.84 -41.91 11.51
CA VAL D 253 -9.24 -41.67 11.81
C VAL D 253 -10.05 -41.53 10.54
N LEU D 254 -9.50 -40.86 9.52
CA LEU D 254 -10.22 -40.75 8.26
C LEU D 254 -10.45 -42.11 7.61
N GLU D 255 -9.41 -42.95 7.58
CA GLU D 255 -9.56 -44.27 6.99
C GLU D 255 -10.56 -45.11 7.77
N ARG D 256 -10.53 -45.04 9.10
CA ARG D 256 -11.49 -45.78 9.91
C ARG D 256 -12.91 -45.26 9.69
N ILE D 257 -13.07 -43.95 9.55
CA ILE D 257 -14.40 -43.38 9.27
C ILE D 257 -14.93 -43.93 7.96
N LYS D 258 -14.09 -43.93 6.93
CA LYS D 258 -14.51 -44.46 5.63
C LYS D 258 -14.93 -45.92 5.75
N ARG D 259 -14.07 -46.75 6.36
CA ARG D 259 -14.35 -48.18 6.45
C ARG D 259 -15.62 -48.45 7.24
N GLU D 260 -15.78 -47.80 8.40
CA GLU D 260 -16.91 -48.09 9.26
C GLU D 260 -18.22 -47.53 8.69
N PHE D 261 -18.17 -46.38 8.00
CA PHE D 261 -19.37 -45.88 7.35
C PHE D 261 -19.77 -46.78 6.19
N ASP D 262 -18.79 -47.32 5.46
CA ASP D 262 -19.12 -48.28 4.42
C ASP D 262 -19.73 -49.55 5.01
N ALA D 263 -19.19 -50.02 6.14
CA ALA D 263 -19.69 -51.23 6.76
C ALA D 263 -21.10 -51.04 7.32
N ALA D 264 -21.38 -49.86 7.88
CA ALA D 264 -22.66 -49.58 8.51
C ALA D 264 -23.72 -49.09 7.54
N GLY D 265 -23.38 -48.91 6.26
CA GLY D 265 -24.33 -48.46 5.28
C GLY D 265 -24.53 -46.96 5.23
N ILE D 266 -23.78 -46.19 6.02
CA ILE D 266 -23.88 -44.73 5.96
C ILE D 266 -23.23 -44.25 4.68
N SER D 267 -23.98 -43.49 3.89
CA SER D 267 -23.54 -43.14 2.54
C SER D 267 -22.89 -41.76 2.50
N PHE D 268 -21.74 -41.68 1.84
CA PHE D 268 -21.16 -40.40 1.49
C PHE D 268 -21.81 -39.95 0.19
N PRO D 269 -22.60 -38.88 0.19
CA PRO D 269 -23.43 -38.57 -0.98
C PRO D 269 -22.67 -37.83 -2.07
N TYR D 270 -22.96 -38.18 -3.31
CA TYR D 270 -22.53 -37.40 -4.44
C TYR D 270 -23.33 -36.11 -4.51
N PRO D 271 -22.85 -35.11 -5.26
CA PRO D 271 -23.65 -33.89 -5.44
C PRO D 271 -25.05 -34.20 -5.94
N GLN D 272 -26.05 -33.68 -5.23
CA GLN D 272 -27.45 -33.98 -5.52
C GLN D 272 -28.04 -32.97 -6.48
N MET D 273 -29.15 -33.37 -7.12
CA MET D 273 -29.82 -32.51 -8.08
C MET D 273 -31.25 -33.00 -8.24
N ASP D 274 -32.21 -32.17 -7.89
CA ASP D 274 -33.62 -32.45 -8.16
C ASP D 274 -33.96 -31.90 -9.54
N VAL D 275 -34.21 -32.80 -10.48
CA VAL D 275 -34.49 -32.42 -11.87
C VAL D 275 -35.98 -32.53 -12.09
N ASN D 276 -36.60 -31.41 -12.45
CA ASN D 276 -38.02 -31.35 -12.76
C ASN D 276 -38.17 -31.44 -14.27
N PHE D 277 -38.58 -32.61 -14.75
CA PHE D 277 -38.60 -32.92 -16.17
C PHE D 277 -39.81 -32.29 -16.83
N LYS D 278 -39.57 -31.56 -17.92
CA LYS D 278 -40.62 -30.89 -18.67
C LYS D 278 -40.32 -31.03 -20.16
N ARG D 279 -41.20 -31.69 -20.89
CA ARG D 279 -41.05 -31.92 -22.32
C ARG D 279 -42.05 -31.04 -23.07
N VAL D 280 -41.54 -30.24 -24.00
CA VAL D 280 -42.40 -29.37 -24.80
C VAL D 280 -42.61 -29.96 -26.19
N ALA E 19 62.71 20.09 27.92
CA ALA E 19 62.94 21.45 28.39
C ALA E 19 61.66 22.06 28.95
N ASN E 20 60.64 22.17 28.10
CA ASN E 20 59.35 22.74 28.49
C ASN E 20 58.51 21.65 29.16
N GLN E 21 58.83 21.36 30.42
CA GLN E 21 58.10 20.35 31.16
C GLN E 21 56.73 20.82 31.63
N ALA E 22 56.45 22.12 31.54
CA ALA E 22 55.15 22.62 31.97
C ALA E 22 54.02 22.16 31.05
N LEU E 23 54.28 22.14 29.73
CA LEU E 23 53.25 21.76 28.79
C LEU E 23 52.83 20.30 28.95
N LEU E 24 53.81 19.40 29.13
CA LEU E 24 53.49 17.99 29.29
C LEU E 24 52.71 17.76 30.57
N LEU E 25 53.09 18.44 31.65
CA LEU E 25 52.34 18.35 32.90
C LEU E 25 50.92 18.86 32.71
N SER E 26 50.75 19.96 31.96
CA SER E 26 49.42 20.48 31.70
C SER E 26 48.57 19.49 30.91
N TYR E 27 49.16 18.84 29.90
CA TYR E 27 48.42 17.84 29.13
C TYR E 27 48.01 16.67 30.02
N ALA E 28 48.94 16.20 30.86
CA ALA E 28 48.61 15.09 31.75
C ALA E 28 47.51 15.46 32.72
N VAL E 29 47.57 16.67 33.29
CA VAL E 29 46.55 17.08 34.24
C VAL E 29 45.21 17.28 33.54
N ASN E 30 45.22 17.70 32.27
CA ASN E 30 43.97 17.80 31.52
C ASN E 30 43.36 16.42 31.29
N ILE E 31 44.19 15.43 30.95
CA ILE E 31 43.67 14.07 30.78
C ILE E 31 43.11 13.54 32.09
N VAL E 32 43.82 13.78 33.20
CA VAL E 32 43.34 13.33 34.51
C VAL E 32 42.02 14.01 34.86
N ALA E 33 41.93 15.32 34.58
CA ALA E 33 40.69 16.04 34.85
C ALA E 33 39.54 15.50 34.01
N ALA E 34 39.80 15.16 32.75
CA ALA E 34 38.77 14.58 31.91
C ALA E 34 38.30 13.24 32.46
N LEU E 35 39.23 12.40 32.91
CA LEU E 35 38.83 11.11 33.50
C LEU E 35 38.03 11.30 34.77
N ALA E 36 38.44 12.25 35.62
CA ALA E 36 37.67 12.53 36.84
C ALA E 36 36.28 13.03 36.50
N ILE E 37 36.17 13.90 35.49
CA ILE E 37 34.86 14.39 35.07
C ILE E 37 34.00 13.23 34.58
N ILE E 38 34.59 12.31 33.81
CA ILE E 38 33.83 11.17 33.31
C ILE E 38 33.28 10.34 34.47
N ILE E 39 34.14 10.04 35.44
CA ILE E 39 33.73 9.20 36.56
C ILE E 39 32.63 9.88 37.37
N VAL E 40 32.85 11.15 37.73
CA VAL E 40 31.88 11.88 38.53
C VAL E 40 30.56 12.02 37.81
N GLY E 41 30.61 12.28 36.49
CA GLY E 41 29.39 12.42 35.73
C GLY E 41 28.62 11.12 35.62
N LEU E 42 29.32 10.00 35.45
CA LEU E 42 28.62 8.71 35.44
C LEU E 42 27.94 8.44 36.78
N ILE E 43 28.64 8.73 37.89
CA ILE E 43 28.05 8.50 39.20
C ILE E 43 26.82 9.38 39.40
N ILE E 44 26.95 10.66 39.04
CA ILE E 44 25.84 11.60 39.20
C ILE E 44 24.65 11.20 38.33
N ALA E 45 24.93 10.77 37.10
CA ALA E 45 23.86 10.33 36.21
C ALA E 45 23.13 9.14 36.80
N ARG E 46 23.87 8.16 37.32
CA ARG E 46 23.22 7.00 37.93
C ARG E 46 22.35 7.42 39.10
N MET E 47 22.89 8.27 39.98
CA MET E 47 22.14 8.68 41.17
C MET E 47 20.88 9.45 40.81
N ILE E 48 20.99 10.41 39.89
CA ILE E 48 19.84 11.23 39.54
C ILE E 48 18.79 10.40 38.79
N SER E 49 19.24 9.51 37.90
CA SER E 49 18.30 8.66 37.19
C SER E 49 17.56 7.75 38.14
N ASN E 50 18.26 7.17 39.12
CA ASN E 50 17.60 6.32 40.10
C ASN E 50 16.60 7.12 40.94
N ALA E 51 16.99 8.33 41.35
CA ALA E 51 16.07 9.15 42.14
C ALA E 51 14.82 9.51 41.35
N VAL E 52 14.98 9.87 40.07
CA VAL E 52 13.84 10.19 39.23
C VAL E 52 12.96 8.97 39.02
N ASN E 53 13.58 7.81 38.82
CA ASN E 53 12.81 6.58 38.65
C ASN E 53 11.99 6.25 39.89
N ARG E 54 12.61 6.37 41.07
CA ARG E 54 11.87 6.12 42.30
C ARG E 54 10.75 7.12 42.49
N LEU E 55 11.00 8.38 42.16
CA LEU E 55 9.96 9.40 42.27
C LEU E 55 8.78 9.09 41.36
N MET E 56 9.06 8.67 40.12
CA MET E 56 7.97 8.37 39.19
C MET E 56 7.22 7.11 39.61
N ILE E 57 7.93 6.10 40.12
CA ILE E 57 7.27 4.89 40.58
C ILE E 57 6.37 5.21 41.77
N SER E 58 6.84 6.05 42.69
CA SER E 58 6.03 6.41 43.86
C SER E 58 4.79 7.19 43.48
N ARG E 59 4.75 7.79 42.29
CA ARG E 59 3.57 8.47 41.80
C ARG E 59 2.67 7.55 40.98
N LYS E 60 2.83 6.23 41.13
CA LYS E 60 1.98 5.22 40.49
C LYS E 60 2.07 5.26 38.97
N ILE E 61 3.11 5.89 38.42
CA ILE E 61 3.33 5.89 36.99
C ILE E 61 3.81 4.52 36.55
N ASP E 62 3.45 4.14 35.33
CA ASP E 62 3.77 2.81 34.83
C ASP E 62 5.27 2.58 34.84
N ALA E 63 5.65 1.34 35.17
CA ALA E 63 7.07 1.01 35.32
C ALA E 63 7.83 1.20 34.01
N THR E 64 7.24 0.82 32.89
CA THR E 64 7.91 0.95 31.61
C THR E 64 8.14 2.42 31.25
N VAL E 65 7.13 3.26 31.47
CA VAL E 65 7.29 4.68 31.18
C VAL E 65 8.35 5.29 32.08
N ALA E 66 8.35 4.91 33.36
CA ALA E 66 9.36 5.42 34.28
C ALA E 66 10.75 4.99 33.85
N ASP E 67 10.91 3.74 33.43
CA ASP E 67 12.21 3.26 32.97
C ASP E 67 12.67 4.03 31.73
N PHE E 68 11.76 4.25 30.79
CA PHE E 68 12.12 4.98 29.58
C PHE E 68 12.57 6.41 29.91
N LEU E 69 11.80 7.10 30.76
CA LEU E 69 12.16 8.48 31.10
C LEU E 69 13.45 8.54 31.90
N SER E 70 13.67 7.60 32.80
CA SER E 70 14.90 7.57 33.58
C SER E 70 16.10 7.28 32.70
N ALA E 71 15.93 6.41 31.71
CA ALA E 71 17.01 6.16 30.75
C ALA E 71 17.33 7.42 29.97
N LEU E 72 16.30 8.17 29.56
CA LEU E 72 16.55 9.43 28.87
C LEU E 72 17.32 10.41 29.76
N VAL E 73 16.92 10.52 31.04
CA VAL E 73 17.61 11.43 31.96
C VAL E 73 19.06 11.01 32.13
N ARG E 74 19.30 9.72 32.34
CA ARG E 74 20.65 9.23 32.56
C ARG E 74 21.53 9.48 31.34
N TYR E 75 21.02 9.20 30.14
CA TYR E 75 21.83 9.40 28.95
C TYR E 75 22.03 10.88 28.65
N GLY E 76 21.09 11.74 29.03
CA GLY E 76 21.32 13.17 28.89
C GLY E 76 22.42 13.67 29.81
N ILE E 77 22.42 13.22 31.06
CA ILE E 77 23.49 13.60 31.97
C ILE E 77 24.83 13.06 31.50
N ILE E 78 24.83 11.83 30.97
CA ILE E 78 26.07 11.27 30.44
C ILE E 78 26.55 12.08 29.23
N ALA E 79 25.62 12.56 28.41
CA ALA E 79 26.00 13.41 27.28
C ALA E 79 26.63 14.72 27.76
N PHE E 80 26.05 15.32 28.80
CA PHE E 80 26.65 16.52 29.38
C PHE E 80 28.06 16.24 29.87
N THR E 81 28.24 15.12 30.56
CA THR E 81 29.56 14.76 31.08
C THR E 81 30.56 14.53 29.95
N LEU E 82 30.14 13.85 28.88
CA LEU E 82 31.03 13.62 27.75
C LEU E 82 31.43 14.93 27.09
N ILE E 83 30.47 15.85 26.93
CA ILE E 83 30.79 17.16 26.35
C ILE E 83 31.82 17.88 27.21
N ALA E 84 31.62 17.86 28.53
CA ALA E 84 32.56 18.54 29.43
C ALA E 84 33.95 17.93 29.35
N ALA E 85 34.04 16.61 29.41
CA ALA E 85 35.35 15.94 29.41
C ALA E 85 36.06 16.14 28.07
N LEU E 86 35.35 15.99 26.95
CA LEU E 86 35.99 16.16 25.66
C LEU E 86 36.39 17.60 25.42
N GLY E 87 35.62 18.56 25.93
CA GLY E 87 36.09 19.94 25.91
C GLY E 87 37.33 20.13 26.76
N ARG E 88 37.44 19.38 27.86
CA ARG E 88 38.65 19.42 28.67
C ARG E 88 39.87 18.93 27.88
N VAL E 89 39.70 17.87 27.09
CA VAL E 89 40.83 17.35 26.33
C VAL E 89 40.95 18.03 24.97
N GLY E 90 40.20 19.11 24.75
CA GLY E 90 40.37 19.95 23.59
C GLY E 90 39.38 19.74 22.46
N VAL E 91 38.46 18.79 22.57
CA VAL E 91 37.45 18.60 21.54
C VAL E 91 36.37 19.66 21.70
N GLN E 92 36.03 20.33 20.61
CA GLN E 92 35.07 21.42 20.68
C GLN E 92 33.67 20.90 20.98
N THR E 93 32.83 21.79 21.52
CA THR E 93 31.48 21.42 21.89
C THR E 93 30.66 21.02 20.66
N ALA E 94 30.82 21.76 19.56
CA ALA E 94 30.07 21.45 18.35
C ALA E 94 30.44 20.07 17.81
N SER E 95 31.72 19.71 17.86
CA SER E 95 32.14 18.40 17.37
C SER E 95 31.51 17.28 18.21
N VAL E 96 31.52 17.43 19.53
CA VAL E 96 30.93 16.42 20.39
C VAL E 96 29.43 16.32 20.15
N ILE E 97 28.77 17.47 20.01
CA ILE E 97 27.32 17.46 19.76
C ILE E 97 27.01 16.77 18.44
N ALA E 98 27.78 17.06 17.39
CA ALA E 98 27.54 16.43 16.09
C ALA E 98 27.77 14.93 16.15
N VAL E 99 28.87 14.49 16.78
CA VAL E 99 29.16 13.06 16.83
C VAL E 99 28.13 12.33 17.67
N LEU E 100 27.74 12.90 18.81
CA LEU E 100 26.71 12.27 19.64
C LEU E 100 25.37 12.25 18.92
N GLY E 101 25.07 13.29 18.13
CA GLY E 101 23.86 13.29 17.36
C GLY E 101 23.85 12.21 16.29
N ALA E 102 24.98 12.01 15.62
CA ALA E 102 25.07 10.94 14.62
C ALA E 102 24.90 9.58 15.28
N ALA E 103 25.56 9.36 16.42
CA ALA E 103 25.42 8.09 17.12
C ALA E 103 23.99 7.87 17.61
N GLY E 104 23.37 8.90 18.16
CA GLY E 104 21.99 8.79 18.58
C GLY E 104 21.03 8.56 17.44
N LEU E 105 21.29 9.17 16.29
CA LEU E 105 20.46 8.93 15.12
C LEU E 105 20.58 7.48 14.66
N ALA E 106 21.80 6.93 14.66
CA ALA E 106 21.98 5.54 14.29
C ALA E 106 21.25 4.61 15.27
N VAL E 107 21.38 4.88 16.57
CA VAL E 107 20.71 4.04 17.57
C VAL E 107 19.20 4.17 17.44
N GLY E 108 18.71 5.38 17.18
CA GLY E 108 17.28 5.56 17.00
C GLY E 108 16.74 4.87 15.77
N LEU E 109 17.51 4.89 14.68
CA LEU E 109 17.11 4.14 13.50
C LEU E 109 17.06 2.65 13.81
N ALA E 110 18.01 2.15 14.60
CA ALA E 110 18.00 0.74 14.97
C ALA E 110 16.80 0.41 15.87
N LEU E 111 16.41 1.33 16.74
CA LEU E 111 15.42 1.04 17.78
C LEU E 111 14.05 1.64 17.52
N GLN E 112 13.81 2.18 16.32
CA GLN E 112 12.52 2.82 16.05
C GLN E 112 11.35 1.85 16.18
N GLY E 113 11.45 0.68 15.56
CA GLY E 113 10.36 -0.28 15.64
C GLY E 113 10.16 -0.81 17.05
N SER E 114 11.25 -1.03 17.77
CA SER E 114 11.15 -1.48 19.16
C SER E 114 10.48 -0.42 20.02
N LEU E 115 10.81 0.86 19.80
CA LEU E 115 10.16 1.94 20.55
C LEU E 115 8.68 2.00 20.24
N SER E 116 8.30 1.85 18.97
CA SER E 116 6.90 1.84 18.60
C SER E 116 6.16 0.70 19.29
N ASN E 117 6.75 -0.50 19.28
CA ASN E 117 6.13 -1.64 19.95
C ASN E 117 6.06 -1.44 21.46
N LEU E 118 7.07 -0.81 22.05
CA LEU E 118 7.07 -0.55 23.49
C LEU E 118 5.94 0.39 23.88
N ALA E 119 5.79 1.50 23.14
CA ALA E 119 4.70 2.42 23.41
C ALA E 119 3.34 1.75 23.21
N ALA E 120 3.22 0.93 22.15
CA ALA E 120 1.97 0.23 21.90
C ALA E 120 1.64 -0.74 23.02
N GLY E 121 2.64 -1.45 23.52
CA GLY E 121 2.39 -2.38 24.63
C GLY E 121 2.00 -1.65 25.90
N VAL E 122 2.61 -0.50 26.16
CA VAL E 122 2.21 0.31 27.30
C VAL E 122 0.76 0.73 27.17
N LEU E 123 0.36 1.17 25.97
CA LEU E 123 -1.03 1.57 25.75
C LEU E 123 -1.98 0.38 25.90
N LEU E 124 -1.57 -0.79 25.39
CA LEU E 124 -2.42 -1.98 25.51
C LEU E 124 -2.65 -2.36 26.97
N VAL E 125 -1.58 -2.33 27.77
CA VAL E 125 -1.73 -2.67 29.19
C VAL E 125 -2.54 -1.60 29.91
N MET E 126 -2.37 -0.33 29.54
CA MET E 126 -3.04 0.75 30.25
C MET E 126 -4.54 0.76 29.97
N PHE E 127 -4.94 0.65 28.70
CA PHE E 127 -6.35 0.78 28.36
C PHE E 127 -7.08 -0.55 28.28
N ARG E 128 -6.36 -1.66 28.15
CA ARG E 128 -6.94 -3.00 28.18
C ARG E 128 -8.10 -3.20 27.19
N PRO E 129 -7.85 -3.02 25.89
CA PRO E 129 -8.87 -3.43 24.91
C PRO E 129 -9.14 -4.92 24.97
N PHE E 130 -8.13 -5.70 25.32
CA PHE E 130 -8.28 -7.13 25.59
C PHE E 130 -7.39 -7.46 26.78
N ARG E 131 -7.66 -8.60 27.40
CA ARG E 131 -6.85 -9.07 28.52
C ARG E 131 -6.56 -10.55 28.30
N ALA E 132 -5.67 -11.08 29.12
CA ALA E 132 -5.31 -12.48 29.03
C ALA E 132 -6.53 -13.36 29.28
N GLY E 133 -6.73 -14.34 28.41
CA GLY E 133 -7.84 -15.26 28.50
C GLY E 133 -9.00 -14.93 27.58
N GLU E 134 -9.02 -13.75 26.99
CA GLU E 134 -10.10 -13.34 26.11
C GLU E 134 -9.80 -13.74 24.67
N TYR E 135 -10.84 -14.15 23.95
CA TYR E 135 -10.71 -14.51 22.54
C TYR E 135 -10.91 -13.26 21.69
N VAL E 136 -9.91 -12.92 20.88
CA VAL E 136 -9.93 -11.71 20.09
C VAL E 136 -9.53 -12.02 18.67
N ASP E 137 -9.85 -11.08 17.78
CA ASP E 137 -9.44 -11.12 16.37
C ASP E 137 -8.62 -9.87 16.12
N LEU E 138 -7.31 -10.04 15.90
CA LEU E 138 -6.38 -8.92 15.75
C LEU E 138 -5.93 -8.87 14.29
N GLY E 139 -6.71 -8.18 13.47
CA GLY E 139 -6.33 -7.98 12.09
C GLY E 139 -6.26 -9.24 11.24
N GLY E 140 -7.22 -10.13 11.38
CA GLY E 140 -7.32 -11.33 10.56
C GLY E 140 -6.92 -12.62 11.27
N VAL E 141 -6.23 -12.54 12.40
CA VAL E 141 -5.86 -13.70 13.18
C VAL E 141 -6.65 -13.70 14.48
N ALA E 142 -7.24 -14.82 14.82
CA ALA E 142 -8.08 -14.96 16.00
C ALA E 142 -7.52 -16.01 16.93
N GLY E 143 -7.62 -15.75 18.23
CA GLY E 143 -7.15 -16.69 19.22
C GLY E 143 -7.32 -16.13 20.61
N THR E 144 -6.96 -16.96 21.59
CA THR E 144 -7.05 -16.59 23.00
C THR E 144 -5.76 -15.89 23.41
N VAL E 145 -5.88 -14.70 23.98
CA VAL E 145 -4.71 -13.93 24.38
C VAL E 145 -4.02 -14.64 25.55
N LEU E 146 -2.71 -14.84 25.41
CA LEU E 146 -1.91 -15.43 26.48
C LEU E 146 -1.26 -14.36 27.34
N SER E 147 -0.58 -13.40 26.72
CA SER E 147 0.09 -12.34 27.46
C SER E 147 0.46 -11.22 26.49
N VAL E 148 0.51 -10.01 27.03
CA VAL E 148 1.03 -8.85 26.31
C VAL E 148 2.43 -8.59 26.83
N GLN E 149 3.44 -8.85 26.02
CA GLN E 149 4.82 -8.70 26.45
C GLN E 149 5.29 -7.29 26.10
N ILE E 150 6.60 -7.05 26.25
CA ILE E 150 7.14 -5.70 26.10
C ILE E 150 7.04 -5.24 24.65
N PHE E 151 7.27 -6.14 23.70
CA PHE E 151 7.28 -5.77 22.29
C PHE E 151 6.21 -6.47 21.46
N SER E 152 5.59 -7.54 21.97
CA SER E 152 4.61 -8.28 21.19
C SER E 152 3.64 -8.98 22.10
N THR E 153 2.52 -9.42 21.52
CA THR E 153 1.47 -10.13 22.24
C THR E 153 1.37 -11.54 21.68
N THR E 154 1.24 -12.51 22.59
CA THR E 154 1.13 -13.92 22.21
C THR E 154 -0.29 -14.39 22.38
N MET E 155 -0.81 -15.08 21.37
CA MET E 155 -2.14 -15.68 21.43
C MET E 155 -2.07 -17.12 20.95
N ARG E 156 -2.98 -17.94 21.48
CA ARG E 156 -3.11 -19.32 21.06
C ARG E 156 -4.42 -19.51 20.31
N THR E 157 -4.35 -20.08 19.12
CA THR E 157 -5.53 -20.25 18.29
C THR E 157 -6.37 -21.42 18.81
N ALA E 158 -7.53 -21.61 18.19
CA ALA E 158 -8.44 -22.67 18.62
C ALA E 158 -7.86 -24.05 18.38
N ASP E 159 -7.01 -24.21 17.37
CA ASP E 159 -6.40 -25.49 17.05
C ASP E 159 -5.02 -25.67 17.67
N GLY E 160 -4.57 -24.74 18.50
CA GLY E 160 -3.34 -24.91 19.24
C GLY E 160 -2.12 -24.18 18.72
N LYS E 161 -2.25 -23.43 17.63
CA LYS E 161 -1.11 -22.68 17.14
C LYS E 161 -0.82 -21.49 18.05
N ILE E 162 0.44 -21.05 18.05
CA ILE E 162 0.87 -19.88 18.80
C ILE E 162 1.19 -18.79 17.79
N ILE E 163 0.55 -17.63 17.95
CA ILE E 163 0.76 -16.49 17.07
C ILE E 163 1.34 -15.34 17.88
N VAL E 164 2.45 -14.79 17.41
CA VAL E 164 3.10 -13.65 18.04
C VAL E 164 2.88 -12.45 17.14
N ILE E 165 2.28 -11.39 17.69
CA ILE E 165 1.92 -10.20 16.94
C ILE E 165 2.60 -9.01 17.60
N PRO E 166 3.32 -8.18 16.86
CA PRO E 166 3.90 -6.97 17.46
C PRO E 166 2.81 -6.02 17.95
N ASN E 167 3.12 -5.33 19.05
CA ASN E 167 2.12 -4.49 19.70
C ASN E 167 1.68 -3.33 18.82
N GLY E 168 2.62 -2.71 18.10
CA GLY E 168 2.27 -1.59 17.23
C GLY E 168 1.28 -1.98 16.16
N LYS E 169 1.48 -3.16 15.57
CA LYS E 169 0.52 -3.67 14.59
C LYS E 169 -0.85 -3.87 15.21
N ILE E 170 -0.90 -4.27 16.48
CA ILE E 170 -2.18 -4.48 17.15
C ILE E 170 -2.90 -3.17 17.37
N ILE E 171 -2.19 -2.16 17.90
CA ILE E 171 -2.87 -0.91 18.22
C ILE E 171 -3.18 -0.12 16.95
N ALA E 172 -2.44 -0.37 15.86
CA ALA E 172 -2.71 0.38 14.63
C ALA E 172 -3.98 -0.07 13.94
N GLY E 173 -4.51 -1.25 14.27
CA GLY E 173 -5.66 -1.81 13.59
C GLY E 173 -6.83 -2.05 14.52
N ASN E 174 -7.88 -2.62 13.94
CA ASN E 174 -9.08 -2.93 14.71
C ASN E 174 -8.84 -4.08 15.67
N ILE E 175 -9.45 -3.98 16.84
CA ILE E 175 -9.40 -5.03 17.85
C ILE E 175 -10.83 -5.52 18.05
N ILE E 176 -11.10 -6.76 17.65
CA ILE E 176 -12.41 -7.38 17.80
C ILE E 176 -12.34 -8.32 18.99
N ASN E 177 -13.14 -8.03 20.02
CA ASN E 177 -13.13 -8.79 21.25
C ASN E 177 -14.38 -9.66 21.31
N PHE E 178 -14.18 -10.98 21.32
CA PHE E 178 -15.29 -11.92 21.34
C PHE E 178 -15.80 -12.18 22.75
N SER E 179 -14.98 -11.93 23.78
CA SER E 179 -15.31 -12.33 25.14
C SER E 179 -15.71 -11.17 26.04
N ARG E 180 -15.68 -9.93 25.56
CA ARG E 180 -15.95 -8.79 26.44
C ARG E 180 -17.40 -8.74 26.87
N GLU E 181 -18.34 -8.94 25.94
CA GLU E 181 -19.76 -8.89 26.30
C GLU E 181 -20.18 -10.23 26.89
N PRO E 182 -20.94 -10.24 27.99
CA PRO E 182 -21.36 -11.52 28.58
C PRO E 182 -22.43 -12.24 27.76
N VAL E 183 -23.12 -11.55 26.86
CA VAL E 183 -24.21 -12.12 26.09
C VAL E 183 -23.92 -11.90 24.61
N ARG E 184 -24.09 -12.94 23.80
CA ARG E 184 -23.88 -12.88 22.36
C ARG E 184 -25.03 -13.56 21.64
N ARG E 185 -25.09 -13.37 20.33
CA ARG E 185 -26.23 -13.77 19.51
C ARG E 185 -25.84 -14.88 18.54
N ASN E 186 -26.73 -15.86 18.40
CA ASN E 186 -26.63 -16.90 17.38
C ASN E 186 -27.55 -16.57 16.22
N GLU E 187 -27.14 -16.97 15.02
CA GLU E 187 -27.94 -16.77 13.83
C GLU E 187 -28.05 -18.09 13.07
N PHE E 188 -29.27 -18.46 12.72
CA PHE E 188 -29.55 -19.68 11.96
C PHE E 188 -30.18 -19.29 10.63
N ILE E 189 -29.67 -19.86 9.55
CA ILE E 189 -30.23 -19.68 8.23
C ILE E 189 -30.72 -21.05 7.77
N ILE E 190 -32.03 -21.25 7.80
CA ILE E 190 -32.63 -22.54 7.45
C ILE E 190 -33.33 -22.39 6.11
N GLY E 191 -32.94 -23.21 5.14
CA GLY E 191 -33.55 -23.22 3.84
C GLY E 191 -34.48 -24.41 3.68
N VAL E 192 -35.75 -24.11 3.43
CA VAL E 192 -36.77 -25.14 3.26
C VAL E 192 -37.35 -25.01 1.85
N ALA E 193 -38.08 -26.05 1.45
CA ALA E 193 -38.68 -26.09 0.12
C ALA E 193 -39.73 -24.99 -0.02
N TYR E 194 -39.95 -24.57 -1.27
CA TYR E 194 -40.89 -23.49 -1.54
C TYR E 194 -42.32 -23.85 -1.15
N ASP E 195 -42.70 -25.13 -1.32
CA ASP E 195 -44.06 -25.54 -1.02
C ASP E 195 -44.31 -25.74 0.47
N SER E 196 -43.31 -25.50 1.32
CA SER E 196 -43.49 -25.62 2.75
C SER E 196 -44.43 -24.52 3.27
N ASP E 197 -45.21 -24.88 4.29
CA ASP E 197 -46.10 -23.91 4.93
C ASP E 197 -45.28 -22.97 5.79
N ILE E 198 -45.43 -21.66 5.54
CA ILE E 198 -44.64 -20.66 6.26
C ILE E 198 -45.00 -20.67 7.74
N ASP E 199 -46.29 -20.72 8.05
CA ASP E 199 -46.73 -20.65 9.44
C ASP E 199 -46.25 -21.87 10.23
N GLN E 200 -46.28 -23.05 9.62
CA GLN E 200 -45.79 -24.24 10.31
C GLN E 200 -44.30 -24.14 10.61
N VAL E 201 -43.51 -23.67 9.64
CA VAL E 201 -42.08 -23.50 9.87
C VAL E 201 -41.84 -22.50 10.99
N LYS E 202 -42.55 -21.37 10.95
CA LYS E 202 -42.39 -20.36 11.98
C LYS E 202 -42.73 -20.90 13.36
N GLN E 203 -43.84 -21.61 13.47
CA GLN E 203 -44.26 -22.10 14.78
C GLN E 203 -43.34 -23.21 15.30
N ILE E 204 -42.84 -24.07 14.41
CA ILE E 204 -41.90 -25.10 14.85
C ILE E 204 -40.61 -24.47 15.36
N LEU E 205 -40.07 -23.51 14.61
CA LEU E 205 -38.84 -22.84 15.05
C LEU E 205 -39.07 -22.07 16.35
N THR E 206 -40.24 -21.43 16.47
CA THR E 206 -40.56 -20.71 17.70
C THR E 206 -40.66 -21.66 18.89
N ASN E 207 -41.29 -22.82 18.70
CA ASN E 207 -41.34 -23.80 19.78
C ASN E 207 -39.96 -24.29 20.16
N ILE E 208 -39.10 -24.52 19.17
CA ILE E 208 -37.74 -24.99 19.44
C ILE E 208 -36.99 -23.96 20.27
N ILE E 209 -37.07 -22.69 19.89
CA ILE E 209 -36.31 -21.67 20.62
C ILE E 209 -36.95 -21.30 21.95
N GLN E 210 -38.26 -21.51 22.11
CA GLN E 210 -38.89 -21.25 23.40
C GLN E 210 -38.60 -22.38 24.39
N SER E 211 -38.51 -23.62 23.91
CA SER E 211 -38.23 -24.73 24.79
C SER E 211 -36.77 -24.81 25.22
N GLU E 212 -35.90 -23.99 24.66
CA GLU E 212 -34.49 -23.95 25.03
C GLU E 212 -34.30 -22.96 26.18
N ASP E 213 -33.82 -23.48 27.32
CA ASP E 213 -33.68 -22.65 28.50
C ASP E 213 -32.49 -21.70 28.43
N ARG E 214 -31.44 -22.08 27.69
CA ARG E 214 -30.25 -21.23 27.62
C ARG E 214 -30.42 -20.04 26.69
N ILE E 215 -31.53 -19.97 25.96
CA ILE E 215 -31.82 -18.81 25.12
C ILE E 215 -32.53 -17.76 25.97
N LEU E 216 -32.00 -16.54 25.97
CA LEU E 216 -32.55 -15.48 26.81
C LEU E 216 -33.88 -14.99 26.24
N LYS E 217 -34.95 -15.20 27.00
CA LYS E 217 -36.29 -14.85 26.53
C LYS E 217 -36.55 -13.34 26.58
N ASP E 218 -35.74 -12.59 27.32
CA ASP E 218 -35.89 -11.14 27.37
C ASP E 218 -35.14 -10.43 26.25
N ARG E 219 -34.48 -11.16 25.37
CA ARG E 219 -33.76 -10.60 24.25
C ARG E 219 -34.55 -10.82 22.95
N GLU E 220 -33.93 -10.46 21.83
CA GLU E 220 -34.53 -10.69 20.52
C GLU E 220 -34.65 -12.18 20.24
N MET E 221 -35.78 -12.58 19.68
CA MET E 221 -36.08 -13.97 19.34
C MET E 221 -36.66 -14.04 17.93
N THR E 222 -35.97 -13.41 17.00
CA THR E 222 -36.46 -13.27 15.63
C THR E 222 -36.58 -14.62 14.93
N VAL E 223 -37.75 -14.89 14.36
CA VAL E 223 -37.97 -16.03 13.48
C VAL E 223 -38.78 -15.50 12.30
N ARG E 224 -38.10 -15.16 11.20
CA ARG E 224 -38.76 -14.54 10.06
C ARG E 224 -38.29 -15.20 8.77
N LEU E 225 -39.14 -15.14 7.76
CA LEU E 225 -38.72 -15.48 6.41
C LEU E 225 -37.84 -14.37 5.86
N ASN E 226 -36.64 -14.73 5.42
CA ASN E 226 -35.61 -13.75 5.13
C ASN E 226 -35.28 -13.61 3.65
N GLU E 227 -35.36 -14.69 2.88
CA GLU E 227 -34.89 -14.64 1.50
C GLU E 227 -35.63 -15.67 0.67
N LEU E 228 -35.92 -15.31 -0.58
CA LEU E 228 -36.43 -16.26 -1.58
C LEU E 228 -35.24 -16.67 -2.43
N GLY E 229 -34.61 -17.78 -2.06
CA GLY E 229 -33.41 -18.24 -2.73
C GLY E 229 -33.70 -18.96 -4.03
N ALA E 230 -32.63 -19.42 -4.66
CA ALA E 230 -32.75 -20.10 -5.95
C ALA E 230 -33.52 -21.41 -5.82
N SER E 231 -33.22 -22.21 -4.80
CA SER E 231 -33.84 -23.51 -4.62
C SER E 231 -34.62 -23.64 -3.32
N SER E 232 -34.58 -22.63 -2.45
CA SER E 232 -35.22 -22.72 -1.15
C SER E 232 -35.61 -21.34 -0.66
N ILE E 233 -36.54 -21.31 0.29
CA ILE E 233 -36.88 -20.10 1.01
C ILE E 233 -36.17 -20.14 2.35
N ASN E 234 -35.42 -19.09 2.66
CA ASN E 234 -34.54 -19.07 3.81
C ASN E 234 -35.20 -18.36 4.98
N PHE E 235 -35.21 -19.00 6.13
CA PHE E 235 -35.68 -18.41 7.37
C PHE E 235 -34.50 -18.06 8.25
N VAL E 236 -34.56 -16.90 8.89
CA VAL E 236 -33.51 -16.42 9.78
C VAL E 236 -34.00 -16.54 11.22
N VAL E 237 -33.18 -17.13 12.07
CA VAL E 237 -33.46 -17.24 13.49
C VAL E 237 -32.31 -16.62 14.25
N ARG E 238 -32.60 -15.58 15.04
CA ARG E 238 -31.60 -14.87 15.82
C ARG E 238 -32.00 -14.91 17.28
N VAL E 239 -31.18 -15.56 18.10
CA VAL E 239 -31.44 -15.69 19.53
C VAL E 239 -30.16 -15.37 20.29
N TRP E 240 -30.32 -14.92 21.53
CA TRP E 240 -29.20 -14.52 22.37
C TRP E 240 -28.99 -15.53 23.49
N SER E 241 -27.74 -15.65 23.92
CA SER E 241 -27.38 -16.56 25.00
C SER E 241 -26.12 -16.03 25.66
N ASN E 242 -25.83 -16.55 26.85
CA ASN E 242 -24.58 -16.24 27.52
C ASN E 242 -23.41 -16.75 26.69
N SER E 243 -22.28 -16.04 26.78
CA SER E 243 -21.14 -16.34 25.92
C SER E 243 -20.66 -17.79 26.09
N GLY E 244 -20.78 -18.34 27.29
CA GLY E 244 -20.35 -19.70 27.52
C GLY E 244 -21.29 -20.76 27.02
N ASP E 245 -22.46 -20.38 26.51
CA ASP E 245 -23.45 -21.33 26.02
C ASP E 245 -23.73 -21.20 24.54
N LEU E 246 -23.04 -20.28 23.83
CA LEU E 246 -23.43 -19.95 22.46
C LEU E 246 -23.27 -21.14 21.52
N GLN E 247 -22.10 -21.78 21.54
CA GLN E 247 -21.84 -22.88 20.61
C GLN E 247 -22.71 -24.09 20.92
N ASN E 248 -22.88 -24.41 22.20
CA ASN E 248 -23.75 -25.53 22.56
C ASN E 248 -25.19 -25.26 22.16
N VAL E 249 -25.66 -24.02 22.36
CA VAL E 249 -27.01 -23.67 21.93
C VAL E 249 -27.15 -23.81 20.42
N TYR E 250 -26.15 -23.35 19.67
CA TYR E 250 -26.20 -23.48 18.22
C TYR E 250 -26.33 -24.94 17.81
N TRP E 251 -25.48 -25.80 18.37
CA TRP E 251 -25.50 -27.21 18.00
C TRP E 251 -26.82 -27.87 18.38
N ASP E 252 -27.29 -27.64 19.59
CA ASP E 252 -28.53 -28.26 20.05
C ASP E 252 -29.72 -27.80 19.22
N VAL E 253 -29.80 -26.49 18.94
CA VAL E 253 -30.91 -25.96 18.17
C VAL E 253 -30.86 -26.49 16.75
N LEU E 254 -29.68 -26.59 16.16
CA LEU E 254 -29.58 -27.13 14.80
C LEU E 254 -30.05 -28.58 14.74
N GLU E 255 -29.61 -29.39 15.71
CA GLU E 255 -30.03 -30.79 15.72
C GLU E 255 -31.54 -30.92 15.92
N ARG E 256 -32.10 -30.10 16.82
CA ARG E 256 -33.54 -30.13 17.04
C ARG E 256 -34.30 -29.68 15.80
N ILE E 257 -33.78 -28.67 15.09
CA ILE E 257 -34.42 -28.21 13.86
C ILE E 257 -34.45 -29.35 12.85
N LYS E 258 -33.31 -30.03 12.69
CA LYS E 258 -33.26 -31.16 11.76
C LYS E 258 -34.27 -32.23 12.13
N ARG E 259 -34.27 -32.64 13.40
CA ARG E 259 -35.15 -33.73 13.83
C ARG E 259 -36.63 -33.36 13.67
N GLU E 260 -36.99 -32.15 14.08
CA GLU E 260 -38.39 -31.76 14.05
C GLU E 260 -38.89 -31.48 12.64
N PHE E 261 -38.01 -30.95 11.77
CA PHE E 261 -38.42 -30.78 10.38
C PHE E 261 -38.57 -32.13 9.68
N ASP E 262 -37.71 -33.09 10.02
CA ASP E 262 -37.90 -34.44 9.48
C ASP E 262 -39.20 -35.06 9.99
N ALA E 263 -39.51 -34.85 11.26
CA ALA E 263 -40.74 -35.43 11.83
C ALA E 263 -41.98 -34.79 11.24
N ALA E 264 -41.94 -33.48 10.99
CA ALA E 264 -43.11 -32.75 10.49
C ALA E 264 -43.23 -32.78 8.98
N GLY E 265 -42.31 -33.41 8.27
CA GLY E 265 -42.38 -33.49 6.83
C GLY E 265 -41.84 -32.28 6.10
N ILE E 266 -41.30 -31.29 6.80
CA ILE E 266 -40.72 -30.12 6.15
C ILE E 266 -39.40 -30.54 5.51
N SER E 267 -39.27 -30.29 4.22
CA SER E 267 -38.16 -30.82 3.44
C SER E 267 -37.03 -29.80 3.31
N PHE E 268 -35.81 -30.25 3.56
CA PHE E 268 -34.63 -29.46 3.20
C PHE E 268 -34.32 -29.77 1.73
N PRO E 269 -34.45 -28.80 0.82
CA PRO E 269 -34.41 -29.14 -0.60
C PRO E 269 -32.99 -29.23 -1.13
N TYR E 270 -32.79 -30.20 -2.02
CA TYR E 270 -31.58 -30.26 -2.81
C TYR E 270 -31.59 -29.16 -3.85
N PRO E 271 -30.44 -28.82 -4.44
CA PRO E 271 -30.43 -27.86 -5.54
C PRO E 271 -31.40 -28.22 -6.64
N GLN E 272 -32.27 -27.29 -7.00
CA GLN E 272 -33.34 -27.54 -7.96
C GLN E 272 -32.90 -27.19 -9.37
N MET E 273 -33.62 -27.76 -10.34
CA MET E 273 -33.31 -27.54 -11.75
C MET E 273 -34.54 -27.86 -12.57
N ASP E 274 -35.09 -26.86 -13.26
CA ASP E 274 -36.15 -27.10 -14.22
C ASP E 274 -35.52 -27.39 -15.58
N VAL E 275 -35.67 -28.64 -16.03
CA VAL E 275 -35.07 -29.10 -17.27
C VAL E 275 -36.15 -29.13 -18.34
N ASN E 276 -35.96 -28.35 -19.40
CA ASN E 276 -36.89 -28.32 -20.53
C ASN E 276 -36.33 -29.25 -21.60
N PHE E 277 -36.93 -30.42 -21.73
CA PHE E 277 -36.41 -31.49 -22.58
C PHE E 277 -36.74 -31.21 -24.03
N LYS E 278 -35.73 -31.28 -24.90
CA LYS E 278 -35.89 -31.04 -26.32
C LYS E 278 -35.03 -32.03 -27.08
N ARG E 279 -35.65 -32.88 -27.88
CA ARG E 279 -34.95 -33.90 -28.66
C ARG E 279 -34.98 -33.50 -30.12
N VAL E 280 -33.81 -33.45 -30.75
CA VAL E 280 -33.71 -33.09 -32.16
C VAL E 280 -33.48 -34.35 -33.00
N ALA F 19 43.64 25.33 50.79
CA ALA F 19 44.20 26.68 50.72
C ALA F 19 43.21 27.63 50.06
N ASN F 20 42.88 27.34 48.80
CA ASN F 20 41.96 28.18 48.02
C ASN F 20 40.53 27.77 48.35
N GLN F 21 40.05 28.23 49.51
CA GLN F 21 38.69 27.91 49.93
C GLN F 21 37.64 28.71 49.19
N ALA F 22 38.03 29.75 48.46
CA ALA F 22 37.06 30.55 47.72
C ALA F 22 36.43 29.76 46.58
N LEU F 23 37.23 28.97 45.87
CA LEU F 23 36.72 28.23 44.72
C LEU F 23 35.69 27.18 45.13
N LEU F 24 35.97 26.45 46.21
CA LEU F 24 35.03 25.44 46.67
C LEU F 24 33.71 26.07 47.12
N LEU F 25 33.80 27.20 47.82
CA LEU F 25 32.59 27.92 48.21
C LEU F 25 31.82 28.39 46.99
N SER F 26 32.53 28.86 45.95
CA SER F 26 31.86 29.28 44.74
C SER F 26 31.15 28.11 44.05
N TYR F 27 31.80 26.95 44.00
CA TYR F 27 31.16 25.78 43.41
C TYR F 27 29.92 25.38 44.19
N ALA F 28 30.01 25.38 45.52
CA ALA F 28 28.87 25.03 46.35
C ALA F 28 27.72 26.01 46.15
N VAL F 29 28.04 27.31 46.09
CA VAL F 29 26.98 28.29 45.93
C VAL F 29 26.38 28.21 44.53
N ASN F 30 27.16 27.82 43.52
CA ASN F 30 26.60 27.60 42.20
C ASN F 30 25.64 26.42 42.19
N ILE F 31 26.00 25.33 42.87
CA ILE F 31 25.10 24.20 42.95
C ILE F 31 23.81 24.58 43.68
N VAL F 32 23.93 25.33 44.78
CA VAL F 32 22.75 25.76 45.52
C VAL F 32 21.88 26.67 44.66
N ALA F 33 22.50 27.58 43.90
CA ALA F 33 21.75 28.45 43.02
C ALA F 33 21.03 27.67 41.95
N ALA F 34 21.68 26.63 41.40
CA ALA F 34 21.03 25.79 40.40
C ALA F 34 19.82 25.08 40.99
N LEU F 35 19.95 24.54 42.21
CA LEU F 35 18.81 23.88 42.85
C LEU F 35 17.67 24.86 43.10
N ALA F 36 18.00 26.06 43.57
CA ALA F 36 16.97 27.07 43.79
C ALA F 36 16.28 27.45 42.49
N ILE F 37 17.05 27.59 41.41
CA ILE F 37 16.46 27.88 40.11
C ILE F 37 15.54 26.76 39.68
N ILE F 38 15.95 25.52 39.89
CA ILE F 38 15.09 24.38 39.51
C ILE F 38 13.77 24.42 40.27
N ILE F 39 13.84 24.65 41.58
CA ILE F 39 12.62 24.65 42.39
C ILE F 39 11.70 25.80 41.97
N VAL F 40 12.26 27.01 41.86
CA VAL F 40 11.45 28.16 41.51
C VAL F 40 10.85 28.00 40.12
N GLY F 41 11.62 27.47 39.18
CA GLY F 41 11.11 27.27 37.85
C GLY F 41 10.00 26.24 37.79
N LEU F 42 10.12 25.15 38.55
CA LEU F 42 9.04 24.18 38.60
C LEU F 42 7.77 24.80 39.16
N ILE F 43 7.89 25.59 40.23
CA ILE F 43 6.72 26.22 40.83
C ILE F 43 6.08 27.20 39.85
N ILE F 44 6.91 28.01 39.18
CA ILE F 44 6.38 28.99 38.23
C ILE F 44 5.73 28.30 37.04
N ALA F 45 6.33 27.21 36.56
CA ALA F 45 5.74 26.47 35.46
C ALA F 45 4.38 25.92 35.85
N ARG F 46 4.27 25.34 37.05
CA ARG F 46 2.98 24.82 37.49
C ARG F 46 1.95 25.93 37.56
N MET F 47 2.31 27.07 38.16
CA MET F 47 1.35 28.16 38.33
C MET F 47 0.89 28.71 36.98
N ILE F 48 1.84 28.96 36.08
CA ILE F 48 1.48 29.55 34.78
C ILE F 48 0.68 28.55 33.95
N SER F 49 1.05 27.28 33.97
CA SER F 49 0.29 26.29 33.23
C SER F 49 -1.13 26.17 33.76
N ASN F 50 -1.31 26.19 35.08
CA ASN F 50 -2.65 26.14 35.64
C ASN F 50 -3.46 27.38 35.27
N ALA F 51 -2.83 28.56 35.31
CA ALA F 51 -3.54 29.78 34.94
C ALA F 51 -3.97 29.74 33.48
N VAL F 52 -3.08 29.29 32.60
CA VAL F 52 -3.42 29.20 31.17
C VAL F 52 -4.52 28.17 30.95
N ASN F 53 -4.47 27.06 31.67
CA ASN F 53 -5.51 26.04 31.53
C ASN F 53 -6.87 26.58 31.97
N ARG F 54 -6.91 27.29 33.10
CA ARG F 54 -8.16 27.86 33.57
C ARG F 54 -8.67 28.92 32.60
N LEU F 55 -7.77 29.73 32.03
CA LEU F 55 -8.17 30.73 31.06
C LEU F 55 -8.77 30.09 29.82
N MET F 56 -8.16 29.01 29.32
CA MET F 56 -8.68 28.34 28.13
C MET F 56 -10.00 27.64 28.42
N ILE F 57 -10.14 27.04 29.60
CA ILE F 57 -11.41 26.40 29.97
C ILE F 57 -12.52 27.44 30.07
N SER F 58 -12.22 28.60 30.66
CA SER F 58 -13.23 29.65 30.79
C SER F 58 -13.67 30.19 29.44
N ARG F 59 -12.87 30.00 28.39
CA ARG F 59 -13.24 30.40 27.05
C ARG F 59 -13.95 29.29 26.28
N LYS F 60 -14.48 28.29 26.99
CA LYS F 60 -15.25 27.20 26.42
C LYS F 60 -14.45 26.35 25.45
N ILE F 61 -13.13 26.43 25.51
CA ILE F 61 -12.28 25.59 24.67
C ILE F 61 -12.31 24.16 25.20
N ASP F 62 -12.18 23.19 24.31
CA ASP F 62 -12.27 21.80 24.70
C ASP F 62 -11.24 21.44 25.74
N ALA F 63 -11.64 20.58 26.69
CA ALA F 63 -10.77 20.25 27.81
C ALA F 63 -9.49 19.57 27.34
N THR F 64 -9.58 18.67 26.36
CA THR F 64 -8.40 17.97 25.88
C THR F 64 -7.41 18.94 25.23
N VAL F 65 -7.91 19.87 24.40
CA VAL F 65 -7.04 20.84 23.76
C VAL F 65 -6.38 21.73 24.81
N ALA F 66 -7.15 22.15 25.81
CA ALA F 66 -6.60 22.99 26.86
C ALA F 66 -5.51 22.23 27.63
N ASP F 67 -5.74 20.95 27.93
CA ASP F 67 -4.74 20.16 28.63
C ASP F 67 -3.47 20.03 27.80
N PHE F 68 -3.62 19.77 26.50
CA PHE F 68 -2.46 19.63 25.63
C PHE F 68 -1.64 20.92 25.59
N LEU F 69 -2.32 22.06 25.40
CA LEU F 69 -1.61 23.33 25.33
C LEU F 69 -0.97 23.70 26.66
N SER F 70 -1.66 23.42 27.77
CA SER F 70 -1.09 23.71 29.08
C SER F 70 0.12 22.84 29.36
N ALA F 71 0.08 21.57 28.93
CA ALA F 71 1.24 20.71 29.07
C ALA F 71 2.42 21.25 28.27
N LEU F 72 2.15 21.74 27.04
CA LEU F 72 3.21 22.34 26.25
C LEU F 72 3.80 23.55 26.96
N VAL F 73 2.96 24.42 27.52
CA VAL F 73 3.44 25.60 28.22
C VAL F 73 4.30 25.21 29.42
N ARG F 74 3.80 24.26 30.21
CA ARG F 74 4.53 23.83 31.40
C ARG F 74 5.88 23.24 31.06
N TYR F 75 5.93 22.38 30.03
CA TYR F 75 7.20 21.77 29.67
C TYR F 75 8.14 22.78 29.03
N GLY F 76 7.62 23.80 28.35
CA GLY F 76 8.49 24.85 27.85
C GLY F 76 9.12 25.67 28.97
N ILE F 77 8.33 26.00 29.98
CA ILE F 77 8.88 26.74 31.12
C ILE F 77 9.90 25.87 31.87
N ILE F 78 9.62 24.58 31.99
CA ILE F 78 10.56 23.67 32.63
C ILE F 78 11.85 23.58 31.83
N ALA F 79 11.74 23.61 30.50
CA ALA F 79 12.94 23.61 29.65
C ALA F 79 13.77 24.87 29.87
N PHE F 80 13.10 26.03 29.96
CA PHE F 80 13.81 27.27 30.27
C PHE F 80 14.53 27.17 31.60
N THR F 81 13.85 26.63 32.61
CA THR F 81 14.45 26.49 33.93
C THR F 81 15.66 25.55 33.89
N LEU F 82 15.54 24.42 33.18
CA LEU F 82 16.65 23.50 33.07
C LEU F 82 17.84 24.14 32.38
N ILE F 83 17.59 24.90 31.31
CA ILE F 83 18.68 25.58 30.63
C ILE F 83 19.38 26.55 31.58
N ALA F 84 18.60 27.32 32.34
CA ALA F 84 19.19 28.28 33.26
C ALA F 84 20.03 27.58 34.34
N ALA F 85 19.48 26.53 34.95
CA ALA F 85 20.20 25.84 36.02
C ALA F 85 21.46 25.16 35.51
N LEU F 86 21.37 24.48 34.36
CA LEU F 86 22.55 23.81 33.84
C LEU F 86 23.60 24.79 33.37
N GLY F 87 23.20 25.95 32.85
CA GLY F 87 24.16 27.00 32.62
C GLY F 87 24.80 27.51 33.90
N ARG F 88 24.03 27.52 34.99
CA ARG F 88 24.59 27.88 36.29
C ARG F 88 25.68 26.90 36.72
N VAL F 89 25.47 25.60 36.49
CA VAL F 89 26.47 24.61 36.90
C VAL F 89 27.49 24.37 35.80
N GLY F 90 27.49 25.21 34.77
CA GLY F 90 28.54 25.21 33.77
C GLY F 90 28.22 24.51 32.47
N VAL F 91 27.05 23.89 32.33
CA VAL F 91 26.68 23.26 31.07
C VAL F 91 26.23 24.33 30.08
N GLN F 92 26.79 24.29 28.88
CA GLN F 92 26.51 25.31 27.88
C GLN F 92 25.06 25.22 27.40
N THR F 93 24.56 26.36 26.89
CA THR F 93 23.18 26.41 26.41
C THR F 93 22.96 25.47 25.23
N ALA F 94 23.93 25.42 24.31
CA ALA F 94 23.79 24.57 23.14
C ALA F 94 23.72 23.10 23.54
N SER F 95 24.52 22.69 24.53
CA SER F 95 24.49 21.30 24.99
C SER F 95 23.14 20.94 25.57
N VAL F 96 22.58 21.82 26.41
CA VAL F 96 21.27 21.56 27.00
C VAL F 96 20.21 21.50 25.93
N ILE F 97 20.27 22.43 24.96
CA ILE F 97 19.28 22.44 23.89
C ILE F 97 19.35 21.15 23.07
N ALA F 98 20.56 20.70 22.75
CA ALA F 98 20.72 19.48 21.97
C ALA F 98 20.22 18.26 22.73
N VAL F 99 20.56 18.15 24.01
CA VAL F 99 20.14 16.99 24.79
C VAL F 99 18.62 16.98 24.98
N LEU F 100 18.04 18.15 25.29
CA LEU F 100 16.59 18.24 25.42
C LEU F 100 15.90 17.95 24.10
N GLY F 101 16.49 18.37 22.99
CA GLY F 101 15.93 18.06 21.69
C GLY F 101 15.95 16.58 21.40
N ALA F 102 17.06 15.90 21.73
CA ALA F 102 17.12 14.45 21.54
C ALA F 102 16.08 13.74 22.40
N ALA F 103 15.96 14.15 23.67
CA ALA F 103 14.96 13.53 24.54
C ALA F 103 13.54 13.78 24.03
N GLY F 104 13.26 15.02 23.61
CA GLY F 104 11.95 15.32 23.07
C GLY F 104 11.65 14.58 21.78
N LEU F 105 12.67 14.39 20.94
CA LEU F 105 12.48 13.60 19.72
C LEU F 105 12.15 12.16 20.05
N ALA F 106 12.85 11.59 21.04
CA ALA F 106 12.54 10.22 21.44
C ALA F 106 11.12 10.11 22.00
N VAL F 107 10.72 11.05 22.84
CA VAL F 107 9.38 11.02 23.41
C VAL F 107 8.33 11.22 22.32
N GLY F 108 8.61 12.10 21.36
CA GLY F 108 7.68 12.32 20.27
C GLY F 108 7.56 11.11 19.36
N LEU F 109 8.66 10.41 19.11
CA LEU F 109 8.59 9.16 18.37
C LEU F 109 7.75 8.13 19.11
N ALA F 110 7.88 8.09 20.43
CA ALA F 110 7.07 7.16 21.22
C ALA F 110 5.60 7.53 21.19
N LEU F 111 5.28 8.83 21.18
CA LEU F 111 3.92 9.30 21.35
C LEU F 111 3.25 9.79 20.08
N GLN F 112 3.86 9.56 18.91
CA GLN F 112 3.29 10.07 17.66
C GLN F 112 1.91 9.49 17.39
N GLY F 113 1.77 8.16 17.49
CA GLY F 113 0.47 7.55 17.23
C GLY F 113 -0.58 7.96 18.24
N SER F 114 -0.19 8.06 19.51
CA SER F 114 -1.11 8.52 20.54
C SER F 114 -1.56 9.94 20.28
N LEU F 115 -0.65 10.81 19.85
CA LEU F 115 -1.03 12.19 19.52
C LEU F 115 -1.99 12.23 18.35
N SER F 116 -1.74 11.42 17.33
CA SER F 116 -2.65 11.36 16.19
C SER F 116 -4.04 10.91 16.63
N ASN F 117 -4.11 9.87 17.45
CA ASN F 117 -5.39 9.39 17.95
C ASN F 117 -6.07 10.42 18.84
N LEU F 118 -5.30 11.17 19.63
CA LEU F 118 -5.86 12.20 20.49
C LEU F 118 -6.50 13.31 19.67
N ALA F 119 -5.79 13.80 18.66
CA ALA F 119 -6.34 14.82 17.79
C ALA F 119 -7.57 14.32 17.06
N ALA F 120 -7.52 13.07 16.59
CA ALA F 120 -8.67 12.50 15.89
C ALA F 120 -9.89 12.37 16.81
N GLY F 121 -9.67 11.97 18.06
CA GLY F 121 -10.78 11.89 18.99
C GLY F 121 -11.37 13.25 19.32
N VAL F 122 -10.51 14.27 19.44
CA VAL F 122 -11.01 15.63 19.64
C VAL F 122 -11.87 16.04 18.46
N LEU F 123 -11.42 15.76 17.24
CA LEU F 123 -12.20 16.11 16.05
C LEU F 123 -13.52 15.34 16.01
N LEU F 124 -13.49 14.06 16.38
CA LEU F 124 -14.72 13.25 16.38
C LEU F 124 -15.74 13.81 17.36
N VAL F 125 -15.29 14.18 18.56
CA VAL F 125 -16.22 14.72 19.54
C VAL F 125 -16.71 16.10 19.10
N MET F 126 -15.85 16.89 18.47
CA MET F 126 -16.22 18.25 18.10
C MET F 126 -17.24 18.27 16.97
N PHE F 127 -17.00 17.49 15.91
CA PHE F 127 -17.85 17.56 14.73
C PHE F 127 -18.95 16.51 14.72
N ARG F 128 -18.83 15.46 15.52
CA ARG F 128 -19.88 14.46 15.69
C ARG F 128 -20.37 13.86 14.37
N PRO F 129 -19.50 13.23 13.58
CA PRO F 129 -19.99 12.45 12.45
C PRO F 129 -20.88 11.30 12.88
N PHE F 130 -20.62 10.75 14.07
CA PHE F 130 -21.48 9.77 14.71
C PHE F 130 -21.51 10.08 16.19
N ARG F 131 -22.51 9.54 16.88
CA ARG F 131 -22.63 9.71 18.31
C ARG F 131 -22.94 8.36 18.92
N ALA F 132 -22.88 8.29 20.26
CA ALA F 132 -23.18 7.06 20.95
C ALA F 132 -24.61 6.63 20.69
N GLY F 133 -24.79 5.35 20.36
CA GLY F 133 -26.08 4.79 20.07
C GLY F 133 -26.39 4.66 18.59
N GLU F 134 -25.60 5.28 17.73
CA GLU F 134 -25.85 5.22 16.29
C GLU F 134 -25.10 4.04 15.67
N TYR F 135 -25.74 3.41 14.69
CA TYR F 135 -25.14 2.29 13.97
C TYR F 135 -24.34 2.85 12.79
N VAL F 136 -23.04 2.54 12.76
CA VAL F 136 -22.16 3.09 11.74
C VAL F 136 -21.32 1.97 11.15
N ASP F 137 -20.73 2.25 10.00
CA ASP F 137 -19.77 1.37 9.34
C ASP F 137 -18.46 2.15 9.20
N LEU F 138 -17.45 1.74 9.96
CA LEU F 138 -16.17 2.45 10.02
C LEU F 138 -15.11 1.61 9.30
N GLY F 139 -15.02 1.79 8.00
CA GLY F 139 -13.99 1.12 7.22
C GLY F 139 -14.08 -0.40 7.19
N GLY F 140 -15.29 -0.93 7.01
CA GLY F 140 -15.49 -2.36 6.87
C GLY F 140 -16.08 -3.04 8.09
N VAL F 141 -16.05 -2.41 9.26
CA VAL F 141 -16.65 -2.96 10.46
C VAL F 141 -17.86 -2.11 10.83
N ALA F 142 -18.97 -2.78 11.12
CA ALA F 142 -20.24 -2.12 11.43
C ALA F 142 -20.70 -2.49 12.82
N GLY F 143 -21.28 -1.52 13.52
CA GLY F 143 -21.79 -1.78 14.86
C GLY F 143 -22.35 -0.51 15.45
N THR F 144 -22.88 -0.65 16.66
CA THR F 144 -23.46 0.47 17.39
C THR F 144 -22.37 1.13 18.22
N VAL F 145 -22.20 2.44 18.07
CA VAL F 145 -21.17 3.16 18.79
C VAL F 145 -21.49 3.18 20.27
N LEU F 146 -20.51 2.79 21.10
CA LEU F 146 -20.67 2.83 22.54
C LEU F 146 -20.10 4.11 23.12
N SER F 147 -18.87 4.47 22.76
CA SER F 147 -18.25 5.68 23.27
C SER F 147 -17.02 6.00 22.43
N VAL F 148 -16.70 7.28 22.36
CA VAL F 148 -15.45 7.75 21.75
C VAL F 148 -14.52 8.11 22.89
N GLN F 149 -13.48 7.31 23.09
CA GLN F 149 -12.56 7.53 24.19
C GLN F 149 -11.41 8.43 23.72
N ILE F 150 -10.37 8.56 24.55
CA ILE F 150 -9.31 9.51 24.27
C ILE F 150 -8.49 9.06 23.07
N PHE F 151 -8.26 7.76 22.92
CA PHE F 151 -7.43 7.24 21.84
C PHE F 151 -8.17 6.32 20.88
N SER F 152 -9.34 5.82 21.23
CA SER F 152 -10.04 4.87 20.37
C SER F 152 -11.53 4.95 20.65
N THR F 153 -12.31 4.38 19.72
CA THR F 153 -13.76 4.33 19.81
C THR F 153 -14.19 2.87 19.92
N THR F 154 -15.14 2.61 20.80
CA THR F 154 -15.66 1.27 21.04
C THR F 154 -17.04 1.15 20.43
N MET F 155 -17.27 0.06 19.68
CA MET F 155 -18.56 -0.24 19.11
C MET F 155 -18.92 -1.69 19.39
N ARG F 156 -20.22 -1.95 19.49
CA ARG F 156 -20.73 -3.30 19.66
C ARG F 156 -21.46 -3.74 18.40
N THR F 157 -21.10 -4.89 17.87
CA THR F 157 -21.68 -5.38 16.63
C THR F 157 -23.08 -5.93 16.89
N ALA F 158 -23.76 -6.33 15.81
CA ALA F 158 -25.12 -6.82 15.94
C ALA F 158 -25.17 -8.15 16.68
N ASP F 159 -24.11 -8.95 16.60
CA ASP F 159 -24.05 -10.25 17.27
C ASP F 159 -23.38 -10.19 18.63
N GLY F 160 -23.01 -9.01 19.11
CA GLY F 160 -22.50 -8.86 20.46
C GLY F 160 -21.00 -8.71 20.60
N LYS F 161 -20.25 -8.71 19.50
CA LYS F 161 -18.82 -8.50 19.60
C LYS F 161 -18.51 -7.04 19.93
N ILE F 162 -17.35 -6.83 20.56
CA ILE F 162 -16.86 -5.49 20.88
C ILE F 162 -15.66 -5.22 19.98
N ILE F 163 -15.72 -4.12 19.25
CA ILE F 163 -14.64 -3.72 18.35
C ILE F 163 -14.09 -2.39 18.82
N VAL F 164 -12.77 -2.33 18.99
CA VAL F 164 -12.07 -1.11 19.38
C VAL F 164 -11.28 -0.63 18.17
N ILE F 165 -11.54 0.60 17.75
CA ILE F 165 -10.94 1.18 16.56
C ILE F 165 -10.22 2.45 16.98
N PRO F 166 -8.94 2.62 16.63
CA PRO F 166 -8.25 3.88 16.93
C PRO F 166 -8.91 5.05 16.20
N ASN F 167 -8.89 6.22 16.85
CA ASN F 167 -9.59 7.38 16.34
C ASN F 167 -9.00 7.86 15.02
N GLY F 168 -7.67 7.84 14.90
CA GLY F 168 -7.04 8.31 13.67
C GLY F 168 -7.45 7.48 12.47
N LYS F 169 -7.55 6.16 12.64
CA LYS F 169 -8.04 5.29 11.59
C LYS F 169 -9.47 5.64 11.21
N ILE F 170 -10.28 6.04 12.19
CA ILE F 170 -11.67 6.39 11.91
C ILE F 170 -11.75 7.67 11.09
N ILE F 171 -11.01 8.71 11.50
CA ILE F 171 -11.14 9.99 10.80
C ILE F 171 -10.43 9.93 9.45
N ALA F 172 -9.47 9.04 9.28
CA ALA F 172 -8.76 8.96 8.01
C ALA F 172 -9.60 8.35 6.90
N GLY F 173 -10.68 7.63 7.25
CA GLY F 173 -11.48 6.91 6.28
C GLY F 173 -12.92 7.39 6.25
N ASN F 174 -13.70 6.71 5.42
CA ASN F 174 -15.12 7.03 5.29
C ASN F 174 -15.89 6.62 6.52
N ILE F 175 -16.87 7.44 6.89
CA ILE F 175 -17.77 7.15 8.00
C ILE F 175 -19.17 7.03 7.42
N ILE F 176 -19.72 5.82 7.45
CA ILE F 176 -21.07 5.56 6.96
C ILE F 176 -22.00 5.47 8.16
N ASN F 177 -22.96 6.38 8.23
CA ASN F 177 -23.87 6.46 9.36
C ASN F 177 -25.24 5.93 8.95
N PHE F 178 -25.66 4.84 9.58
CA PHE F 178 -26.94 4.22 9.26
C PHE F 178 -28.11 4.88 9.98
N SER F 179 -27.86 5.57 11.09
CA SER F 179 -28.92 6.08 11.95
C SER F 179 -29.16 7.58 11.85
N ARG F 180 -28.35 8.30 11.07
CA ARG F 180 -28.48 9.75 11.05
C ARG F 180 -29.78 10.20 10.39
N GLU F 181 -30.14 9.62 9.24
CA GLU F 181 -31.37 10.01 8.58
C GLU F 181 -32.56 9.31 9.22
N PRO F 182 -33.66 10.02 9.48
CA PRO F 182 -34.83 9.37 10.10
C PRO F 182 -35.58 8.44 9.15
N VAL F 183 -35.37 8.55 7.85
CA VAL F 183 -36.09 7.76 6.85
C VAL F 183 -35.07 7.07 5.96
N ARG F 184 -35.28 5.77 5.72
CA ARG F 184 -34.41 4.98 4.86
C ARG F 184 -35.25 4.14 3.91
N ARG F 185 -34.58 3.55 2.92
CA ARG F 185 -35.25 2.88 1.81
C ARG F 185 -34.98 1.38 1.83
N ASN F 186 -36.02 0.60 1.55
CA ASN F 186 -35.93 -0.83 1.34
C ASN F 186 -35.94 -1.12 -0.15
N GLU F 187 -35.23 -2.18 -0.54
CA GLU F 187 -35.19 -2.63 -1.93
C GLU F 187 -35.50 -4.11 -2.00
N PHE F 188 -36.43 -4.48 -2.87
CA PHE F 188 -36.81 -5.87 -3.08
C PHE F 188 -36.51 -6.26 -4.51
N ILE F 189 -35.84 -7.39 -4.69
CA ILE F 189 -35.57 -7.95 -6.01
C ILE F 189 -36.33 -9.26 -6.08
N ILE F 190 -37.43 -9.28 -6.83
CA ILE F 190 -38.29 -10.44 -6.94
C ILE F 190 -38.12 -11.01 -8.34
N GLY F 191 -37.74 -12.29 -8.43
CA GLY F 191 -37.58 -12.97 -9.69
C GLY F 191 -38.74 -13.91 -9.92
N VAL F 192 -39.47 -13.68 -11.01
CA VAL F 192 -40.61 -14.49 -11.38
C VAL F 192 -40.35 -15.14 -12.73
N ALA F 193 -41.17 -16.13 -13.06
CA ALA F 193 -41.01 -16.85 -14.32
C ALA F 193 -41.27 -15.93 -15.51
N TYR F 194 -40.67 -16.28 -16.64
CA TYR F 194 -40.78 -15.45 -17.83
C TYR F 194 -42.21 -15.37 -18.34
N ASP F 195 -42.99 -16.45 -18.20
CA ASP F 195 -44.36 -16.46 -18.70
C ASP F 195 -45.33 -15.74 -17.79
N SER F 196 -44.86 -15.17 -16.68
CA SER F 196 -45.73 -14.43 -15.79
C SER F 196 -46.21 -13.14 -16.46
N ASP F 197 -47.45 -12.76 -16.13
CA ASP F 197 -48.00 -11.51 -16.64
C ASP F 197 -47.38 -10.34 -15.92
N ILE F 198 -46.80 -9.41 -16.69
CA ILE F 198 -46.09 -8.27 -16.09
C ILE F 198 -47.07 -7.38 -15.32
N ASP F 199 -48.23 -7.10 -15.91
CA ASP F 199 -49.19 -6.20 -15.27
C ASP F 199 -49.73 -6.79 -13.98
N GLN F 200 -49.98 -8.10 -13.95
CA GLN F 200 -50.45 -8.72 -12.73
C GLN F 200 -49.42 -8.63 -11.61
N VAL F 201 -48.14 -8.90 -11.94
CA VAL F 201 -47.08 -8.78 -10.94
C VAL F 201 -47.00 -7.36 -10.43
N LYS F 202 -47.03 -6.39 -11.34
CA LYS F 202 -46.93 -4.98 -10.95
C LYS F 202 -48.09 -4.60 -10.03
N GLN F 203 -49.31 -5.00 -10.38
CA GLN F 203 -50.46 -4.60 -9.58
C GLN F 203 -50.48 -5.31 -8.23
N ILE F 204 -50.06 -6.57 -8.17
CA ILE F 204 -50.00 -7.26 -6.88
C ILE F 204 -48.97 -6.59 -5.97
N LEU F 205 -47.78 -6.30 -6.50
CA LEU F 205 -46.77 -5.64 -5.68
C LEU F 205 -47.23 -4.25 -5.25
N THR F 206 -47.89 -3.52 -6.15
CA THR F 206 -48.40 -2.20 -5.82
C THR F 206 -49.45 -2.28 -4.72
N ASN F 207 -50.34 -3.26 -4.79
CA ASN F 207 -51.34 -3.43 -3.73
C ASN F 207 -50.66 -3.76 -2.40
N ILE F 208 -49.64 -4.62 -2.43
CA ILE F 208 -48.94 -4.99 -1.21
C ILE F 208 -48.31 -3.76 -0.57
N ILE F 209 -47.63 -2.94 -1.38
CA ILE F 209 -46.94 -1.79 -0.79
C ILE F 209 -47.91 -0.65 -0.45
N GLN F 210 -49.07 -0.58 -1.09
CA GLN F 210 -50.05 0.43 -0.73
C GLN F 210 -50.78 0.06 0.55
N SER F 211 -51.03 -1.23 0.77
CA SER F 211 -51.73 -1.66 1.97
C SER F 211 -50.84 -1.65 3.21
N GLU F 212 -49.54 -1.38 3.06
CA GLU F 212 -48.63 -1.31 4.19
C GLU F 212 -48.60 0.13 4.71
N ASP F 213 -48.99 0.31 5.97
CA ASP F 213 -49.08 1.66 6.53
C ASP F 213 -47.72 2.25 6.88
N ARG F 214 -46.73 1.41 7.19
CA ARG F 214 -45.42 1.91 7.56
C ARG F 214 -44.60 2.37 6.37
N ILE F 215 -45.06 2.14 5.15
CA ILE F 215 -44.38 2.63 3.96
C ILE F 215 -44.87 4.04 3.68
N LEU F 216 -43.93 4.97 3.54
CA LEU F 216 -44.28 6.37 3.35
C LEU F 216 -44.82 6.58 1.94
N LYS F 217 -46.09 6.98 1.83
CA LYS F 217 -46.73 7.15 0.55
C LYS F 217 -46.31 8.42 -0.17
N ASP F 218 -45.70 9.36 0.54
CA ASP F 218 -45.20 10.59 -0.08
C ASP F 218 -43.80 10.45 -0.63
N ARG F 219 -43.19 9.27 -0.50
CA ARG F 219 -41.86 9.01 -1.03
C ARG F 219 -41.95 8.18 -2.30
N GLU F 220 -40.79 7.75 -2.80
CA GLU F 220 -40.73 6.88 -3.97
C GLU F 220 -41.34 5.53 -3.66
N MET F 221 -42.12 5.01 -4.59
CA MET F 221 -42.80 3.72 -4.48
C MET F 221 -42.61 2.91 -5.75
N THR F 222 -41.35 2.81 -6.19
CA THR F 222 -41.03 2.19 -7.48
C THR F 222 -41.38 0.71 -7.48
N VAL F 223 -42.12 0.30 -8.51
CA VAL F 223 -42.38 -1.11 -8.81
C VAL F 223 -42.21 -1.26 -10.32
N ARG F 224 -41.02 -1.69 -10.74
CA ARG F 224 -40.71 -1.77 -12.16
C ARG F 224 -40.04 -3.10 -12.48
N LEU F 225 -40.17 -3.53 -13.73
CA LEU F 225 -39.37 -4.63 -14.23
C LEU F 225 -37.95 -4.14 -14.47
N ASN F 226 -36.98 -4.82 -13.86
CA ASN F 226 -35.63 -4.31 -13.78
C ASN F 226 -34.62 -5.07 -14.63
N GLU F 227 -34.78 -6.39 -14.76
CA GLU F 227 -33.75 -7.18 -15.42
C GLU F 227 -34.38 -8.42 -16.04
N LEU F 228 -33.84 -8.82 -17.19
CA LEU F 228 -34.18 -10.09 -17.82
C LEU F 228 -33.06 -11.06 -17.49
N GLY F 229 -33.23 -11.80 -16.40
CA GLY F 229 -32.20 -12.70 -15.92
C GLY F 229 -32.13 -14.00 -16.69
N ALA F 230 -31.21 -14.86 -16.26
CA ALA F 230 -30.99 -16.13 -16.94
C ALA F 230 -32.22 -17.04 -16.83
N SER F 231 -32.82 -17.13 -15.65
CA SER F 231 -33.95 -18.02 -15.42
C SER F 231 -35.22 -17.28 -15.00
N SER F 232 -35.16 -15.97 -14.78
CA SER F 232 -36.30 -15.24 -14.27
C SER F 232 -36.22 -13.79 -14.73
N ILE F 233 -37.36 -13.12 -14.69
CA ILE F 233 -37.44 -11.68 -14.90
C ILE F 233 -37.54 -11.03 -13.53
N ASN F 234 -36.65 -10.08 -13.26
CA ASN F 234 -36.51 -9.50 -11.93
C ASN F 234 -37.25 -8.17 -11.84
N PHE F 235 -38.09 -8.04 -10.83
CA PHE F 235 -38.78 -6.79 -10.53
C PHE F 235 -38.13 -6.14 -9.32
N VAL F 236 -37.99 -4.82 -9.38
CA VAL F 236 -37.39 -4.05 -8.31
C VAL F 236 -38.49 -3.26 -7.61
N VAL F 237 -38.53 -3.34 -6.29
CA VAL F 237 -39.47 -2.58 -5.46
C VAL F 237 -38.66 -1.77 -4.47
N ARG F 238 -38.81 -0.45 -4.53
CA ARG F 238 -38.09 0.47 -3.65
C ARG F 238 -39.11 1.31 -2.91
N VAL F 239 -39.17 1.17 -1.58
CA VAL F 239 -40.08 1.91 -0.74
C VAL F 239 -39.34 2.46 0.46
N TRP F 240 -39.84 3.56 1.01
CA TRP F 240 -39.20 4.25 2.12
C TRP F 240 -40.01 4.05 3.39
N SER F 241 -39.32 4.05 4.53
CA SER F 241 -39.94 3.88 5.83
C SER F 241 -39.06 4.56 6.87
N ASN F 242 -39.64 4.78 8.06
CA ASN F 242 -38.85 5.28 9.17
C ASN F 242 -37.79 4.26 9.55
N SER F 243 -36.66 4.77 10.06
CA SER F 243 -35.51 3.90 10.32
C SER F 243 -35.85 2.78 11.30
N GLY F 244 -36.75 3.04 12.24
CA GLY F 244 -37.13 2.01 13.19
C GLY F 244 -38.08 0.96 12.67
N ASP F 245 -38.57 1.12 11.44
CA ASP F 245 -39.51 0.17 10.86
C ASP F 245 -38.96 -0.54 9.63
N LEU F 246 -37.71 -0.28 9.24
CA LEU F 246 -37.21 -0.75 7.95
C LEU F 246 -37.17 -2.27 7.88
N GLN F 247 -36.56 -2.91 8.88
CA GLN F 247 -36.40 -4.36 8.85
C GLN F 247 -37.74 -5.08 8.96
N ASN F 248 -38.63 -4.59 9.84
CA ASN F 248 -39.95 -5.19 9.97
C ASN F 248 -40.74 -5.04 8.68
N VAL F 249 -40.65 -3.88 8.03
CA VAL F 249 -41.33 -3.69 6.76
C VAL F 249 -40.78 -4.65 5.71
N TYR F 250 -39.46 -4.81 5.67
CA TYR F 250 -38.87 -5.75 4.71
C TYR F 250 -39.41 -7.15 4.92
N TRP F 251 -39.41 -7.62 6.17
CA TRP F 251 -39.85 -8.98 6.46
C TRP F 251 -41.34 -9.15 6.12
N ASP F 252 -42.18 -8.21 6.55
CA ASP F 252 -43.61 -8.33 6.30
C ASP F 252 -43.92 -8.29 4.81
N VAL F 253 -43.28 -7.38 4.08
CA VAL F 253 -43.54 -7.27 2.65
C VAL F 253 -43.06 -8.52 1.93
N LEU F 254 -41.92 -9.08 2.33
CA LEU F 254 -41.44 -10.30 1.68
C LEU F 254 -42.40 -11.46 1.92
N GLU F 255 -42.88 -11.61 3.15
CA GLU F 255 -43.83 -12.69 3.43
C GLU F 255 -45.12 -12.50 2.66
N ARG F 256 -45.62 -11.27 2.59
CA ARG F 256 -46.84 -11.01 1.83
C ARG F 256 -46.64 -11.27 0.35
N ILE F 257 -45.47 -10.91 -0.19
CA ILE F 257 -45.17 -11.18 -1.59
C ILE F 257 -45.21 -12.68 -1.86
N LYS F 258 -44.57 -13.45 -0.98
CA LYS F 258 -44.58 -14.90 -1.13
C LYS F 258 -46.00 -15.45 -1.11
N ARG F 259 -46.79 -15.06 -0.10
CA ARG F 259 -48.13 -15.60 0.05
C ARG F 259 -49.02 -15.22 -1.14
N GLU F 260 -48.97 -13.95 -1.56
CA GLU F 260 -49.86 -13.50 -2.62
C GLU F 260 -49.44 -14.04 -3.98
N PHE F 261 -48.14 -14.20 -4.22
CA PHE F 261 -47.71 -14.81 -5.47
C PHE F 261 -48.09 -16.29 -5.51
N ASP F 262 -48.02 -16.97 -4.37
CA ASP F 262 -48.49 -18.36 -4.33
C ASP F 262 -50.00 -18.42 -4.57
N ALA F 263 -50.75 -17.48 -4.01
CA ALA F 263 -52.21 -17.50 -4.17
C ALA F 263 -52.61 -17.17 -5.61
N ALA F 264 -51.88 -16.27 -6.26
CA ALA F 264 -52.22 -15.83 -7.60
C ALA F 264 -51.62 -16.71 -8.70
N GLY F 265 -50.84 -17.73 -8.33
CA GLY F 265 -50.25 -18.60 -9.31
C GLY F 265 -48.97 -18.11 -9.93
N ILE F 266 -48.46 -16.96 -9.49
CA ILE F 266 -47.19 -16.45 -10.01
C ILE F 266 -46.06 -17.30 -9.44
N SER F 267 -45.24 -17.85 -10.32
CA SER F 267 -44.26 -18.85 -9.93
C SER F 267 -42.89 -18.22 -9.71
N PHE F 268 -42.26 -18.58 -8.60
CA PHE F 268 -40.85 -18.28 -8.39
C PHE F 268 -40.05 -19.40 -9.05
N PRO F 269 -39.31 -19.13 -10.12
CA PRO F 269 -38.74 -20.21 -10.91
C PRO F 269 -37.45 -20.76 -10.33
N TYR F 270 -37.29 -22.08 -10.43
CA TYR F 270 -36.02 -22.72 -10.16
C TYR F 270 -35.06 -22.41 -11.30
N PRO F 271 -33.75 -22.60 -11.08
CA PRO F 271 -32.79 -22.45 -12.19
C PRO F 271 -33.19 -23.27 -13.40
N GLN F 272 -33.28 -22.62 -14.56
CA GLN F 272 -33.76 -23.26 -15.78
C GLN F 272 -32.60 -23.84 -16.58
N MET F 273 -32.93 -24.77 -17.47
CA MET F 273 -31.93 -25.42 -18.30
C MET F 273 -32.63 -26.03 -19.51
N ASP F 274 -32.29 -25.56 -20.70
CA ASP F 274 -32.75 -26.18 -21.93
C ASP F 274 -31.76 -27.27 -22.32
N VAL F 275 -32.20 -28.52 -22.23
CA VAL F 275 -31.35 -29.67 -22.51
C VAL F 275 -31.69 -30.19 -23.90
N ASN F 276 -30.71 -30.18 -24.79
CA ASN F 276 -30.86 -30.71 -26.14
C ASN F 276 -30.34 -32.14 -26.16
N PHE F 277 -31.25 -33.10 -26.17
CA PHE F 277 -30.92 -34.50 -25.99
C PHE F 277 -30.38 -35.08 -27.29
N LYS F 278 -29.21 -35.74 -27.20
CA LYS F 278 -28.56 -36.34 -28.35
C LYS F 278 -27.97 -37.68 -27.92
N ARG F 279 -28.45 -38.76 -28.52
CA ARG F 279 -27.99 -40.11 -28.21
C ARG F 279 -27.15 -40.62 -29.36
N VAL F 280 -25.93 -41.06 -29.05
CA VAL F 280 -25.03 -41.60 -30.07
C VAL F 280 -25.02 -43.12 -30.00
N ALA G 19 20.66 44.78 51.83
CA ALA G 19 21.69 45.79 51.61
C ALA G 19 21.66 46.30 50.18
N ASN G 20 21.87 45.40 49.23
CA ASN G 20 21.89 45.74 47.81
C ASN G 20 20.46 45.74 47.29
N GLN G 21 19.73 46.81 47.59
CA GLN G 21 18.35 46.95 47.16
C GLN G 21 18.22 47.30 45.68
N ALA G 22 19.32 47.69 45.02
CA ALA G 22 19.26 48.04 43.62
C ALA G 22 18.98 46.82 42.75
N LEU G 23 19.60 45.68 43.08
CA LEU G 23 19.43 44.48 42.26
C LEU G 23 17.99 43.97 42.30
N LEU G 24 17.38 43.95 43.48
CA LEU G 24 16.00 43.48 43.59
C LEU G 24 15.05 44.39 42.83
N LEU G 25 15.27 45.71 42.92
CA LEU G 25 14.46 46.64 42.14
C LEU G 25 14.65 46.43 40.66
N SER G 26 15.88 46.15 40.22
CA SER G 26 16.12 45.87 38.81
C SER G 26 15.40 44.62 38.36
N TYR G 27 15.43 43.56 39.18
CA TYR G 27 14.72 42.34 38.82
C TYR G 27 13.21 42.59 38.72
N ALA G 28 12.66 43.32 39.69
CA ALA G 28 11.23 43.63 39.66
C ALA G 28 10.87 44.45 38.43
N VAL G 29 11.69 45.45 38.09
CA VAL G 29 11.38 46.27 36.94
C VAL G 29 11.53 45.47 35.64
N ASN G 30 12.45 44.51 35.61
CA ASN G 30 12.56 43.64 34.43
C ASN G 30 11.32 42.77 34.29
N ILE G 31 10.81 42.23 35.39
CA ILE G 31 9.58 41.43 35.32
C ILE G 31 8.41 42.30 34.84
N VAL G 32 8.31 43.52 35.38
CA VAL G 32 7.24 44.42 34.98
C VAL G 32 7.35 44.77 33.51
N ALA G 33 8.58 45.03 33.03
CA ALA G 33 8.79 45.32 31.62
C ALA G 33 8.40 44.14 30.74
N ALA G 34 8.72 42.93 31.19
CA ALA G 34 8.33 41.74 30.42
C ALA G 34 6.82 41.62 30.34
N LEU G 35 6.12 41.86 31.45
CA LEU G 35 4.66 41.80 31.42
C LEU G 35 4.07 42.87 30.51
N ALA G 36 4.62 44.08 30.56
CA ALA G 36 4.15 45.15 29.67
C ALA G 36 4.39 44.80 28.22
N ILE G 37 5.55 44.21 27.92
CA ILE G 37 5.85 43.78 26.56
C ILE G 37 4.85 42.72 26.10
N ILE G 38 4.53 41.78 26.99
CA ILE G 38 3.57 40.73 26.64
C ILE G 38 2.22 41.34 26.30
N ILE G 39 1.74 42.25 27.14
CA ILE G 39 0.42 42.85 26.92
C ILE G 39 0.39 43.64 25.62
N VAL G 40 1.40 44.50 25.43
CA VAL G 40 1.44 45.35 24.24
C VAL G 40 1.56 44.50 22.99
N GLY G 41 2.37 43.44 23.04
CA GLY G 41 2.53 42.58 21.89
C GLY G 41 1.25 41.83 21.55
N LEU G 42 0.52 41.35 22.56
CA LEU G 42 -0.75 40.70 22.28
C LEU G 42 -1.73 41.67 21.63
N ILE G 43 -1.80 42.91 22.13
CA ILE G 43 -2.71 43.88 21.56
C ILE G 43 -2.32 44.19 20.11
N ILE G 44 -1.03 44.39 19.87
CA ILE G 44 -0.55 44.72 18.53
C ILE G 44 -0.80 43.56 17.57
N ALA G 45 -0.57 42.33 18.04
CA ALA G 45 -0.83 41.16 17.21
C ALA G 45 -2.30 41.08 16.84
N ARG G 46 -3.20 41.29 17.79
CA ARG G 46 -4.62 41.26 17.49
C ARG G 46 -4.98 42.32 16.46
N MET G 47 -4.49 43.55 16.66
CA MET G 47 -4.85 44.63 15.75
C MET G 47 -4.32 44.38 14.35
N ILE G 48 -3.06 43.97 14.22
CA ILE G 48 -2.48 43.75 12.90
C ILE G 48 -3.12 42.57 12.21
N SER G 49 -3.40 41.49 12.96
CA SER G 49 -4.06 40.34 12.36
C SER G 49 -5.45 40.70 11.86
N ASN G 50 -6.21 41.48 12.64
CA ASN G 50 -7.53 41.90 12.19
C ASN G 50 -7.44 42.79 10.96
N ALA G 51 -6.47 43.71 10.93
CA ALA G 51 -6.32 44.57 9.77
C ALA G 51 -5.98 43.78 8.52
N VAL G 52 -5.07 42.80 8.65
CA VAL G 52 -4.69 41.96 7.52
C VAL G 52 -5.87 41.12 7.05
N ASN G 53 -6.66 40.59 8.01
CA ASN G 53 -7.83 39.81 7.65
C ASN G 53 -8.85 40.64 6.89
N ARG G 54 -9.11 41.87 7.36
CA ARG G 54 -10.05 42.74 6.67
C ARG G 54 -9.53 43.09 5.28
N LEU G 55 -8.23 43.35 5.17
CA LEU G 55 -7.65 43.66 3.87
C LEU G 55 -7.81 42.50 2.90
N MET G 56 -7.56 41.27 3.35
CA MET G 56 -7.68 40.11 2.48
C MET G 56 -9.14 39.85 2.11
N ILE G 57 -10.06 40.05 3.05
CA ILE G 57 -11.47 39.85 2.75
C ILE G 57 -11.94 40.88 1.73
N SER G 58 -11.49 42.13 1.86
CA SER G 58 -11.88 43.17 0.92
C SER G 58 -11.35 42.91 -0.48
N ARG G 59 -10.31 42.07 -0.61
CA ARG G 59 -9.80 41.68 -1.91
C ARG G 59 -10.46 40.41 -2.45
N LYS G 60 -11.63 40.06 -1.91
CA LYS G 60 -12.43 38.92 -2.37
C LYS G 60 -11.71 37.58 -2.19
N ILE G 61 -10.68 37.54 -1.36
CA ILE G 61 -10.00 36.29 -1.07
C ILE G 61 -10.88 35.44 -0.18
N ASP G 62 -10.77 34.12 -0.32
CA ASP G 62 -11.62 33.20 0.40
C ASP G 62 -11.47 33.40 1.92
N ALA G 63 -12.59 33.27 2.62
CA ALA G 63 -12.60 33.54 4.06
C ALA G 63 -11.68 32.58 4.81
N THR G 64 -11.68 31.30 4.42
CA THR G 64 -10.83 30.33 5.11
C THR G 64 -9.35 30.64 4.92
N VAL G 65 -8.96 30.98 3.70
CA VAL G 65 -7.56 31.32 3.43
C VAL G 65 -7.17 32.58 4.22
N ALA G 66 -8.05 33.57 4.24
CA ALA G 66 -7.77 34.79 4.99
C ALA G 66 -7.62 34.50 6.48
N ASP G 67 -8.49 33.64 7.02
CA ASP G 67 -8.37 33.28 8.43
C ASP G 67 -7.07 32.56 8.72
N PHE G 68 -6.68 31.63 7.85
CA PHE G 68 -5.43 30.90 8.05
C PHE G 68 -4.24 31.85 8.03
N LEU G 69 -4.18 32.74 7.05
CA LEU G 69 -3.05 33.66 6.94
C LEU G 69 -3.03 34.65 8.11
N SER G 70 -4.20 35.12 8.54
CA SER G 70 -4.26 36.04 9.67
C SER G 70 -3.83 35.35 10.95
N ALA G 71 -4.20 34.08 11.12
CA ALA G 71 -3.73 33.33 12.27
C ALA G 71 -2.22 33.19 12.26
N LEU G 72 -1.66 32.93 11.08
CA LEU G 72 -0.20 32.86 10.98
C LEU G 72 0.45 34.18 11.37
N VAL G 73 -0.10 35.30 10.88
CA VAL G 73 0.45 36.61 11.20
C VAL G 73 0.37 36.88 12.70
N ARG G 74 -0.78 36.59 13.30
CA ARG G 74 -0.98 36.85 14.73
C ARG G 74 -0.02 36.01 15.56
N TYR G 75 0.13 34.73 15.23
CA TYR G 75 1.03 33.89 16.01
C TYR G 75 2.49 34.25 15.79
N GLY G 76 2.83 34.75 14.61
CA GLY G 76 4.19 35.24 14.41
C GLY G 76 4.50 36.47 15.25
N ILE G 77 3.55 37.41 15.31
CA ILE G 77 3.76 38.60 16.15
C ILE G 77 3.82 38.20 17.62
N ILE G 78 2.98 37.23 18.03
CA ILE G 78 3.03 36.75 19.41
C ILE G 78 4.36 36.09 19.70
N ALA G 79 4.92 35.37 18.72
CA ALA G 79 6.24 34.76 18.90
C ALA G 79 7.31 35.83 19.08
N PHE G 80 7.24 36.89 18.28
CA PHE G 80 8.18 38.00 18.46
C PHE G 80 8.07 38.59 19.86
N THR G 81 6.84 38.80 20.32
CA THR G 81 6.61 39.36 21.64
C THR G 81 7.15 38.45 22.74
N LEU G 82 6.93 37.14 22.61
CA LEU G 82 7.44 36.20 23.59
C LEU G 82 8.96 36.20 23.63
N ILE G 83 9.59 36.25 22.45
CA ILE G 83 11.05 36.31 22.41
C ILE G 83 11.56 37.55 23.12
N ALA G 84 10.92 38.70 22.85
CA ALA G 84 11.34 39.95 23.48
C ALA G 84 11.19 39.89 25.00
N ALA G 85 10.03 39.43 25.48
CA ALA G 85 9.78 39.40 26.91
C ALA G 85 10.70 38.42 27.62
N LEU G 86 10.89 37.23 27.05
CA LEU G 86 11.75 36.25 27.70
C LEU G 86 13.21 36.68 27.66
N GLY G 87 13.63 37.38 26.62
CA GLY G 87 14.94 38.00 26.65
C GLY G 87 15.04 39.06 27.73
N ARG G 88 13.94 39.77 27.98
CA ARG G 88 13.92 40.74 29.06
C ARG G 88 14.13 40.07 30.42
N VAL G 89 13.51 38.90 30.63
CA VAL G 89 13.67 38.22 31.92
C VAL G 89 14.88 37.28 31.91
N GLY G 90 15.72 37.38 30.89
CA GLY G 90 17.00 36.70 30.88
C GLY G 90 17.08 35.43 30.06
N VAL G 91 15.97 34.98 29.47
CA VAL G 91 16.01 33.79 28.62
C VAL G 91 16.60 34.15 27.27
N GLN G 92 17.57 33.38 26.82
CA GLN G 92 18.26 33.70 25.57
C GLN G 92 17.34 33.49 24.37
N THR G 93 17.66 34.19 23.28
CA THR G 93 16.85 34.12 22.07
C THR G 93 16.85 32.71 21.49
N ALA G 94 18.00 32.04 21.50
CA ALA G 94 18.08 30.69 20.95
C ALA G 94 17.21 29.73 21.74
N SER G 95 17.19 29.87 23.06
CA SER G 95 16.36 28.99 23.89
C SER G 95 14.88 29.18 23.57
N VAL G 96 14.44 30.43 23.45
CA VAL G 96 13.04 30.69 23.14
C VAL G 96 12.70 30.15 21.76
N ILE G 97 13.60 30.35 20.78
CA ILE G 97 13.35 29.87 19.43
C ILE G 97 13.23 28.34 19.43
N ALA G 98 14.13 27.66 20.14
CA ALA G 98 14.09 26.20 20.17
C ALA G 98 12.83 25.69 20.84
N VAL G 99 12.43 26.29 21.97
CA VAL G 99 11.24 25.82 22.68
C VAL G 99 9.99 26.09 21.85
N LEU G 100 9.90 27.28 21.25
CA LEU G 100 8.75 27.57 20.40
C LEU G 100 8.72 26.67 19.18
N GLY G 101 9.89 26.33 18.64
CA GLY G 101 9.93 25.40 17.53
C GLY G 101 9.46 24.01 17.91
N ALA G 102 9.85 23.54 19.09
CA ALA G 102 9.37 22.24 19.55
C ALA G 102 7.87 22.24 19.76
N ALA G 103 7.34 23.31 20.37
CA ALA G 103 5.90 23.41 20.59
C ALA G 103 5.15 23.49 19.26
N GLY G 104 5.66 24.28 18.32
CA GLY G 104 5.04 24.37 17.01
C GLY G 104 5.11 23.07 16.24
N LEU G 105 6.20 22.32 16.38
CA LEU G 105 6.29 21.02 15.73
C LEU G 105 5.28 20.05 16.31
N ALA G 106 5.09 20.07 17.64
CA ALA G 106 4.08 19.21 18.24
C ALA G 106 2.67 19.59 17.77
N VAL G 107 2.37 20.88 17.73
CA VAL G 107 1.06 21.33 17.28
C VAL G 107 0.85 20.98 15.81
N GLY G 108 1.89 21.13 14.99
CA GLY G 108 1.79 20.79 13.59
C GLY G 108 1.60 19.30 13.36
N LEU G 109 2.26 18.47 14.16
CA LEU G 109 2.03 17.04 14.07
C LEU G 109 0.59 16.71 14.45
N ALA G 110 0.05 17.41 15.46
CA ALA G 110 -1.33 17.18 15.84
C ALA G 110 -2.30 17.63 14.74
N LEU G 111 -1.98 18.70 14.04
CA LEU G 111 -2.92 19.34 13.13
C LEU G 111 -2.62 19.09 11.65
N GLN G 112 -1.70 18.19 11.33
CA GLN G 112 -1.32 17.95 9.94
C GLN G 112 -2.52 17.48 9.10
N GLY G 113 -3.23 16.46 9.58
CA GLY G 113 -4.37 15.95 8.83
C GLY G 113 -5.48 16.98 8.70
N SER G 114 -5.73 17.73 9.77
CA SER G 114 -6.74 18.78 9.71
C SER G 114 -6.36 19.85 8.71
N LEU G 115 -5.08 20.22 8.65
CA LEU G 115 -4.63 21.21 7.67
C LEU G 115 -4.80 20.69 6.24
N SER G 116 -4.46 19.42 6.03
CA SER G 116 -4.66 18.83 4.71
C SER G 116 -6.13 18.85 4.30
N ASN G 117 -7.02 18.47 5.22
CA ASN G 117 -8.44 18.50 4.93
C ASN G 117 -8.94 19.92 4.71
N LEU G 118 -8.40 20.90 5.44
CA LEU G 118 -8.81 22.29 5.28
C LEU G 118 -8.44 22.80 3.89
N ALA G 119 -7.19 22.55 3.47
CA ALA G 119 -6.77 22.96 2.14
C ALA G 119 -7.60 22.26 1.07
N ALA G 120 -7.88 20.97 1.26
CA ALA G 120 -8.68 20.23 0.29
C ALA G 120 -10.09 20.78 0.19
N GLY G 121 -10.69 21.14 1.33
CA GLY G 121 -12.02 21.72 1.30
C GLY G 121 -12.04 23.08 0.62
N VAL G 122 -11.01 23.88 0.85
CA VAL G 122 -10.90 25.16 0.15
C VAL G 122 -10.83 24.94 -1.35
N LEU G 123 -10.02 23.97 -1.78
CA LEU G 123 -9.93 23.66 -3.21
C LEU G 123 -11.25 23.15 -3.77
N LEU G 124 -11.94 22.30 -3.01
CA LEU G 124 -13.23 21.79 -3.47
C LEU G 124 -14.25 22.90 -3.66
N VAL G 125 -14.31 23.83 -2.71
CA VAL G 125 -15.26 24.94 -2.84
C VAL G 125 -14.84 25.86 -3.97
N MET G 126 -13.54 26.06 -4.16
CA MET G 126 -13.06 27.01 -5.17
C MET G 126 -13.31 26.49 -6.59
N PHE G 127 -12.95 25.23 -6.84
CA PHE G 127 -13.03 24.71 -8.21
C PHE G 127 -14.33 23.97 -8.51
N ARG G 128 -15.06 23.55 -7.48
CA ARG G 128 -16.38 22.94 -7.64
C ARG G 128 -16.39 21.75 -8.61
N PRO G 129 -15.61 20.70 -8.34
CA PRO G 129 -15.79 19.47 -9.13
C PRO G 129 -17.16 18.88 -8.95
N PHE G 130 -17.76 19.06 -7.78
CA PHE G 130 -19.14 18.71 -7.51
C PHE G 130 -19.74 19.82 -6.64
N ARG G 131 -21.06 19.87 -6.61
CA ARG G 131 -21.76 20.82 -5.77
C ARG G 131 -22.88 20.11 -5.03
N ALA G 132 -23.47 20.80 -4.07
CA ALA G 132 -24.57 20.21 -3.31
C ALA G 132 -25.73 19.86 -4.22
N GLY G 133 -26.26 18.66 -4.07
CA GLY G 133 -27.36 18.16 -4.86
C GLY G 133 -26.96 17.27 -6.01
N GLU G 134 -25.68 17.20 -6.33
CA GLU G 134 -25.21 16.36 -7.43
C GLU G 134 -24.85 14.97 -6.93
N TYR G 135 -25.14 13.97 -7.75
CA TYR G 135 -24.82 12.58 -7.44
C TYR G 135 -23.42 12.29 -7.94
N VAL G 136 -22.53 11.87 -7.03
CA VAL G 136 -21.13 11.65 -7.37
C VAL G 136 -20.68 10.31 -6.82
N ASP G 137 -19.56 9.83 -7.33
CA ASP G 137 -18.89 8.63 -6.84
C ASP G 137 -17.48 9.05 -6.41
N LEU G 138 -17.24 9.03 -5.11
CA LEU G 138 -15.97 9.51 -4.54
C LEU G 138 -15.19 8.31 -4.04
N GLY G 139 -14.41 7.70 -4.93
CA GLY G 139 -13.55 6.60 -4.54
C GLY G 139 -14.25 5.36 -4.04
N GLY G 140 -15.32 4.95 -4.71
CA GLY G 140 -16.02 3.73 -4.39
C GLY G 140 -17.35 3.91 -3.67
N VAL G 141 -17.60 5.09 -3.11
CA VAL G 141 -18.87 5.39 -2.45
C VAL G 141 -19.61 6.42 -3.29
N ALA G 142 -20.89 6.16 -3.54
CA ALA G 142 -21.71 7.01 -4.38
C ALA G 142 -22.91 7.53 -3.58
N GLY G 143 -23.27 8.79 -3.84
CA GLY G 143 -24.40 9.39 -3.17
C GLY G 143 -24.56 10.83 -3.60
N THR G 144 -25.61 11.44 -3.07
CA THR G 144 -25.93 12.84 -3.36
C THR G 144 -25.20 13.73 -2.36
N VAL G 145 -24.44 14.69 -2.87
CA VAL G 145 -23.67 15.58 -2.01
C VAL G 145 -24.61 16.47 -1.22
N LEU G 146 -24.40 16.51 0.10
CA LEU G 146 -25.19 17.38 0.96
C LEU G 146 -24.48 18.70 1.23
N SER G 147 -23.22 18.65 1.62
CA SER G 147 -22.45 19.86 1.89
C SER G 147 -20.97 19.51 1.97
N VAL G 148 -20.14 20.48 1.63
CA VAL G 148 -18.70 20.39 1.82
C VAL G 148 -18.37 21.24 3.04
N GLN G 149 -17.99 20.58 4.13
CA GLN G 149 -17.70 21.27 5.37
C GLN G 149 -16.22 21.63 5.43
N ILE G 150 -15.77 22.09 6.59
CA ILE G 150 -14.40 22.59 6.71
C ILE G 150 -13.38 21.45 6.58
N PHE G 151 -13.69 20.28 7.13
CA PHE G 151 -12.77 19.17 7.11
C PHE G 151 -13.27 17.95 6.36
N SER G 152 -14.56 17.87 6.05
CA SER G 152 -15.10 16.68 5.39
C SER G 152 -16.35 17.05 4.62
N THR G 153 -16.75 16.14 3.71
CA THR G 153 -17.93 16.30 2.88
C THR G 153 -18.94 15.24 3.24
N THR G 154 -20.21 15.62 3.34
CA THR G 154 -21.29 14.71 3.70
C THR G 154 -22.12 14.41 2.45
N MET G 155 -22.40 13.14 2.23
CA MET G 155 -23.26 12.70 1.14
C MET G 155 -24.29 11.72 1.68
N ARG G 156 -25.45 11.69 1.02
CA ARG G 156 -26.51 10.74 1.33
C ARG G 156 -26.66 9.76 0.19
N THR G 157 -26.61 8.46 0.50
CA THR G 157 -26.69 7.44 -0.52
C THR G 157 -28.12 7.28 -1.01
N ALA G 158 -28.31 6.42 -2.01
CA ALA G 158 -29.64 6.23 -2.59
C ALA G 158 -30.59 5.56 -1.61
N ASP G 159 -30.07 4.75 -0.68
CA ASP G 159 -30.91 4.07 0.29
C ASP G 159 -31.00 4.81 1.63
N GLY G 160 -30.44 6.01 1.73
CA GLY G 160 -30.62 6.84 2.89
C GLY G 160 -29.46 6.88 3.87
N LYS G 161 -28.37 6.18 3.60
CA LYS G 161 -27.22 6.24 4.49
C LYS G 161 -26.51 7.59 4.35
N ILE G 162 -25.83 8.00 5.41
CA ILE G 162 -25.03 9.22 5.44
C ILE G 162 -23.57 8.81 5.48
N ILE G 163 -22.79 9.30 4.52
CA ILE G 163 -21.37 8.99 4.43
C ILE G 163 -20.59 10.29 4.59
N VAL G 164 -19.64 10.29 5.51
CA VAL G 164 -18.76 11.44 5.74
C VAL G 164 -17.38 11.07 5.24
N ILE G 165 -16.86 11.86 4.32
CA ILE G 165 -15.58 11.60 3.66
C ILE G 165 -14.68 12.80 3.91
N PRO G 166 -13.45 12.60 4.41
CA PRO G 166 -12.53 13.73 4.56
C PRO G 166 -12.18 14.34 3.22
N ASN G 167 -11.98 15.66 3.23
CA ASN G 167 -11.78 16.41 1.98
C ASN G 167 -10.49 15.99 1.27
N GLY G 168 -9.41 15.75 2.03
CA GLY G 168 -8.16 15.37 1.42
C GLY G 168 -8.27 14.06 0.66
N LYS G 169 -8.98 13.09 1.23
CA LYS G 169 -9.24 11.84 0.53
C LYS G 169 -10.01 12.07 -0.75
N ILE G 170 -10.92 13.03 -0.76
CA ILE G 170 -11.71 13.32 -1.95
C ILE G 170 -10.83 13.91 -3.05
N ILE G 171 -10.02 14.91 -2.71
CA ILE G 171 -9.24 15.56 -3.75
C ILE G 171 -8.08 14.69 -4.20
N ALA G 172 -7.64 13.76 -3.36
CA ALA G 172 -6.52 12.90 -3.74
C ALA G 172 -6.92 11.85 -4.78
N GLY G 173 -8.21 11.58 -4.95
CA GLY G 173 -8.68 10.55 -5.83
C GLY G 173 -9.58 11.07 -6.94
N ASN G 174 -10.08 10.13 -7.73
CA ASN G 174 -10.97 10.46 -8.84
C ASN G 174 -12.33 10.92 -8.33
N ILE G 175 -12.90 11.90 -9.02
CA ILE G 175 -14.24 12.39 -8.72
C ILE G 175 -15.10 12.11 -9.94
N ILE G 176 -16.06 11.21 -9.80
CA ILE G 176 -16.97 10.85 -10.87
C ILE G 176 -18.29 11.56 -10.61
N ASN G 177 -18.69 12.45 -11.52
CA ASN G 177 -19.88 13.25 -11.36
C ASN G 177 -20.96 12.73 -12.30
N PHE G 178 -22.05 12.24 -11.71
CA PHE G 178 -23.16 11.70 -12.50
C PHE G 178 -24.12 12.76 -12.99
N SER G 179 -24.15 13.93 -12.35
CA SER G 179 -25.16 14.94 -12.63
C SER G 179 -24.65 16.13 -13.42
N ARG G 180 -23.35 16.20 -13.72
CA ARG G 180 -22.82 17.39 -14.37
C ARG G 180 -23.33 17.54 -15.80
N GLU G 181 -23.31 16.44 -16.59
CA GLU G 181 -23.78 16.53 -17.96
C GLU G 181 -25.30 16.44 -18.01
N PRO G 182 -25.96 17.29 -18.80
CA PRO G 182 -27.42 17.23 -18.85
C PRO G 182 -27.95 16.02 -19.61
N VAL G 183 -27.14 15.35 -20.40
CA VAL G 183 -27.56 14.21 -21.22
C VAL G 183 -26.64 13.03 -20.92
N ARG G 184 -27.25 11.86 -20.72
CA ARG G 184 -26.51 10.64 -20.46
C ARG G 184 -27.07 9.51 -21.30
N ARG G 185 -26.34 8.39 -21.32
CA ARG G 185 -26.61 7.29 -22.24
C ARG G 185 -27.07 6.04 -21.48
N ASN G 186 -28.07 5.36 -22.03
CA ASN G 186 -28.50 4.06 -21.55
C ASN G 186 -27.93 2.97 -22.46
N GLU G 187 -27.66 1.81 -21.88
CA GLU G 187 -27.17 0.67 -22.62
C GLU G 187 -28.00 -0.56 -22.28
N PHE G 188 -28.47 -1.25 -23.32
CA PHE G 188 -29.26 -2.46 -23.17
C PHE G 188 -28.51 -3.62 -23.80
N ILE G 189 -28.40 -4.72 -23.07
CA ILE G 189 -27.81 -5.95 -23.58
C ILE G 189 -28.92 -6.99 -23.60
N ILE G 190 -29.42 -7.29 -24.79
CA ILE G 190 -30.53 -8.23 -24.96
C ILE G 190 -29.98 -9.50 -25.57
N GLY G 191 -30.19 -10.63 -24.91
CA GLY G 191 -29.77 -11.92 -25.40
C GLY G 191 -30.96 -12.69 -25.92
N VAL G 192 -30.90 -13.05 -27.20
CA VAL G 192 -31.97 -13.80 -27.85
C VAL G 192 -31.39 -15.12 -28.36
N ALA G 193 -32.29 -16.03 -28.72
CA ALA G 193 -31.88 -17.33 -29.19
C ALA G 193 -31.12 -17.24 -30.51
N TYR G 194 -30.28 -18.23 -30.76
CA TYR G 194 -29.44 -18.21 -31.97
C TYR G 194 -30.28 -18.28 -33.24
N ASP G 195 -31.40 -18.99 -33.22
CA ASP G 195 -32.22 -19.14 -34.41
C ASP G 195 -33.10 -17.93 -34.68
N SER G 196 -33.02 -16.89 -33.85
CA SER G 196 -33.79 -15.67 -34.08
C SER G 196 -33.30 -14.95 -35.33
N ASP G 197 -34.23 -14.32 -36.03
CA ASP G 197 -33.89 -13.54 -37.21
C ASP G 197 -33.24 -12.22 -36.77
N ILE G 198 -32.04 -11.96 -37.29
CA ILE G 198 -31.30 -10.77 -36.88
C ILE G 198 -32.02 -9.50 -37.32
N ASP G 199 -32.52 -9.49 -38.56
CA ASP G 199 -33.17 -8.29 -39.07
C ASP G 199 -34.45 -7.98 -38.30
N GLN G 200 -35.22 -9.00 -37.94
CA GLN G 200 -36.44 -8.76 -37.17
C GLN G 200 -36.13 -8.18 -35.80
N VAL G 201 -35.11 -8.72 -35.12
CA VAL G 201 -34.70 -8.18 -33.82
C VAL G 201 -34.26 -6.73 -33.96
N LYS G 202 -33.45 -6.45 -34.97
CA LYS G 202 -32.96 -5.09 -35.19
C LYS G 202 -34.12 -4.13 -35.43
N GLN G 203 -35.07 -4.53 -36.29
CA GLN G 203 -36.16 -3.62 -36.63
C GLN G 203 -37.12 -3.43 -35.45
N ILE G 204 -37.36 -4.47 -34.66
CA ILE G 204 -38.21 -4.32 -33.50
C ILE G 204 -37.58 -3.37 -32.48
N LEU G 205 -36.29 -3.56 -32.20
CA LEU G 205 -35.60 -2.67 -31.27
C LEU G 205 -35.56 -1.25 -31.80
N THR G 206 -35.34 -1.08 -33.11
CA THR G 206 -35.32 0.25 -33.70
C THR G 206 -36.69 0.92 -33.59
N ASN G 207 -37.77 0.16 -33.83
CA ASN G 207 -39.10 0.74 -33.66
C ASN G 207 -39.35 1.14 -32.21
N ILE G 208 -38.91 0.31 -31.27
CA ILE G 208 -39.11 0.62 -29.85
C ILE G 208 -38.40 1.92 -29.49
N ILE G 209 -37.15 2.07 -29.93
CA ILE G 209 -36.39 3.26 -29.55
C ILE G 209 -36.80 4.49 -30.36
N GLN G 210 -37.37 4.31 -31.56
CA GLN G 210 -37.87 5.45 -32.32
C GLN G 210 -39.20 5.95 -31.77
N SER G 211 -40.05 5.04 -31.27
CA SER G 211 -41.34 5.43 -30.73
C SER G 211 -41.23 6.06 -29.35
N GLU G 212 -40.06 6.05 -28.74
CA GLU G 212 -39.85 6.66 -27.42
C GLU G 212 -39.45 8.11 -27.61
N ASP G 213 -40.27 9.02 -27.08
CA ASP G 213 -40.03 10.45 -27.26
C ASP G 213 -38.89 10.98 -26.40
N ARG G 214 -38.63 10.36 -25.24
CA ARG G 214 -37.59 10.84 -24.36
C ARG G 214 -36.19 10.45 -24.82
N ILE G 215 -36.07 9.63 -25.85
CA ILE G 215 -34.78 9.28 -26.42
C ILE G 215 -34.41 10.33 -27.46
N LEU G 216 -33.23 10.92 -27.32
CA LEU G 216 -32.82 11.99 -28.22
C LEU G 216 -32.47 11.43 -29.59
N LYS G 217 -33.23 11.84 -30.60
CA LYS G 217 -33.04 11.30 -31.95
C LYS G 217 -31.83 11.90 -32.65
N ASP G 218 -31.29 13.01 -32.15
CA ASP G 218 -30.09 13.60 -32.73
C ASP G 218 -28.81 13.03 -32.16
N ARG G 219 -28.90 12.06 -31.25
CA ARG G 219 -27.75 11.41 -30.66
C ARG G 219 -27.57 10.02 -31.26
N GLU G 220 -26.62 9.27 -30.71
CA GLU G 220 -26.40 7.89 -31.12
C GLU G 220 -27.60 7.03 -30.78
N MET G 221 -27.98 6.15 -31.71
CA MET G 221 -29.11 5.23 -31.56
C MET G 221 -28.70 3.83 -31.99
N THR G 222 -27.57 3.37 -31.46
CA THR G 222 -26.98 2.11 -31.89
C THR G 222 -27.88 0.93 -31.55
N VAL G 223 -28.15 0.09 -32.55
CA VAL G 223 -28.80 -1.21 -32.37
C VAL G 223 -28.02 -2.20 -33.22
N ARG G 224 -27.09 -2.92 -32.61
CA ARG G 224 -26.21 -3.82 -33.34
C ARG G 224 -26.12 -5.16 -32.61
N LEU G 225 -25.82 -6.20 -33.39
CA LEU G 225 -25.44 -7.48 -32.80
C LEU G 225 -24.02 -7.36 -32.25
N ASN G 226 -23.85 -7.68 -30.98
CA ASN G 226 -22.61 -7.36 -30.27
C ASN G 226 -21.78 -8.57 -29.91
N GLU G 227 -22.39 -9.71 -29.60
CA GLU G 227 -21.64 -10.84 -29.09
C GLU G 227 -22.35 -12.13 -29.43
N LEU G 228 -21.57 -13.17 -29.73
CA LEU G 228 -22.07 -14.53 -29.88
C LEU G 228 -21.78 -15.25 -28.55
N GLY G 229 -22.75 -15.24 -27.65
CA GLY G 229 -22.56 -15.80 -26.34
C GLY G 229 -22.69 -17.31 -26.32
N ALA G 230 -22.56 -17.86 -25.11
CA ALA G 230 -22.62 -19.32 -24.95
C ALA G 230 -23.99 -19.86 -25.30
N SER G 231 -25.06 -19.20 -24.83
CA SER G 231 -26.41 -19.67 -25.05
C SER G 231 -27.28 -18.70 -25.84
N SER G 232 -26.78 -17.52 -26.16
CA SER G 232 -27.58 -16.51 -26.82
C SER G 232 -26.69 -15.59 -27.64
N ILE G 233 -27.30 -14.89 -28.59
CA ILE G 233 -26.64 -13.83 -29.32
C ILE G 233 -27.09 -12.50 -28.72
N ASN G 234 -26.13 -11.67 -28.34
CA ASN G 234 -26.40 -10.47 -27.57
C ASN G 234 -26.44 -9.26 -28.49
N PHE G 235 -27.51 -8.48 -28.38
CA PHE G 235 -27.65 -7.22 -29.09
C PHE G 235 -27.44 -6.06 -28.12
N VAL G 236 -26.73 -5.04 -28.57
CA VAL G 236 -26.45 -3.86 -27.76
C VAL G 236 -27.30 -2.71 -28.29
N VAL G 237 -27.98 -2.02 -27.39
CA VAL G 237 -28.77 -0.84 -27.72
C VAL G 237 -28.27 0.30 -26.85
N ARG G 238 -27.79 1.36 -27.49
CA ARG G 238 -27.26 2.54 -26.80
C ARG G 238 -28.03 3.76 -27.26
N VAL G 239 -28.76 4.39 -26.34
CA VAL G 239 -29.55 5.57 -26.63
C VAL G 239 -29.30 6.61 -25.56
N TRP G 240 -29.48 7.89 -25.92
CA TRP G 240 -29.23 9.01 -25.04
C TRP G 240 -30.54 9.65 -24.60
N SER G 241 -30.53 10.21 -23.40
CA SER G 241 -31.70 10.90 -22.85
C SER G 241 -31.23 11.94 -21.86
N ASN G 242 -32.13 12.84 -21.49
CA ASN G 242 -31.84 13.80 -20.44
C ASN G 242 -31.65 13.06 -19.12
N SER G 243 -30.79 13.64 -18.27
CA SER G 243 -30.40 12.96 -17.03
C SER G 243 -31.61 12.62 -16.16
N GLY G 244 -32.64 13.46 -16.18
CA GLY G 244 -33.82 13.20 -15.38
C GLY G 244 -34.75 12.15 -15.94
N ASP G 245 -34.48 11.65 -17.13
CA ASP G 245 -35.33 10.64 -17.75
C ASP G 245 -34.64 9.30 -17.97
N LEU G 246 -33.38 9.16 -17.54
CA LEU G 246 -32.58 8.00 -17.92
C LEU G 246 -33.16 6.71 -17.35
N GLN G 247 -33.45 6.69 -16.05
CA GLN G 247 -33.93 5.46 -15.41
C GLN G 247 -35.32 5.08 -15.90
N ASN G 248 -36.21 6.08 -16.05
CA ASN G 248 -37.55 5.80 -16.56
C ASN G 248 -37.48 5.28 -17.99
N VAL G 249 -36.60 5.85 -18.82
CA VAL G 249 -36.44 5.37 -20.18
C VAL G 249 -35.95 3.94 -20.18
N TYR G 250 -34.98 3.63 -19.32
CA TYR G 250 -34.47 2.26 -19.23
C TYR G 250 -35.59 1.29 -18.89
N TRP G 251 -36.37 1.61 -17.86
CA TRP G 251 -37.44 0.70 -17.44
C TRP G 251 -38.50 0.53 -18.52
N ASP G 252 -38.94 1.65 -19.12
CA ASP G 252 -39.98 1.56 -20.14
C ASP G 252 -39.50 0.79 -21.36
N VAL G 253 -38.27 1.05 -21.81
CA VAL G 253 -37.74 0.35 -22.98
C VAL G 253 -37.57 -1.13 -22.69
N LEU G 254 -37.12 -1.48 -21.49
CA LEU G 254 -36.97 -2.89 -21.15
C LEU G 254 -38.31 -3.61 -21.15
N GLU G 255 -39.33 -2.98 -20.55
CA GLU G 255 -40.66 -3.60 -20.54
C GLU G 255 -41.21 -3.75 -21.96
N ARG G 256 -41.03 -2.73 -22.79
CA ARG G 256 -41.51 -2.81 -24.17
C ARG G 256 -40.75 -3.88 -24.94
N ILE G 257 -39.45 -4.02 -24.71
CA ILE G 257 -38.68 -5.07 -25.37
C ILE G 257 -39.22 -6.44 -24.99
N LYS G 258 -39.47 -6.64 -23.70
CA LYS G 258 -40.03 -7.92 -23.25
C LYS G 258 -41.36 -8.19 -23.93
N ARG G 259 -42.29 -7.22 -23.88
CA ARG G 259 -43.62 -7.44 -24.43
C ARG G 259 -43.58 -7.69 -25.93
N GLU G 260 -42.81 -6.91 -26.67
CA GLU G 260 -42.80 -7.04 -28.12
C GLU G 260 -42.05 -8.29 -28.57
N PHE G 261 -41.01 -8.70 -27.85
CA PHE G 261 -40.35 -9.95 -28.19
C PHE G 261 -41.25 -11.14 -27.90
N ASP G 262 -42.04 -11.07 -26.81
CA ASP G 262 -43.01 -12.12 -26.55
C ASP G 262 -44.08 -12.15 -27.64
N ALA G 263 -44.54 -10.98 -28.08
CA ALA G 263 -45.58 -10.93 -29.11
C ALA G 263 -45.07 -11.43 -30.45
N ALA G 264 -43.82 -11.14 -30.79
CA ALA G 264 -43.25 -11.50 -32.08
C ALA G 264 -42.65 -12.90 -32.10
N GLY G 265 -42.66 -13.61 -30.98
CA GLY G 265 -42.12 -14.95 -30.94
C GLY G 265 -40.63 -15.03 -30.74
N ILE G 266 -39.94 -13.90 -30.57
CA ILE G 266 -38.50 -13.91 -30.31
C ILE G 266 -38.27 -14.41 -28.90
N SER G 267 -37.45 -15.45 -28.76
CA SER G 267 -37.31 -16.15 -27.49
C SER G 267 -36.09 -15.66 -26.73
N PHE G 268 -36.29 -15.39 -25.43
CA PHE G 268 -35.17 -15.18 -24.52
C PHE G 268 -34.72 -16.55 -24.04
N PRO G 269 -33.53 -17.01 -24.41
CA PRO G 269 -33.18 -18.42 -24.17
C PRO G 269 -32.69 -18.67 -22.75
N TYR G 270 -33.10 -19.82 -22.22
CA TYR G 270 -32.51 -20.33 -21.00
C TYR G 270 -31.10 -20.83 -21.27
N PRO G 271 -30.28 -21.00 -20.23
CA PRO G 271 -28.95 -21.62 -20.44
C PRO G 271 -29.03 -22.92 -21.19
N GLN G 272 -28.28 -23.03 -22.28
CA GLN G 272 -28.34 -24.18 -23.16
C GLN G 272 -27.32 -25.24 -22.76
N MET G 273 -27.56 -26.47 -23.21
CA MET G 273 -26.68 -27.58 -22.89
C MET G 273 -26.90 -28.69 -23.91
N ASP G 274 -25.87 -29.01 -24.68
CA ASP G 274 -25.91 -30.16 -25.57
C ASP G 274 -25.43 -31.38 -24.80
N VAL G 275 -26.34 -32.31 -24.53
CA VAL G 275 -26.05 -33.50 -23.74
C VAL G 275 -25.89 -34.67 -24.70
N ASN G 276 -24.71 -35.27 -24.69
CA ASN G 276 -24.41 -36.45 -25.50
C ASN G 276 -24.61 -37.68 -24.62
N PHE G 277 -25.71 -38.38 -24.84
CA PHE G 277 -26.15 -39.47 -23.97
C PHE G 277 -25.36 -40.73 -24.29
N LYS G 278 -24.79 -41.34 -23.25
CA LYS G 278 -24.00 -42.55 -23.38
C LYS G 278 -24.33 -43.46 -22.20
N ARG G 279 -24.87 -44.65 -22.49
CA ARG G 279 -25.25 -45.62 -21.48
C ARG G 279 -24.27 -46.78 -21.53
N VAL G 280 -23.66 -47.10 -20.39
CA VAL G 280 -22.72 -48.22 -20.32
C VAL G 280 -23.39 -49.42 -19.67
#